data_4BEC
#
_entry.id   4BEC
#
_cell.length_a   86.329
_cell.length_b   124.491
_cell.length_c   128.761
_cell.angle_alpha   90.00
_cell.angle_beta   108.31
_cell.angle_gamma   90.00
#
_symmetry.space_group_name_H-M   'P 1 21 1'
#
loop_
_entity.id
_entity.type
_entity.pdbx_description
1 polymer 'TYPE I RESTRICTION ENZYME HSDR'
2 non-polymer 'MAGNESIUM ION'
3 non-polymer "ADENOSINE-5'-TRIPHOSPHATE"
4 water water
#
_entity_poly.entity_id   1
_entity_poly.type   'polypeptide(L)'
_entity_poly.pdbx_seq_one_letter_code
;MTHQTHTIAESNNFIVLDKYIKAEPTGDSYQSESDLERELIQDLRNQGYEFISVKSQSAMLANVREQLQNLNGVVFNDSE
WRRFTEQYLDNPSDGILDKTRKIHIDYICDFIFDDERLENIYLIDKKNLMRNKVQIIQQFEQAGSHANRYDVTILVNGLP
LVQIELKKRGVAIREAFNQIHRYSKESFNSENSLFKYLQLFVISNGTDTRYFANTTKRDANSFDFTMNWAKSDNTLIKDL
KDFTATCFQKHTLLNVLVNYSVFDSSQTLLVMRPYQIAATERILWKIKSSFTAKNWSKPESGGYIWHTTGSGKTLTSFKA
ARLATELDFIDKVFFVVDRKDLDYQTMKEYQRFSPDSVNGSENTAGLKRNLDKDDNKIIVTTIQKLNNLMKAESDLPVYN
QQVVFIFDECHRSQFGEAQKNLKKKFKRYYQFGFTGTPIFPENALGSETTASVFGRELHSYVITDAIRDEKVLKFKVDYN
DVRPQFKSLETETDEKKLSAAENQQAFLHPMRIQEITQYILNNFRQKTHRTFPGSKGFNAMLAVSSVDAAKAYYATFKRL
QEEAANKSATYKPLRIATIFSFAANEEQNAIGEISDETFDTSAMDSSAKEFLDAAIREYNSHFKTNFSTDSNGFQNYYRD
LAQRVKNQDIDLLIVVGMFLTGFDAPTLNTLFVDKNLRYHGLMQAFSRTNRIYDATKTFGNIVTFRDLERSTIDAITLFG
DKNTKNVVLEKSYTEYMEGFTDAATGEAKRGFMTVVSELEQRFPDPTSIESEKEKKDFVKLFGEYLRAENILQNYDEFAT
LKALQQIDLSDPVAVEKFKAEHYVDDEKFAELQTIRLPADRKIQDYRSAYNDIRDWQRREKEAEKKEKSTTDWDDVVFEV
DLLKSQEINLDYILGLIFEHNRQNKGKGEMIEEVKRLIRSSLGNRAKEGLVVDFIQQTNLDDLPDKASIIDAFFTFAQRE
QQREAEALIKEENLNEDAAKRYIRTSLKREYATENGTELNETLPKLSPLNPQYKTKKQAVFQKIVSFIEKFKGVGGKI
;
_entity_poly.pdbx_strand_id   A,B
#
loop_
_chem_comp.id
_chem_comp.type
_chem_comp.name
_chem_comp.formula
ATP non-polymer ADENOSINE-5'-TRIPHOSPHATE 'C10 H16 N5 O13 P3'
MG non-polymer 'MAGNESIUM ION' 'Mg 2'
#
# COMPACT_ATOMS: atom_id res chain seq x y z
N ASN A 12 16.10 7.18 -41.34
CA ASN A 12 16.26 6.48 -40.02
C ASN A 12 16.35 7.43 -38.81
N ASN A 13 17.07 8.53 -38.96
CA ASN A 13 17.12 9.58 -37.93
C ASN A 13 17.78 9.12 -36.63
N PHE A 14 18.75 8.22 -36.76
CA PHE A 14 19.38 7.64 -35.62
C PHE A 14 19.93 8.71 -34.68
N ILE A 15 19.82 8.47 -33.37
CA ILE A 15 20.33 9.42 -32.39
C ILE A 15 21.76 9.07 -31.97
N VAL A 16 22.22 7.88 -32.33
CA VAL A 16 23.63 7.52 -32.17
C VAL A 16 24.30 7.48 -33.53
N LEU A 17 25.16 8.46 -33.80
CA LEU A 17 25.53 8.79 -35.16
C LEU A 17 26.56 7.84 -35.76
N ASP A 18 26.33 7.45 -37.02
CA ASP A 18 27.34 6.73 -37.80
C ASP A 18 28.49 7.66 -38.07
N LYS A 19 28.21 8.83 -38.65
CA LYS A 19 29.25 9.84 -38.83
C LYS A 19 28.86 11.21 -38.29
N TYR A 20 29.85 11.90 -37.74
CA TYR A 20 29.65 13.21 -37.16
C TYR A 20 30.93 14.04 -37.29
N ILE A 21 30.76 15.25 -37.83
CA ILE A 21 31.91 16.12 -38.17
C ILE A 21 32.24 17.02 -36.99
N LYS A 22 33.46 16.91 -36.48
CA LYS A 22 33.80 17.60 -35.24
C LYS A 22 33.69 19.12 -35.38
N ALA A 23 33.13 19.79 -34.38
CA ALA A 23 32.91 21.25 -34.45
C ALA A 23 34.21 22.02 -34.16
N GLU A 24 34.15 23.35 -34.33
CA GLU A 24 35.34 24.20 -34.22
C GLU A 24 35.19 25.25 -33.13
N PRO A 25 36.26 25.47 -32.32
CA PRO A 25 36.19 26.46 -31.22
C PRO A 25 36.07 27.89 -31.74
N THR A 26 35.27 28.70 -31.07
CA THR A 26 34.98 30.08 -31.52
C THR A 26 36.18 31.02 -31.37
N GLY A 27 37.23 30.56 -30.71
CA GLY A 27 38.40 31.39 -30.49
C GLY A 27 38.29 32.18 -29.20
N ASP A 28 37.06 32.34 -28.71
CA ASP A 28 36.82 33.04 -27.47
C ASP A 28 37.35 32.21 -26.30
N SER A 29 37.54 32.84 -25.15
CA SER A 29 38.04 32.12 -23.99
C SER A 29 37.19 30.89 -23.66
N TYR A 30 37.84 29.74 -23.53
CA TYR A 30 37.23 28.53 -23.03
C TYR A 30 38.08 28.09 -21.83
N GLN A 31 37.84 28.67 -20.66
CA GLN A 31 38.58 28.24 -19.47
C GLN A 31 37.70 28.17 -18.24
N SER A 32 37.10 29.30 -17.88
CA SER A 32 36.23 29.39 -16.70
C SER A 32 34.86 28.79 -16.98
N GLU A 33 34.15 28.52 -15.88
CA GLU A 33 32.81 28.01 -15.98
C GLU A 33 31.95 28.98 -16.74
N SER A 34 32.21 30.28 -16.55
CA SER A 34 31.47 31.36 -17.26
C SER A 34 31.56 31.21 -18.77
N ASP A 35 32.75 30.85 -19.25
CA ASP A 35 32.98 30.66 -20.66
C ASP A 35 32.19 29.47 -21.22
N LEU A 36 32.36 28.32 -20.55
CA LEU A 36 31.68 27.08 -20.93
C LEU A 36 30.17 27.27 -20.92
N GLU A 37 29.69 27.96 -19.88
CA GLU A 37 28.26 28.27 -19.74
C GLU A 37 27.74 29.22 -20.83
N ARG A 38 28.51 30.25 -21.13
CA ARG A 38 28.17 31.20 -22.16
C ARG A 38 27.91 30.44 -23.47
N GLU A 39 28.90 29.68 -23.90
CA GLU A 39 28.81 28.99 -25.18
C GLU A 39 27.80 27.83 -25.13
N LEU A 40 27.58 27.27 -23.95
CA LEU A 40 26.59 26.19 -23.80
C LEU A 40 25.20 26.74 -24.03
N ILE A 41 24.90 27.87 -23.39
CA ILE A 41 23.61 28.51 -23.55
C ILE A 41 23.43 28.92 -25.00
N GLN A 42 24.51 29.43 -25.59
CA GLN A 42 24.50 29.92 -26.96
C GLN A 42 24.20 28.77 -27.93
N ASP A 43 24.91 27.66 -27.74
CA ASP A 43 24.73 26.51 -28.60
C ASP A 43 23.32 25.92 -28.46
N LEU A 44 22.87 25.73 -27.22
CA LEU A 44 21.54 25.16 -26.98
C LEU A 44 20.51 26.05 -27.63
N ARG A 45 20.70 27.36 -27.49
CA ARG A 45 19.79 28.32 -28.09
C ARG A 45 19.78 28.20 -29.61
N ASN A 46 20.94 27.96 -30.22
CA ASN A 46 21.00 27.78 -31.66
C ASN A 46 20.30 26.50 -32.09
N GLN A 47 20.27 25.53 -31.19
CA GLN A 47 19.67 24.22 -31.49
C GLN A 47 18.18 24.18 -31.18
N GLY A 48 17.58 25.31 -30.83
CA GLY A 48 16.14 25.40 -30.60
C GLY A 48 15.63 25.43 -29.16
N TYR A 49 16.53 25.66 -28.19
CA TYR A 49 16.14 25.77 -26.76
C TYR A 49 16.01 27.24 -26.36
N GLU A 50 14.78 27.66 -26.03
CA GLU A 50 14.49 29.05 -25.63
C GLU A 50 15.09 29.36 -24.27
N PHE A 51 15.89 30.41 -24.19
CA PHE A 51 16.44 30.83 -22.92
C PHE A 51 15.43 31.72 -22.24
N ILE A 52 14.96 31.31 -21.07
CA ILE A 52 14.11 32.16 -20.24
C ILE A 52 14.77 32.45 -18.90
N SER A 53 14.20 33.40 -18.17
CA SER A 53 14.72 33.71 -16.86
C SER A 53 13.72 33.30 -15.79
N VAL A 54 14.10 32.34 -14.97
CA VAL A 54 13.27 31.91 -13.88
C VAL A 54 14.06 32.12 -12.60
N LYS A 55 13.66 33.10 -11.81
CA LYS A 55 14.39 33.48 -10.62
C LYS A 55 13.78 32.84 -9.35
N SER A 56 12.76 31.98 -9.49
CA SER A 56 12.04 31.47 -8.33
C SER A 56 11.25 30.22 -8.62
N GLN A 57 10.84 29.52 -7.57
CA GLN A 57 9.94 28.39 -7.70
C GLN A 57 8.61 28.84 -8.31
N SER A 58 8.20 30.06 -8.01
CA SER A 58 6.93 30.62 -8.48
C SER A 58 6.95 30.94 -10.00
N ALA A 59 7.99 31.61 -10.46
CA ALA A 59 8.19 31.85 -11.87
C ALA A 59 8.22 30.53 -12.64
N MET A 60 8.89 29.55 -12.06
CA MET A 60 8.99 28.23 -12.65
C MET A 60 7.63 27.54 -12.76
N LEU A 61 6.83 27.62 -11.69
CA LEU A 61 5.48 27.04 -11.65
C LEU A 61 4.58 27.67 -12.68
N ALA A 62 4.70 28.98 -12.85
CA ALA A 62 3.89 29.71 -13.79
C ALA A 62 4.26 29.27 -15.20
N ASN A 63 5.56 29.10 -15.45
CA ASN A 63 6.02 28.59 -16.73
C ASN A 63 5.45 27.22 -16.97
N VAL A 64 5.53 26.34 -15.98
CA VAL A 64 4.98 25.00 -16.16
C VAL A 64 3.50 25.09 -16.51
N ARG A 65 2.77 25.99 -15.83
CA ARG A 65 1.35 26.13 -16.09
C ARG A 65 1.15 26.47 -17.54
N GLU A 66 1.97 27.36 -18.08
CA GLU A 66 1.79 27.78 -19.47
C GLU A 66 2.03 26.63 -20.43
N GLN A 67 3.12 25.90 -20.22
CA GLN A 67 3.54 24.83 -21.10
C GLN A 67 2.60 23.63 -21.04
N LEU A 68 2.18 23.23 -19.86
CA LEU A 68 1.25 22.12 -19.76
C LEU A 68 -0.13 22.47 -20.33
N GLN A 69 -0.53 23.72 -20.14
CA GLN A 69 -1.81 24.21 -20.66
C GLN A 69 -1.76 24.15 -22.17
N ASN A 70 -0.68 24.74 -22.71
CA ASN A 70 -0.43 24.74 -24.13
C ASN A 70 -0.42 23.33 -24.70
N LEU A 71 0.35 22.46 -24.07
CA LEU A 71 0.54 21.07 -24.50
C LEU A 71 -0.76 20.30 -24.48
N ASN A 72 -1.56 20.42 -23.43
CA ASN A 72 -2.79 19.65 -23.29
C ASN A 72 -4.03 20.35 -23.88
N GLY A 73 -3.85 21.56 -24.36
CA GLY A 73 -4.94 22.28 -24.99
C GLY A 73 -6.04 22.65 -24.02
N VAL A 74 -5.68 22.92 -22.77
CA VAL A 74 -6.67 23.20 -21.73
C VAL A 74 -6.23 24.39 -20.94
N VAL A 75 -7.16 24.92 -20.13
CA VAL A 75 -6.88 26.05 -19.27
C VAL A 75 -7.43 25.91 -17.84
N PHE A 76 -6.52 25.90 -16.86
CA PHE A 76 -6.89 25.80 -15.44
C PHE A 76 -7.30 27.16 -14.92
N ASN A 77 -8.19 27.17 -13.93
CA ASN A 77 -8.31 28.33 -13.07
C ASN A 77 -7.30 28.22 -11.92
N ASP A 78 -7.13 29.31 -11.18
CA ASP A 78 -6.16 29.35 -10.11
C ASP A 78 -6.40 28.27 -9.13
N SER A 79 -7.68 28.04 -8.78
CA SER A 79 -8.05 26.95 -7.84
C SER A 79 -7.64 25.60 -8.38
N GLU A 80 -8.13 25.27 -9.59
CA GLU A 80 -7.88 24.00 -10.26
C GLU A 80 -6.40 23.79 -10.40
N TRP A 81 -5.69 24.81 -10.85
CA TRP A 81 -4.24 24.73 -10.98
C TRP A 81 -3.58 24.48 -9.61
N ARG A 82 -4.08 25.11 -8.55
CA ARG A 82 -3.49 24.90 -7.22
C ARG A 82 -3.64 23.43 -6.79
N ARG A 83 -4.79 22.88 -7.14
CA ARG A 83 -5.12 21.51 -6.81
C ARG A 83 -4.27 20.52 -7.64
N PHE A 84 -4.10 20.79 -8.93
CA PHE A 84 -3.28 19.96 -9.82
C PHE A 84 -1.85 19.99 -9.35
N THR A 85 -1.41 21.16 -8.90
CA THR A 85 -0.08 21.29 -8.24
C THR A 85 0.08 20.50 -6.94
N GLU A 86 -0.88 20.64 -6.04
CA GLU A 86 -0.75 20.01 -4.72
C GLU A 86 -0.91 18.48 -4.73
N GLN A 87 -1.62 17.98 -5.73
CA GLN A 87 -1.98 16.56 -5.75
C GLN A 87 -1.10 15.79 -6.68
N TYR A 88 -0.98 16.27 -7.91
CA TYR A 88 -0.26 15.52 -8.93
C TYR A 88 1.13 16.08 -9.15
N LEU A 89 1.22 17.35 -9.48
CA LEU A 89 2.44 17.92 -10.08
C LEU A 89 3.57 18.12 -9.07
N ASP A 90 3.38 18.99 -8.07
CA ASP A 90 4.40 19.24 -7.05
C ASP A 90 4.06 18.67 -5.66
N ASN A 91 3.28 17.60 -5.61
CA ASN A 91 2.83 17.07 -4.30
C ASN A 91 3.97 17.00 -3.23
N PRO A 92 3.79 17.65 -2.06
CA PRO A 92 4.85 17.79 -1.03
C PRO A 92 5.45 16.50 -0.47
N SER A 93 4.63 15.44 -0.38
CA SER A 93 5.09 14.13 0.07
C SER A 93 6.07 13.48 -0.92
N ASP A 94 5.92 13.73 -2.22
CA ASP A 94 6.75 13.09 -3.26
C ASP A 94 8.23 13.37 -3.15
N GLY A 95 9.05 12.34 -3.35
CA GLY A 95 10.51 12.52 -3.48
C GLY A 95 10.98 12.37 -4.91
N ILE A 96 12.30 12.29 -5.13
CA ILE A 96 12.83 12.06 -6.48
C ILE A 96 12.21 10.80 -7.12
N LEU A 97 12.09 9.73 -6.34
CA LEU A 97 11.52 8.45 -6.81
C LEU A 97 10.13 8.67 -7.38
N ASP A 98 9.28 9.32 -6.60
CA ASP A 98 7.89 9.56 -6.99
C ASP A 98 7.77 10.40 -8.28
N LYS A 99 8.53 11.50 -8.32
CA LYS A 99 8.62 12.31 -9.50
C LYS A 99 9.05 11.47 -10.73
N THR A 100 10.02 10.57 -10.53
CA THR A 100 10.53 9.76 -11.62
C THR A 100 9.46 8.79 -12.13
N ARG A 101 8.72 8.20 -11.20
CA ARG A 101 7.63 7.30 -11.58
C ARG A 101 6.58 8.06 -12.36
N LYS A 102 6.38 9.32 -12.02
CA LYS A 102 5.45 10.19 -12.73
C LYS A 102 5.96 10.54 -14.11
N ILE A 103 7.27 10.68 -14.27
CA ILE A 103 7.80 10.92 -15.60
C ILE A 103 7.67 9.69 -16.52
N HIS A 104 8.12 8.52 -16.06
CA HIS A 104 8.23 7.34 -16.93
C HIS A 104 7.01 6.42 -16.96
N ILE A 105 6.41 6.14 -15.81
CA ILE A 105 5.24 5.24 -15.76
C ILE A 105 3.91 5.96 -15.93
N ASP A 106 3.49 6.77 -14.96
CA ASP A 106 2.23 7.47 -15.13
C ASP A 106 2.44 8.96 -15.30
N TYR A 107 2.52 9.35 -16.58
CA TYR A 107 2.73 10.74 -16.98
C TYR A 107 1.41 11.41 -17.27
N ILE A 108 0.32 10.68 -17.12
CA ILE A 108 -0.97 11.22 -17.42
C ILE A 108 -1.75 11.35 -16.15
N CYS A 109 -2.08 12.57 -15.78
CA CYS A 109 -2.96 12.79 -14.64
C CYS A 109 -4.42 12.90 -15.10
N ASP A 110 -5.28 12.04 -14.57
CA ASP A 110 -6.70 12.10 -14.87
C ASP A 110 -7.35 13.11 -13.95
N PHE A 111 -7.50 14.33 -14.45
CA PHE A 111 -7.90 15.47 -13.65
C PHE A 111 -9.37 15.83 -13.80
N ILE A 112 -10.03 16.00 -12.65
CA ILE A 112 -11.42 16.42 -12.61
C ILE A 112 -11.48 17.90 -12.35
N PHE A 113 -12.03 18.64 -13.30
CA PHE A 113 -12.12 20.09 -13.17
C PHE A 113 -13.24 20.51 -12.20
N ASP A 114 -13.37 21.81 -11.97
CA ASP A 114 -14.35 22.28 -11.03
C ASP A 114 -15.74 22.01 -11.57
N ASP A 115 -15.89 22.02 -12.91
CA ASP A 115 -17.18 21.71 -13.58
C ASP A 115 -17.45 20.19 -13.73
N GLU A 116 -16.51 19.39 -13.20
CA GLU A 116 -16.67 17.94 -13.00
C GLU A 116 -16.25 17.10 -14.20
N ARG A 117 -15.83 17.74 -15.29
CA ARG A 117 -15.37 16.99 -16.46
C ARG A 117 -14.00 16.38 -16.23
N LEU A 118 -13.68 15.33 -16.98
CA LEU A 118 -12.41 14.62 -16.91
C LEU A 118 -11.53 15.02 -18.06
N GLU A 119 -10.30 15.40 -17.78
CA GLU A 119 -9.32 15.64 -18.83
C GLU A 119 -8.07 14.82 -18.52
N ASN A 120 -7.37 14.41 -19.58
CA ASN A 120 -6.10 13.72 -19.42
C ASN A 120 -4.99 14.74 -19.61
N ILE A 121 -4.32 15.06 -18.51
CA ILE A 121 -3.26 16.03 -18.52
C ILE A 121 -1.94 15.29 -18.66
N TYR A 122 -1.22 15.57 -19.75
CA TYR A 122 0.03 14.90 -20.03
C TYR A 122 1.16 15.70 -19.47
N LEU A 123 2.17 15.03 -18.95
CA LEU A 123 3.39 15.75 -18.59
C LEU A 123 4.31 15.88 -19.79
N ILE A 124 4.28 14.85 -20.63
CA ILE A 124 5.07 14.78 -21.85
C ILE A 124 4.20 14.13 -22.95
N ASP A 125 4.40 14.54 -24.21
CA ASP A 125 3.83 13.79 -25.34
C ASP A 125 4.87 12.81 -25.85
N LYS A 126 4.69 11.55 -25.52
CA LYS A 126 5.63 10.50 -25.87
C LYS A 126 5.43 9.95 -27.26
N LYS A 127 4.21 10.00 -27.80
CA LYS A 127 3.97 9.63 -29.20
C LYS A 127 4.69 10.60 -30.12
N ASN A 128 4.36 11.88 -30.00
CA ASN A 128 5.06 12.87 -30.81
C ASN A 128 6.00 13.70 -29.94
N LEU A 129 7.28 13.34 -29.98
CA LEU A 129 8.25 13.89 -29.04
C LEU A 129 8.52 15.35 -29.26
N MET A 130 8.60 15.78 -30.54
CA MET A 130 9.06 17.14 -30.82
C MET A 130 8.02 18.26 -30.47
N ARG A 131 6.81 17.83 -30.13
CA ARG A 131 5.78 18.77 -29.69
C ARG A 131 6.10 19.36 -28.36
N ASN A 132 6.80 18.59 -27.53
CA ASN A 132 7.13 19.04 -26.18
C ASN A 132 8.01 20.28 -26.23
N LYS A 133 7.78 21.22 -25.33
CA LYS A 133 8.60 22.44 -25.25
C LYS A 133 9.91 22.22 -24.49
N VAL A 134 11.04 22.44 -25.16
CA VAL A 134 12.35 22.44 -24.49
C VAL A 134 12.90 23.85 -24.35
N GLN A 135 13.43 24.15 -23.17
CA GLN A 135 13.99 25.48 -22.90
C GLN A 135 15.01 25.40 -21.77
N ILE A 136 15.80 26.46 -21.60
CA ILE A 136 16.93 26.42 -20.67
C ILE A 136 16.90 27.59 -19.70
N ILE A 137 17.32 27.33 -18.47
CA ILE A 137 17.52 28.38 -17.47
C ILE A 137 18.91 28.19 -16.94
N GLN A 138 19.35 29.11 -16.10
CA GLN A 138 20.64 28.97 -15.42
C GLN A 138 20.53 29.15 -13.94
N GLN A 139 21.66 28.96 -13.27
CA GLN A 139 21.80 28.87 -11.79
C GLN A 139 20.96 29.85 -10.99
N ARG A 149 28.52 27.33 -7.66
CA ARG A 149 27.76 26.44 -8.54
C ARG A 149 27.39 27.13 -9.87
N TYR A 150 27.88 26.57 -10.98
CA TYR A 150 27.41 26.94 -12.32
C TYR A 150 26.61 25.79 -12.97
N ASP A 151 25.36 26.06 -13.31
CA ASP A 151 24.48 25.02 -13.79
C ASP A 151 23.61 25.57 -14.91
N VAL A 152 23.37 24.76 -15.95
CA VAL A 152 22.34 25.08 -16.95
C VAL A 152 21.31 23.96 -16.90
N THR A 153 20.06 24.34 -16.67
CA THR A 153 19.02 23.35 -16.50
C THR A 153 18.06 23.30 -17.69
N ILE A 154 17.79 22.10 -18.16
CA ILE A 154 16.97 21.91 -19.36
C ILE A 154 15.57 21.48 -18.98
N LEU A 155 14.61 22.33 -19.34
CA LEU A 155 13.22 22.18 -18.98
C LEU A 155 12.44 21.58 -20.14
N VAL A 156 11.72 20.50 -19.83
CA VAL A 156 10.78 19.88 -20.74
C VAL A 156 9.36 20.19 -20.23
N ASN A 157 8.62 20.91 -21.06
CA ASN A 157 7.33 21.45 -20.68
C ASN A 157 7.40 22.17 -19.37
N GLY A 158 8.47 22.91 -19.15
CA GLY A 158 8.65 23.63 -17.88
C GLY A 158 9.32 22.83 -16.77
N LEU A 159 9.32 21.50 -16.89
CA LEU A 159 9.84 20.66 -15.85
C LEU A 159 11.32 20.46 -16.07
N PRO A 160 12.14 20.63 -14.99
CA PRO A 160 13.57 20.47 -15.03
C PRO A 160 14.00 19.01 -15.10
N LEU A 161 14.12 18.48 -16.30
CA LEU A 161 14.50 17.06 -16.45
C LEU A 161 16.00 16.83 -16.61
N VAL A 162 16.75 17.86 -16.96
CA VAL A 162 18.18 17.68 -17.19
C VAL A 162 18.95 18.76 -16.49
N GLN A 163 20.14 18.41 -16.00
CA GLN A 163 20.99 19.40 -15.37
C GLN A 163 22.42 19.26 -15.77
N ILE A 164 23.02 20.37 -16.18
CA ILE A 164 24.40 20.36 -16.60
C ILE A 164 25.28 21.10 -15.61
N GLU A 165 26.17 20.38 -14.94
CA GLU A 165 27.14 21.00 -14.06
C GLU A 165 28.42 21.34 -14.85
N LEU A 166 28.89 22.57 -14.70
CA LEU A 166 30.03 23.05 -15.43
C LEU A 166 31.15 23.43 -14.48
N LYS A 167 32.34 22.86 -14.70
CA LYS A 167 33.55 23.22 -13.98
C LYS A 167 34.58 23.75 -14.97
N LYS A 168 35.63 24.38 -14.44
CA LYS A 168 36.65 25.00 -15.30
C LYS A 168 37.49 23.91 -15.93
N ARG A 169 38.38 24.31 -16.86
CA ARG A 169 38.99 23.38 -17.80
C ARG A 169 39.97 22.42 -17.14
N GLY A 170 40.69 22.88 -16.13
CA GLY A 170 41.73 22.06 -15.48
C GLY A 170 41.25 21.21 -14.31
N VAL A 171 39.94 21.02 -14.22
CA VAL A 171 39.36 20.36 -13.07
C VAL A 171 39.19 18.88 -13.39
N ALA A 172 39.63 18.04 -12.45
CA ALA A 172 39.45 16.59 -12.55
C ALA A 172 37.99 16.30 -12.37
N ILE A 173 37.41 15.74 -13.42
CA ILE A 173 35.98 15.54 -13.50
C ILE A 173 35.49 14.52 -12.47
N ARG A 174 36.36 13.60 -12.07
CA ARG A 174 35.98 12.59 -11.09
C ARG A 174 35.78 13.18 -9.70
N GLU A 175 36.69 14.08 -9.29
CA GLU A 175 36.60 14.75 -8.00
C GLU A 175 35.35 15.61 -7.98
N ALA A 176 35.12 16.30 -9.11
CA ALA A 176 33.91 17.12 -9.27
C ALA A 176 32.65 16.28 -9.18
N PHE A 177 32.73 15.03 -9.61
CA PHE A 177 31.64 14.09 -9.45
C PHE A 177 31.56 13.62 -8.02
N ASN A 178 32.69 13.64 -7.30
CA ASN A 178 32.71 13.20 -5.90
C ASN A 178 31.98 14.20 -5.03
N GLN A 179 32.57 15.39 -4.91
CA GLN A 179 31.85 16.61 -4.56
C GLN A 179 30.36 16.48 -4.15
N ILE A 180 29.44 16.89 -5.04
CA ILE A 180 28.00 16.55 -4.92
C ILE A 180 27.82 15.13 -5.47
N HIS A 181 26.62 14.56 -5.46
CA HIS A 181 26.40 13.16 -5.97
C HIS A 181 26.99 12.00 -5.12
N ARG A 182 28.10 12.23 -4.41
CA ARG A 182 28.41 11.47 -3.18
C ARG A 182 29.18 12.27 -2.12
N TYR A 183 28.45 12.84 -1.17
CA TYR A 183 28.91 13.90 -0.25
C TYR A 183 27.78 14.09 0.75
N SER A 184 26.58 14.22 0.16
CA SER A 184 25.47 13.25 0.31
C SER A 184 24.04 13.83 0.22
N LYS A 185 23.09 12.91 0.01
CA LYS A 185 21.67 13.18 -0.32
C LYS A 185 21.05 14.56 0.01
N GLU A 186 21.77 15.64 -0.33
CA GLU A 186 21.39 17.04 0.00
C GLU A 186 19.88 17.28 0.00
N SER A 187 19.36 17.79 1.12
CA SER A 187 17.92 17.88 1.37
C SER A 187 17.17 18.56 0.23
N PHE A 188 15.86 18.61 0.35
CA PHE A 188 15.04 19.34 -0.60
C PHE A 188 14.10 20.26 0.16
N ASN A 189 14.35 21.56 0.04
CA ASN A 189 13.53 22.61 0.64
C ASN A 189 12.21 22.77 -0.12
N SER A 190 11.42 23.73 0.31
CA SER A 190 10.16 24.03 -0.35
C SER A 190 10.35 24.78 -1.67
N GLU A 191 11.46 25.52 -1.79
CA GLU A 191 11.70 26.38 -2.96
C GLU A 191 12.54 25.66 -3.95
N ASN A 192 13.08 24.55 -3.60
CA ASN A 192 13.71 24.00 -4.74
C ASN A 192 12.93 22.81 -5.23
N SER A 193 11.67 22.74 -4.81
CA SER A 193 10.89 21.49 -4.82
C SER A 193 10.81 20.78 -6.19
N LEU A 194 10.53 21.56 -7.23
CA LEU A 194 10.39 21.03 -8.59
C LEU A 194 11.64 20.30 -9.10
N PHE A 195 12.81 20.56 -8.50
CA PHE A 195 14.04 19.92 -8.97
C PHE A 195 14.15 18.46 -8.54
N LYS A 196 13.20 17.99 -7.75
CA LYS A 196 13.06 16.56 -7.56
C LYS A 196 12.70 15.88 -8.91
N TYR A 197 12.24 16.62 -9.92
CA TYR A 197 11.94 16.04 -11.25
C TYR A 197 13.15 15.63 -12.10
N LEU A 198 14.35 15.96 -11.67
CA LEU A 198 15.53 15.71 -12.49
C LEU A 198 15.67 14.22 -12.85
N GLN A 199 15.76 13.95 -14.13
CA GLN A 199 16.05 12.62 -14.62
C GLN A 199 17.51 12.40 -14.88
N LEU A 200 18.20 13.40 -15.41
CA LEU A 200 19.50 13.15 -16.07
C LEU A 200 20.56 14.19 -15.71
N PHE A 201 21.76 13.75 -15.35
CA PHE A 201 22.81 14.69 -14.96
C PHE A 201 23.93 14.65 -15.95
N VAL A 202 24.52 15.80 -16.25
CA VAL A 202 25.62 15.88 -17.19
C VAL A 202 26.62 16.83 -16.58
N ILE A 203 27.86 16.41 -16.46
CA ILE A 203 28.87 17.20 -15.77
C ILE A 203 30.06 17.35 -16.76
N SER A 204 30.62 18.57 -16.88
CA SER A 204 31.68 18.79 -17.86
C SER A 204 32.71 19.84 -17.43
N ASN A 205 33.98 19.58 -17.75
CA ASN A 205 35.03 20.60 -17.66
C ASN A 205 35.37 21.15 -19.02
N GLY A 206 34.61 20.72 -20.03
CA GLY A 206 34.77 21.20 -21.39
C GLY A 206 35.61 20.26 -22.22
N THR A 207 36.61 19.66 -21.58
CA THR A 207 37.45 18.61 -22.18
C THR A 207 36.64 17.32 -22.23
N ASP A 208 35.99 17.03 -21.12
CA ASP A 208 35.29 15.77 -20.92
C ASP A 208 33.88 16.08 -20.41
N THR A 209 32.89 15.35 -20.92
CA THR A 209 31.49 15.57 -20.59
C THR A 209 30.89 14.21 -20.32
N ARG A 210 30.45 14.00 -19.09
CA ARG A 210 29.87 12.71 -18.71
C ARG A 210 28.42 12.83 -18.26
N TYR A 211 27.56 11.90 -18.68
CA TYR A 211 26.17 11.95 -18.26
C TYR A 211 25.80 10.72 -17.47
N PHE A 212 24.74 10.78 -16.67
CA PHE A 212 24.37 9.67 -15.81
C PHE A 212 23.03 9.95 -15.19
N ALA A 213 22.36 8.93 -14.73
CA ALA A 213 21.00 9.05 -14.20
C ALA A 213 20.92 9.52 -12.75
N ASN A 214 19.84 10.21 -12.42
CA ASN A 214 19.58 10.60 -11.06
C ASN A 214 19.12 9.42 -10.24
N THR A 215 19.83 9.17 -9.13
CA THR A 215 19.55 8.06 -8.21
C THR A 215 18.29 8.29 -7.39
N THR A 216 17.40 7.32 -7.41
CA THR A 216 16.12 7.44 -6.73
C THR A 216 16.32 7.02 -5.29
N LYS A 217 16.35 5.70 -5.07
CA LYS A 217 16.67 5.13 -3.77
C LYS A 217 17.93 5.81 -3.24
N ARG A 218 18.15 5.76 -1.93
CA ARG A 218 19.27 6.49 -1.31
C ARG A 218 20.61 5.75 -1.51
N ASP A 219 20.83 5.22 -2.71
CA ASP A 219 22.02 4.43 -3.04
C ASP A 219 23.16 5.28 -3.68
N ALA A 220 22.98 5.72 -4.93
CA ALA A 220 23.91 6.69 -5.59
C ALA A 220 25.15 6.03 -6.18
N ASN A 221 25.10 5.71 -7.46
CA ASN A 221 26.16 4.99 -8.16
C ASN A 221 27.46 5.75 -8.08
N SER A 222 28.55 5.02 -8.24
CA SER A 222 29.85 5.60 -8.34
C SER A 222 30.15 6.19 -9.72
N PHE A 223 31.34 6.78 -9.82
CA PHE A 223 31.80 7.41 -11.05
C PHE A 223 31.88 6.41 -12.21
N ASP A 224 32.03 5.13 -11.89
CA ASP A 224 32.23 4.13 -12.93
C ASP A 224 30.97 3.94 -13.86
N PHE A 225 29.83 4.44 -13.40
CA PHE A 225 28.59 4.31 -14.12
C PHE A 225 28.35 5.52 -15.01
N THR A 226 29.13 6.58 -14.85
CA THR A 226 29.02 7.75 -15.72
C THR A 226 29.61 7.38 -17.07
N MET A 227 29.24 8.11 -18.11
CA MET A 227 29.64 7.73 -19.49
C MET A 227 29.66 8.92 -20.41
N ASN A 228 30.60 8.90 -21.35
CA ASN A 228 30.62 9.87 -22.43
C ASN A 228 29.60 9.48 -23.48
N TRP A 229 29.05 10.45 -24.17
CA TRP A 229 28.23 10.15 -25.34
C TRP A 229 29.19 9.62 -26.43
N ALA A 230 28.64 8.98 -27.46
CA ALA A 230 29.46 8.34 -28.50
C ALA A 230 28.76 8.20 -29.84
N LYS A 231 29.53 7.66 -30.80
CA LYS A 231 29.04 7.34 -32.14
C LYS A 231 28.75 5.86 -32.20
N SER A 232 28.22 5.40 -33.33
CA SER A 232 27.83 3.99 -33.46
C SER A 232 29.02 3.05 -33.44
N ASP A 233 30.21 3.58 -33.70
CA ASP A 233 31.42 2.77 -33.58
C ASP A 233 31.96 2.83 -32.14
N ASN A 234 31.20 3.45 -31.24
CA ASN A 234 31.59 3.58 -29.85
C ASN A 234 32.83 4.45 -29.61
N THR A 235 33.19 5.30 -30.57
CA THR A 235 34.27 6.28 -30.35
C THR A 235 33.68 7.43 -29.54
N LEU A 236 34.42 7.84 -28.51
CA LEU A 236 33.91 8.78 -27.52
C LEU A 236 33.70 10.15 -28.12
N ILE A 237 32.70 10.86 -27.59
CA ILE A 237 32.53 12.28 -27.84
C ILE A 237 32.70 13.01 -26.50
N LYS A 238 33.87 13.62 -26.29
CA LYS A 238 34.28 14.06 -24.96
C LYS A 238 33.96 15.52 -24.71
N ASP A 239 34.20 16.40 -25.68
CA ASP A 239 34.14 17.84 -25.38
C ASP A 239 32.74 18.47 -25.45
N LEU A 240 32.52 19.46 -24.58
CA LEU A 240 31.19 20.06 -24.38
C LEU A 240 30.51 20.51 -25.65
N LYS A 241 31.28 21.07 -26.57
CA LYS A 241 30.70 21.62 -27.79
C LYS A 241 30.13 20.46 -28.62
N ASP A 242 30.91 19.39 -28.78
CA ASP A 242 30.46 18.27 -29.59
C ASP A 242 29.36 17.45 -28.87
N PHE A 243 29.52 17.27 -27.57
CA PHE A 243 28.46 16.65 -26.76
C PHE A 243 27.15 17.41 -26.99
N THR A 244 27.23 18.74 -26.98
CA THR A 244 26.08 19.60 -27.11
C THR A 244 25.47 19.43 -28.48
N ALA A 245 26.34 19.47 -29.47
CA ALA A 245 25.90 19.35 -30.85
C ALA A 245 25.23 18.00 -31.15
N THR A 246 25.51 16.98 -30.33
CA THR A 246 24.98 15.64 -30.56
C THR A 246 23.92 15.22 -29.55
N CYS A 247 24.31 15.04 -28.29
CA CYS A 247 23.41 14.54 -27.25
C CYS A 247 22.27 15.50 -26.95
N PHE A 248 22.59 16.79 -26.99
CA PHE A 248 21.63 17.83 -26.65
C PHE A 248 20.81 18.32 -27.84
N GLN A 249 21.02 17.74 -29.02
CA GLN A 249 20.07 17.93 -30.12
C GLN A 249 18.72 17.51 -29.61
N LYS A 250 17.73 18.37 -29.74
CA LYS A 250 16.47 18.15 -29.06
C LYS A 250 15.93 16.76 -29.34
N HIS A 251 16.08 16.29 -30.57
CA HIS A 251 15.50 14.98 -30.95
C HIS A 251 16.22 13.86 -30.21
N THR A 252 17.55 13.97 -30.21
CA THR A 252 18.43 13.09 -29.45
C THR A 252 18.09 13.11 -27.95
N LEU A 253 18.02 14.31 -27.37
CA LEU A 253 17.85 14.39 -25.92
C LEU A 253 16.54 13.79 -25.48
N LEU A 254 15.46 14.24 -26.11
CA LEU A 254 14.15 13.76 -25.72
C LEU A 254 14.06 12.23 -25.88
N ASN A 255 14.80 11.68 -26.82
CA ASN A 255 14.73 10.25 -27.03
C ASN A 255 15.41 9.48 -25.94
N VAL A 256 16.59 9.96 -25.56
CA VAL A 256 17.29 9.50 -24.34
C VAL A 256 16.40 9.61 -23.10
N LEU A 257 15.84 10.77 -22.84
CA LEU A 257 14.89 10.92 -21.71
C LEU A 257 13.68 9.98 -21.73
N VAL A 258 12.95 9.98 -22.84
CA VAL A 258 11.70 9.23 -22.93
C VAL A 258 11.84 7.75 -23.34
N ASN A 259 12.59 7.46 -24.38
CA ASN A 259 12.63 6.09 -24.87
C ASN A 259 13.80 5.30 -24.40
N TYR A 260 14.96 5.90 -24.34
CA TYR A 260 16.16 5.12 -23.97
C TYR A 260 16.61 5.27 -22.50
N SER A 261 15.70 5.71 -21.62
CA SER A 261 15.83 5.50 -20.18
C SER A 261 14.89 4.37 -19.70
N VAL A 262 15.28 3.64 -18.66
CA VAL A 262 14.55 2.52 -18.13
C VAL A 262 14.21 2.73 -16.65
N PHE A 263 12.96 2.49 -16.26
CA PHE A 263 12.54 2.57 -14.87
C PHE A 263 11.88 1.25 -14.56
N ASP A 264 12.52 0.41 -13.76
CA ASP A 264 12.16 -1.01 -13.70
C ASP A 264 11.50 -1.41 -12.39
N SER A 265 11.34 -2.71 -12.19
CA SER A 265 10.64 -3.24 -11.03
C SER A 265 11.34 -2.99 -9.72
N SER A 266 12.58 -2.54 -9.77
CA SER A 266 13.31 -2.20 -8.58
C SER A 266 13.14 -0.73 -8.26
N GLN A 267 12.31 -0.02 -9.02
CA GLN A 267 12.11 1.42 -8.85
C GLN A 267 13.44 2.19 -9.03
N THR A 268 14.37 1.64 -9.81
CA THR A 268 15.64 2.28 -10.12
C THR A 268 15.62 2.85 -11.52
N LEU A 269 16.15 4.06 -11.69
CA LEU A 269 16.22 4.67 -13.02
C LEU A 269 17.57 4.38 -13.63
N LEU A 270 17.56 3.96 -14.90
CA LEU A 270 18.81 3.71 -15.60
C LEU A 270 18.78 4.45 -16.91
N VAL A 271 19.83 5.18 -17.23
CA VAL A 271 19.95 5.73 -18.55
C VAL A 271 20.80 4.75 -19.32
N MET A 272 20.36 4.46 -20.55
CA MET A 272 21.08 3.54 -21.41
C MET A 272 22.37 4.21 -21.91
N ARG A 273 23.38 3.39 -22.10
CA ARG A 273 24.64 3.87 -22.59
C ARG A 273 24.55 3.89 -24.12
N PRO A 274 25.41 4.66 -24.81
CA PRO A 274 25.34 4.86 -26.26
C PRO A 274 25.25 3.61 -27.09
N TYR A 275 26.06 2.60 -26.76
CA TYR A 275 26.04 1.37 -27.53
C TYR A 275 24.72 0.64 -27.43
N GLN A 276 24.11 0.70 -26.26
CA GLN A 276 22.83 0.04 -26.02
C GLN A 276 21.77 0.71 -26.89
N ILE A 277 21.85 2.03 -26.98
CA ILE A 277 20.88 2.82 -27.72
C ILE A 277 21.04 2.54 -29.22
N ALA A 278 22.28 2.59 -29.70
CA ALA A 278 22.59 2.35 -31.10
C ALA A 278 22.08 0.97 -31.54
N ALA A 279 22.40 -0.05 -30.77
CA ALA A 279 21.93 -1.39 -31.10
C ALA A 279 20.42 -1.39 -31.16
N THR A 280 19.79 -0.78 -30.17
CA THR A 280 18.34 -0.86 -30.07
C THR A 280 17.65 -0.21 -31.27
N GLU A 281 18.11 0.98 -31.64
CA GLU A 281 17.49 1.75 -32.71
C GLU A 281 17.74 1.09 -34.05
N ARG A 282 18.89 0.47 -34.18
CA ARG A 282 19.20 -0.29 -35.37
C ARG A 282 18.30 -1.51 -35.49
N ILE A 283 17.94 -2.12 -34.37
CA ILE A 283 17.00 -3.22 -34.40
C ILE A 283 15.66 -2.72 -34.88
N LEU A 284 15.22 -1.60 -34.32
CA LEU A 284 13.89 -1.07 -34.61
C LEU A 284 13.77 -0.69 -36.07
N TRP A 285 14.77 0.04 -36.57
CA TRP A 285 14.76 0.46 -37.96
C TRP A 285 14.79 -0.75 -38.88
N LYS A 286 15.50 -1.77 -38.46
CA LYS A 286 15.52 -3.02 -39.22
C LYS A 286 14.12 -3.61 -39.37
N ILE A 287 13.36 -3.61 -38.27
CA ILE A 287 11.99 -4.12 -38.30
C ILE A 287 11.10 -3.30 -39.23
N LYS A 288 11.13 -1.98 -39.08
CA LYS A 288 10.32 -1.07 -39.88
C LYS A 288 10.59 -1.25 -41.37
N SER A 289 11.87 -1.13 -41.73
CA SER A 289 12.28 -1.16 -43.12
C SER A 289 12.01 -2.52 -43.78
N SER A 290 12.29 -3.61 -43.06
CA SER A 290 11.99 -4.95 -43.59
C SER A 290 10.49 -5.13 -43.80
N PHE A 291 9.69 -4.52 -42.93
CA PHE A 291 8.23 -4.66 -43.03
C PHE A 291 7.70 -3.94 -44.25
N THR A 292 8.09 -2.69 -44.45
CA THR A 292 7.56 -1.92 -45.58
C THR A 292 8.08 -2.47 -46.92
N ALA A 293 9.12 -3.30 -46.88
CA ALA A 293 9.60 -4.00 -48.07
C ALA A 293 8.94 -5.37 -48.26
N LYS A 294 8.02 -5.73 -47.36
CA LYS A 294 7.43 -7.08 -47.35
C LYS A 294 8.50 -8.17 -47.37
N ASN A 295 9.64 -7.87 -46.72
CA ASN A 295 10.82 -8.71 -46.73
C ASN A 295 10.90 -9.63 -45.51
N TRP A 296 9.80 -9.70 -44.77
CA TRP A 296 9.71 -10.53 -43.56
C TRP A 296 10.05 -12.02 -43.73
N SER A 297 10.35 -12.66 -42.61
CA SER A 297 10.61 -14.11 -42.53
C SER A 297 11.84 -14.59 -43.28
N LYS A 298 12.89 -13.77 -43.26
CA LYS A 298 14.18 -14.12 -43.84
C LYS A 298 15.29 -13.68 -42.87
N PRO A 299 16.49 -14.25 -42.99
CA PRO A 299 17.64 -13.76 -42.25
C PRO A 299 17.94 -12.28 -42.51
N GLU A 300 17.47 -11.76 -43.64
CA GLU A 300 17.67 -10.36 -44.00
C GLU A 300 16.66 -9.44 -43.30
N SER A 301 15.66 -10.04 -42.65
CA SER A 301 14.66 -9.30 -41.87
C SER A 301 15.19 -8.93 -40.49
N GLY A 302 15.95 -9.83 -39.88
CA GLY A 302 16.47 -9.64 -38.53
C GLY A 302 17.93 -9.22 -38.48
N GLY A 303 18.66 -9.71 -37.48
CA GLY A 303 20.07 -9.32 -37.24
C GLY A 303 20.59 -9.82 -35.89
N TYR A 304 21.88 -9.71 -35.66
CA TYR A 304 22.38 -9.98 -34.31
C TYR A 304 23.22 -8.82 -33.75
N ILE A 305 23.08 -8.59 -32.45
CA ILE A 305 23.91 -7.63 -31.73
C ILE A 305 24.98 -8.40 -30.99
N TRP A 306 26.22 -8.01 -31.16
CA TRP A 306 27.31 -8.64 -30.42
C TRP A 306 27.78 -7.66 -29.38
N HIS A 307 27.27 -7.85 -28.17
CA HIS A 307 27.64 -6.99 -27.05
C HIS A 307 28.31 -7.87 -26.04
N THR A 308 29.58 -7.53 -25.74
CA THR A 308 30.43 -8.35 -24.87
C THR A 308 29.74 -8.68 -23.58
N THR A 309 30.01 -9.87 -23.03
CA THR A 309 29.28 -10.36 -21.85
C THR A 309 29.43 -9.36 -20.66
N GLY A 310 28.27 -9.07 -20.04
CA GLY A 310 28.18 -8.17 -18.92
C GLY A 310 28.04 -6.71 -19.26
N SER A 311 27.83 -6.40 -20.55
CA SER A 311 27.71 -4.98 -20.98
C SER A 311 26.26 -4.53 -21.03
N GLY A 312 25.36 -5.36 -20.57
CA GLY A 312 23.96 -4.95 -20.42
C GLY A 312 23.03 -5.53 -21.46
N LYS A 313 23.38 -6.69 -21.99
CA LYS A 313 22.56 -7.33 -23.02
C LYS A 313 21.11 -7.48 -22.59
N THR A 314 20.89 -7.83 -21.32
CA THR A 314 19.55 -8.10 -20.87
C THR A 314 18.74 -6.82 -20.72
N LEU A 315 19.38 -5.78 -20.21
CA LEU A 315 18.71 -4.49 -20.09
C LEU A 315 18.27 -4.01 -21.49
N THR A 316 19.24 -4.01 -22.39
CA THR A 316 19.05 -3.50 -23.72
C THR A 316 18.01 -4.29 -24.50
N SER A 317 18.13 -5.63 -24.48
CA SER A 317 17.29 -6.48 -25.32
C SER A 317 15.86 -6.42 -24.91
N PHE A 318 15.60 -6.36 -23.60
CA PHE A 318 14.22 -6.27 -23.13
C PHE A 318 13.67 -4.88 -23.42
N LYS A 319 14.54 -3.88 -23.41
CA LYS A 319 14.10 -2.52 -23.68
C LYS A 319 13.71 -2.40 -25.15
N ALA A 320 14.49 -3.05 -26.00
CA ALA A 320 14.18 -3.14 -27.43
C ALA A 320 12.87 -3.88 -27.65
N ALA A 321 12.60 -4.90 -26.86
CA ALA A 321 11.38 -5.66 -27.03
C ALA A 321 10.19 -4.77 -26.70
N ARG A 322 10.24 -4.13 -25.55
CA ARG A 322 9.17 -3.24 -25.13
C ARG A 322 8.96 -2.14 -26.18
N LEU A 323 10.04 -1.67 -26.78
CA LEU A 323 9.96 -0.59 -27.77
C LEU A 323 9.43 -1.11 -29.12
N ALA A 324 9.81 -2.32 -29.48
CA ALA A 324 9.32 -2.94 -30.68
C ALA A 324 7.82 -3.22 -30.61
N THR A 325 7.25 -3.28 -29.39
CA THR A 325 5.81 -3.41 -29.22
C THR A 325 5.09 -2.11 -29.61
N GLU A 326 5.81 -1.00 -29.64
CA GLU A 326 5.17 0.28 -29.96
C GLU A 326 5.00 0.51 -31.45
N LEU A 327 5.49 -0.42 -32.28
CA LEU A 327 5.22 -0.38 -33.72
C LEU A 327 3.76 -0.84 -33.99
N ASP A 328 2.97 0.06 -34.60
CA ASP A 328 1.54 -0.17 -34.95
C ASP A 328 1.28 -1.45 -35.76
N PHE A 329 2.25 -1.84 -36.58
CA PHE A 329 2.11 -3.02 -37.44
C PHE A 329 2.60 -4.32 -36.85
N ILE A 330 3.07 -4.30 -35.61
CA ILE A 330 3.55 -5.52 -34.97
C ILE A 330 2.49 -6.04 -34.02
N ASP A 331 2.09 -7.30 -34.21
CA ASP A 331 1.04 -7.89 -33.40
C ASP A 331 1.59 -8.45 -32.09
N LYS A 332 2.74 -9.11 -32.15
CA LYS A 332 3.34 -9.73 -30.97
C LYS A 332 4.86 -9.62 -30.97
N VAL A 333 5.44 -9.27 -29.83
CA VAL A 333 6.90 -9.23 -29.67
C VAL A 333 7.35 -10.23 -28.61
N PHE A 334 8.05 -11.27 -29.03
CA PHE A 334 8.58 -12.26 -28.10
C PHE A 334 9.92 -11.82 -27.54
N PHE A 335 10.00 -11.78 -26.22
CA PHE A 335 11.29 -11.63 -25.54
C PHE A 335 11.56 -12.93 -24.86
N VAL A 336 12.56 -13.64 -25.36
CA VAL A 336 12.87 -14.98 -24.87
C VAL A 336 14.31 -15.06 -24.35
N VAL A 337 14.42 -15.61 -23.14
CA VAL A 337 15.70 -15.81 -22.48
C VAL A 337 15.90 -17.27 -22.13
N ASP A 338 17.15 -17.67 -21.97
CA ASP A 338 17.49 -19.00 -21.45
C ASP A 338 17.19 -19.08 -19.96
N ARG A 339 16.47 -20.11 -19.55
CA ARG A 339 16.06 -20.25 -18.15
C ARG A 339 17.28 -20.38 -17.22
N LYS A 340 18.39 -20.80 -17.80
CA LYS A 340 19.71 -20.84 -17.15
C LYS A 340 20.16 -19.50 -16.57
N ASP A 341 19.84 -18.41 -17.28
CA ASP A 341 20.27 -17.06 -16.92
C ASP A 341 19.28 -16.33 -16.02
N LEU A 342 18.22 -16.99 -15.57
CA LEU A 342 17.28 -16.33 -14.69
C LEU A 342 17.84 -16.21 -13.26
N ASP A 343 17.58 -15.07 -12.62
CA ASP A 343 18.02 -14.82 -11.24
C ASP A 343 16.88 -14.07 -10.49
N TYR A 344 17.07 -13.70 -9.23
CA TYR A 344 15.94 -13.17 -8.44
C TYR A 344 15.33 -11.91 -9.09
N GLN A 345 16.21 -10.97 -9.43
CA GLN A 345 15.78 -9.68 -9.95
C GLN A 345 15.07 -9.78 -11.34
N THR A 346 15.64 -10.59 -12.20
CA THR A 346 15.20 -10.68 -13.58
C THR A 346 13.82 -11.36 -13.66
N MET A 347 13.59 -12.31 -12.73
CA MET A 347 12.30 -13.01 -12.57
C MET A 347 11.25 -12.07 -12.02
N LYS A 348 11.64 -11.24 -11.06
CA LYS A 348 10.79 -10.21 -10.53
C LYS A 348 10.33 -9.28 -11.62
N GLU A 349 11.26 -8.93 -12.51
CA GLU A 349 11.00 -8.02 -13.62
C GLU A 349 10.01 -8.61 -14.59
N TYR A 350 10.24 -9.87 -14.96
CA TYR A 350 9.42 -10.52 -15.96
C TYR A 350 8.05 -10.91 -15.39
N GLN A 351 7.91 -10.94 -14.08
CA GLN A 351 6.62 -11.28 -13.46
C GLN A 351 5.56 -10.22 -13.82
N ARG A 352 6.00 -8.97 -13.96
CA ARG A 352 5.06 -7.86 -14.18
C ARG A 352 4.44 -7.95 -15.56
N PHE A 353 5.13 -8.62 -16.49
CA PHE A 353 4.71 -8.70 -17.89
C PHE A 353 4.04 -10.02 -18.24
N SER A 354 4.67 -11.13 -17.91
CA SER A 354 4.10 -12.43 -18.19
C SER A 354 4.01 -13.25 -16.90
N PRO A 355 2.97 -12.95 -16.08
CA PRO A 355 2.89 -13.47 -14.73
C PRO A 355 3.00 -14.98 -14.63
N ASP A 356 3.90 -15.46 -13.78
CA ASP A 356 4.05 -16.88 -13.47
C ASP A 356 4.40 -17.72 -14.67
N SER A 357 4.88 -17.09 -15.75
CA SER A 357 5.13 -17.80 -17.00
C SER A 357 6.62 -17.88 -17.34
N VAL A 358 7.46 -17.30 -16.48
CA VAL A 358 8.90 -17.28 -16.72
C VAL A 358 9.67 -17.94 -15.58
N ASN A 359 10.10 -19.19 -15.81
CA ASN A 359 10.74 -20.01 -14.78
C ASN A 359 11.50 -21.17 -15.40
N GLY A 360 11.97 -22.09 -14.57
CA GLY A 360 12.81 -23.18 -15.05
C GLY A 360 12.07 -24.41 -15.47
N SER A 361 10.74 -24.37 -15.46
CA SER A 361 9.95 -25.52 -15.87
C SER A 361 9.76 -25.58 -17.39
N GLU A 362 9.10 -26.65 -17.81
CA GLU A 362 8.83 -26.91 -19.20
C GLU A 362 7.43 -26.43 -19.61
N ASN A 363 6.65 -25.92 -18.66
CA ASN A 363 5.22 -25.70 -18.91
C ASN A 363 4.92 -24.60 -19.93
N THR A 364 4.03 -24.91 -20.88
CA THR A 364 3.59 -23.93 -21.88
C THR A 364 2.27 -23.21 -21.58
N ALA A 365 1.51 -23.68 -20.59
CA ALA A 365 0.22 -23.07 -20.25
C ALA A 365 0.31 -21.58 -20.07
N GLY A 366 1.32 -21.12 -19.32
CA GLY A 366 1.48 -19.69 -19.04
C GLY A 366 1.75 -18.91 -20.32
N LEU A 367 2.60 -19.48 -21.16
CA LEU A 367 2.85 -18.94 -22.50
C LEU A 367 1.57 -18.93 -23.34
N LYS A 368 0.81 -20.02 -23.34
CA LYS A 368 -0.43 -20.05 -24.09
C LYS A 368 -1.36 -18.97 -23.58
N ARG A 369 -1.33 -18.70 -22.28
CA ARG A 369 -2.29 -17.75 -21.68
C ARG A 369 -1.91 -16.33 -22.06
N ASN A 370 -0.63 -16.00 -21.95
CA ASN A 370 -0.16 -14.68 -22.28
C ASN A 370 -0.38 -14.43 -23.76
N LEU A 371 -0.27 -15.51 -24.53
CA LEU A 371 -0.47 -15.45 -25.97
C LEU A 371 -1.88 -14.97 -26.33
N ASP A 372 -2.90 -15.45 -25.62
CA ASP A 372 -4.26 -14.96 -25.81
C ASP A 372 -4.57 -13.91 -24.76
N LYS A 373 -4.29 -12.65 -25.05
CA LYS A 373 -4.54 -11.56 -24.12
C LYS A 373 -4.95 -10.36 -24.94
N ASP A 374 -6.12 -9.82 -24.63
CA ASP A 374 -6.62 -8.67 -25.35
C ASP A 374 -5.71 -7.51 -24.98
N ASP A 375 -5.35 -6.72 -25.99
CA ASP A 375 -4.56 -5.53 -25.78
C ASP A 375 -3.24 -5.87 -25.07
N ASN A 376 -2.37 -6.56 -25.79
CA ASN A 376 -1.05 -6.94 -25.32
C ASN A 376 -0.16 -7.32 -26.49
N LYS A 377 1.15 -7.14 -26.33
CA LYS A 377 2.09 -7.39 -27.42
C LYS A 377 3.27 -8.20 -26.91
N ILE A 378 3.97 -7.66 -25.91
CA ILE A 378 5.12 -8.31 -25.25
C ILE A 378 4.76 -9.71 -24.67
N ILE A 379 5.57 -10.71 -25.01
CA ILE A 379 5.41 -12.08 -24.52
C ILE A 379 6.78 -12.53 -24.06
N VAL A 380 6.99 -12.62 -22.75
CA VAL A 380 8.28 -12.96 -22.21
C VAL A 380 8.23 -14.42 -21.88
N THR A 381 9.26 -15.17 -22.29
CA THR A 381 9.28 -16.61 -22.05
C THR A 381 10.67 -17.17 -22.18
N THR A 382 10.80 -18.49 -21.98
CA THR A 382 12.09 -19.15 -22.09
C THR A 382 12.15 -19.93 -23.39
N ILE A 383 13.34 -20.03 -23.94
CA ILE A 383 13.61 -20.82 -25.12
C ILE A 383 13.14 -22.26 -24.94
N GLN A 384 13.17 -22.79 -23.73
CA GLN A 384 12.66 -24.14 -23.46
C GLN A 384 11.16 -24.17 -23.70
N LYS A 385 10.43 -23.29 -23.02
CA LYS A 385 8.97 -23.22 -23.14
C LYS A 385 8.52 -22.89 -24.59
N LEU A 386 9.25 -22.01 -25.24
CA LEU A 386 8.96 -21.65 -26.63
C LEU A 386 9.16 -22.86 -27.50
N ASN A 387 10.22 -23.60 -27.23
CA ASN A 387 10.52 -24.80 -27.99
C ASN A 387 9.40 -25.84 -27.83
N ASN A 388 9.02 -26.13 -26.59
CA ASN A 388 7.96 -27.08 -26.29
C ASN A 388 6.64 -26.65 -26.92
N LEU A 389 6.36 -25.34 -26.89
CA LEU A 389 5.15 -24.81 -27.47
C LEU A 389 5.12 -25.07 -28.95
N MET A 390 6.18 -24.71 -29.64
CA MET A 390 6.20 -24.84 -31.09
C MET A 390 6.24 -26.31 -31.51
N LYS A 391 6.86 -27.17 -30.69
CA LYS A 391 6.76 -28.61 -30.92
C LYS A 391 5.33 -29.10 -30.90
N ALA A 392 4.66 -28.88 -29.78
CA ALA A 392 3.34 -29.47 -29.52
C ALA A 392 2.16 -28.81 -30.24
N GLU A 393 2.25 -27.53 -30.58
CA GLU A 393 1.10 -26.77 -31.07
C GLU A 393 1.35 -26.23 -32.48
N SER A 394 0.61 -26.74 -33.47
CA SER A 394 0.82 -26.37 -34.88
C SER A 394 -0.24 -25.40 -35.41
N ASP A 395 -1.31 -25.16 -34.66
CA ASP A 395 -2.45 -24.39 -35.17
C ASP A 395 -2.59 -22.98 -34.60
N LEU A 396 -1.60 -22.51 -33.85
CA LEU A 396 -1.69 -21.21 -33.19
C LEU A 396 -1.91 -20.06 -34.17
N PRO A 397 -2.83 -19.13 -33.82
CA PRO A 397 -3.12 -17.96 -34.65
C PRO A 397 -1.98 -16.97 -34.71
N VAL A 398 -1.19 -16.90 -33.63
CA VAL A 398 -0.03 -16.01 -33.58
C VAL A 398 0.96 -16.32 -34.71
N TYR A 399 0.92 -17.55 -35.19
CA TYR A 399 1.79 -17.98 -36.28
C TYR A 399 1.64 -17.15 -37.57
N ASN A 400 0.41 -16.73 -37.91
CA ASN A 400 0.19 -15.91 -39.11
C ASN A 400 0.25 -14.42 -38.82
N GLN A 401 0.38 -14.08 -37.54
CA GLN A 401 0.53 -12.68 -37.12
C GLN A 401 1.89 -12.13 -37.44
N GLN A 402 1.98 -10.80 -37.41
CA GLN A 402 3.25 -10.09 -37.57
C GLN A 402 4.04 -10.14 -36.25
N VAL A 403 5.21 -10.77 -36.25
CA VAL A 403 5.84 -11.17 -35.00
C VAL A 403 7.32 -10.77 -34.96
N VAL A 404 7.76 -10.29 -33.79
CA VAL A 404 9.18 -9.98 -33.57
C VAL A 404 9.75 -10.87 -32.49
N PHE A 405 10.94 -11.40 -32.75
CA PHE A 405 11.67 -12.15 -31.74
C PHE A 405 12.94 -11.39 -31.31
N ILE A 406 13.10 -11.24 -30.00
CA ILE A 406 14.39 -10.80 -29.42
C ILE A 406 14.89 -11.94 -28.56
N PHE A 407 15.99 -12.55 -28.97
CA PHE A 407 16.56 -13.67 -28.23
C PHE A 407 17.73 -13.15 -27.42
N ASP A 408 17.60 -13.14 -26.09
CA ASP A 408 18.70 -12.74 -25.23
C ASP A 408 19.51 -13.96 -24.87
N GLU A 409 20.68 -14.11 -25.49
CA GLU A 409 21.70 -15.10 -25.09
C GLU A 409 21.22 -16.52 -24.81
N CYS A 410 20.27 -17.01 -25.59
CA CYS A 410 19.90 -18.44 -25.56
C CYS A 410 20.24 -18.96 -26.92
N HIS A 411 21.47 -19.39 -27.11
CA HIS A 411 21.94 -19.69 -28.47
C HIS A 411 22.26 -21.15 -28.68
N ARG A 412 22.12 -21.98 -27.65
CA ARG A 412 22.70 -23.31 -27.68
C ARG A 412 21.71 -24.47 -27.46
N SER A 413 21.53 -24.87 -26.21
CA SER A 413 21.01 -26.21 -25.94
C SER A 413 19.66 -26.51 -26.61
N GLN A 414 18.67 -25.65 -26.38
CA GLN A 414 17.32 -25.86 -26.92
C GLN A 414 17.10 -25.03 -28.18
N PHE A 415 18.14 -24.32 -28.61
CA PHE A 415 17.98 -23.31 -29.63
C PHE A 415 17.79 -23.84 -31.06
N GLY A 416 18.46 -24.95 -31.37
CA GLY A 416 18.40 -25.52 -32.73
C GLY A 416 16.99 -25.94 -33.14
N GLU A 417 16.40 -26.80 -32.32
CA GLU A 417 15.04 -27.26 -32.51
C GLU A 417 14.11 -26.06 -32.57
N ALA A 418 14.37 -25.10 -31.68
CA ALA A 418 13.55 -23.89 -31.57
C ALA A 418 13.50 -23.16 -32.88
N GLN A 419 14.68 -22.93 -33.46
CA GLN A 419 14.81 -22.28 -34.76
C GLN A 419 14.13 -23.08 -35.88
N LYS A 420 14.22 -24.40 -35.79
CA LYS A 420 13.62 -25.30 -36.76
C LYS A 420 12.14 -25.01 -36.88
N ASN A 421 11.40 -25.24 -35.80
CA ASN A 421 9.96 -25.03 -35.82
C ASN A 421 9.63 -23.55 -35.92
N LEU A 422 10.59 -22.67 -35.63
CA LEU A 422 10.40 -21.25 -35.83
C LEU A 422 10.13 -21.01 -37.31
N LYS A 423 11.13 -21.32 -38.14
CA LYS A 423 11.07 -21.06 -39.59
C LYS A 423 9.94 -21.86 -40.23
N LYS A 424 9.67 -23.04 -39.69
CA LYS A 424 8.54 -23.85 -40.11
C LYS A 424 7.21 -23.10 -39.90
N LYS A 425 6.83 -22.82 -38.66
CA LYS A 425 5.46 -22.37 -38.32
C LYS A 425 5.21 -20.84 -38.28
N PHE A 426 6.26 -20.02 -38.25
CA PHE A 426 6.05 -18.56 -38.15
C PHE A 426 6.17 -17.95 -39.52
N LYS A 427 5.06 -17.39 -39.99
CA LYS A 427 4.96 -16.96 -41.36
C LYS A 427 5.47 -15.54 -41.58
N ARG A 428 5.16 -14.63 -40.67
CA ARG A 428 5.66 -13.26 -40.78
C ARG A 428 6.45 -12.89 -39.51
N TYR A 429 7.77 -12.84 -39.61
CA TYR A 429 8.60 -12.64 -38.43
C TYR A 429 9.90 -11.88 -38.70
N TYR A 430 10.35 -11.14 -37.69
CA TYR A 430 11.65 -10.48 -37.70
C TYR A 430 12.40 -10.89 -36.44
N GLN A 431 13.48 -11.67 -36.59
CA GLN A 431 14.12 -12.24 -35.39
C GLN A 431 15.53 -11.73 -35.20
N PHE A 432 15.84 -11.38 -33.95
CA PHE A 432 17.12 -10.82 -33.57
C PHE A 432 17.72 -11.56 -32.40
N GLY A 433 19.01 -11.37 -32.20
CA GLY A 433 19.72 -12.06 -31.14
C GLY A 433 20.75 -11.15 -30.50
N PHE A 434 20.94 -11.28 -29.19
CA PHE A 434 22.04 -10.64 -28.49
C PHE A 434 22.98 -11.71 -27.97
N THR A 435 24.27 -11.54 -28.17
CA THR A 435 25.22 -12.43 -27.54
C THR A 435 26.51 -11.70 -27.23
N GLY A 436 27.20 -12.16 -26.18
CA GLY A 436 28.52 -11.69 -25.88
C GLY A 436 29.57 -12.64 -26.45
N THR A 437 29.17 -13.87 -26.74
CA THR A 437 30.08 -14.87 -27.28
C THR A 437 29.43 -15.58 -28.46
N PRO A 438 29.55 -15.01 -29.68
CA PRO A 438 28.90 -15.54 -30.88
C PRO A 438 29.36 -16.95 -31.23
N ILE A 439 28.53 -17.65 -32.01
CA ILE A 439 28.85 -18.98 -32.52
C ILE A 439 29.55 -18.83 -33.87
N PHE A 440 30.81 -19.24 -33.90
CA PHE A 440 31.63 -19.20 -35.09
C PHE A 440 31.88 -20.64 -35.58
N PRO A 441 32.19 -20.82 -36.89
CA PRO A 441 32.53 -22.17 -37.39
C PRO A 441 33.57 -22.90 -36.53
N GLU A 442 34.48 -22.14 -35.90
CA GLU A 442 35.51 -22.68 -35.02
C GLU A 442 34.90 -23.40 -33.83
N ASN A 443 34.03 -22.72 -33.10
CA ASN A 443 33.36 -23.32 -31.93
C ASN A 443 31.94 -23.84 -32.18
N ALA A 444 31.53 -23.99 -33.45
CA ALA A 444 30.14 -24.37 -33.84
C ALA A 444 29.50 -25.50 -33.01
N LEU A 445 30.24 -26.59 -32.81
CA LEU A 445 29.85 -27.65 -31.85
C LEU A 445 28.51 -28.35 -32.12
N GLY A 446 28.06 -28.30 -33.38
CA GLY A 446 26.80 -28.92 -33.79
C GLY A 446 25.72 -27.90 -34.07
N SER A 447 25.92 -26.69 -33.53
CA SER A 447 24.96 -25.61 -33.68
C SER A 447 25.26 -24.77 -34.92
N GLU A 448 24.21 -24.29 -35.54
CA GLU A 448 24.34 -23.31 -36.60
C GLU A 448 24.94 -22.01 -36.02
N THR A 449 25.77 -21.34 -36.81
CA THR A 449 26.45 -20.11 -36.37
C THR A 449 25.52 -18.91 -36.20
N THR A 450 25.98 -17.94 -35.41
CA THR A 450 25.17 -16.77 -35.08
C THR A 450 24.85 -16.03 -36.37
N ALA A 451 25.89 -15.82 -37.17
CA ALA A 451 25.80 -15.13 -38.46
C ALA A 451 24.81 -15.81 -39.37
N SER A 452 24.88 -17.14 -39.37
CA SER A 452 24.02 -17.98 -40.19
C SER A 452 22.58 -17.85 -39.76
N VAL A 453 22.31 -17.91 -38.46
CA VAL A 453 20.94 -17.89 -37.95
C VAL A 453 20.27 -16.52 -38.11
N PHE A 454 20.93 -15.48 -37.62
CA PHE A 454 20.31 -14.16 -37.51
C PHE A 454 20.66 -13.21 -38.65
N GLY A 455 21.64 -13.56 -39.44
CA GLY A 455 21.98 -12.71 -40.57
C GLY A 455 23.01 -11.69 -40.19
N ARG A 456 22.80 -10.43 -40.57
CA ARG A 456 23.88 -9.42 -40.49
C ARG A 456 24.09 -8.98 -39.05
N GLU A 457 25.30 -8.52 -38.73
CA GLU A 457 25.57 -7.93 -37.42
C GLU A 457 25.23 -6.46 -37.43
N LEU A 458 24.16 -6.04 -36.75
CA LEU A 458 23.66 -4.66 -36.82
C LEU A 458 24.48 -3.69 -36.00
N HIS A 459 24.96 -4.15 -34.84
CA HIS A 459 25.87 -3.36 -34.04
C HIS A 459 26.78 -4.26 -33.21
N SER A 460 27.87 -3.70 -32.69
CA SER A 460 28.76 -4.44 -31.82
C SER A 460 29.38 -3.54 -30.77
N TYR A 461 29.60 -4.11 -29.61
CA TYR A 461 30.35 -3.44 -28.53
C TYR A 461 31.20 -4.58 -28.02
N VAL A 462 32.48 -4.52 -28.31
CA VAL A 462 33.38 -5.66 -28.05
C VAL A 462 34.17 -5.46 -26.76
N ILE A 463 34.63 -6.58 -26.22
CA ILE A 463 35.26 -6.57 -24.90
C ILE A 463 36.37 -5.51 -24.77
N THR A 464 37.22 -5.33 -25.76
CA THR A 464 38.33 -4.36 -25.62
C THR A 464 37.76 -2.96 -25.47
N ASP A 465 36.69 -2.66 -26.21
CA ASP A 465 36.00 -1.38 -26.09
C ASP A 465 35.38 -1.22 -24.70
N ALA A 466 34.76 -2.28 -24.20
CA ALA A 466 34.11 -2.22 -22.91
C ALA A 466 35.14 -1.98 -21.80
N ILE A 467 36.28 -2.66 -21.88
CA ILE A 467 37.37 -2.45 -20.91
C ILE A 467 37.83 -0.99 -20.98
N ARG A 468 37.99 -0.50 -22.20
CA ARG A 468 38.46 0.86 -22.43
C ARG A 468 37.53 1.88 -21.80
N ASP A 469 36.22 1.66 -21.91
CA ASP A 469 35.25 2.58 -21.37
C ASP A 469 35.00 2.37 -19.88
N GLU A 470 35.71 1.39 -19.30
CA GLU A 470 35.56 0.98 -17.90
C GLU A 470 34.13 0.64 -17.49
N LYS A 471 33.40 -0.04 -18.40
CA LYS A 471 32.03 -0.51 -18.14
C LYS A 471 31.97 -2.00 -17.80
N VAL A 472 33.12 -2.63 -17.97
CA VAL A 472 33.34 -4.02 -17.59
C VAL A 472 34.73 -4.22 -16.98
N LEU A 473 34.82 -4.92 -15.86
CA LEU A 473 36.13 -5.12 -15.22
C LEU A 473 36.93 -6.15 -15.95
N LYS A 474 38.25 -6.13 -15.72
CA LYS A 474 39.14 -7.10 -16.34
C LYS A 474 39.14 -8.28 -15.44
N PHE A 475 39.96 -9.28 -15.77
CA PHE A 475 40.12 -10.50 -14.96
C PHE A 475 41.53 -10.66 -14.34
N LYS A 476 41.64 -11.30 -13.20
CA LYS A 476 42.94 -11.69 -12.68
C LYS A 476 42.90 -13.21 -12.51
N VAL A 477 43.79 -13.89 -13.23
CA VAL A 477 43.58 -15.32 -13.47
C VAL A 477 44.82 -15.97 -13.05
N ASP A 478 44.70 -16.97 -12.20
CA ASP A 478 45.89 -17.68 -11.72
C ASP A 478 45.52 -19.10 -11.43
N TYR A 479 46.32 -20.03 -11.92
CA TYR A 479 46.24 -21.39 -11.46
C TYR A 479 47.01 -21.44 -10.16
N ASN A 480 46.35 -21.91 -9.12
CA ASN A 480 46.95 -21.99 -7.81
C ASN A 480 47.68 -23.32 -7.70
N ASP A 481 49.01 -23.26 -7.79
CA ASP A 481 49.86 -24.45 -7.67
C ASP A 481 50.44 -24.61 -6.24
N VAL A 482 49.69 -25.27 -5.39
CA VAL A 482 50.12 -25.61 -4.04
C VAL A 482 50.27 -27.12 -3.93
N ARG A 483 49.87 -27.86 -4.97
CA ARG A 483 49.57 -29.28 -4.80
C ARG A 483 50.39 -30.21 -5.71
N PRO A 484 51.66 -30.47 -5.31
CA PRO A 484 52.57 -31.26 -6.14
C PRO A 484 52.00 -32.64 -6.46
N GLN A 485 51.34 -33.26 -5.47
CA GLN A 485 50.78 -34.60 -5.62
C GLN A 485 49.72 -34.69 -6.73
N PHE A 486 48.84 -33.70 -6.80
CA PHE A 486 47.72 -33.69 -7.73
C PHE A 486 47.96 -32.85 -8.98
N LYS A 487 49.13 -32.25 -9.09
CA LYS A 487 49.40 -31.30 -10.17
C LYS A 487 49.32 -31.97 -11.55
N SER A 488 49.69 -33.24 -11.61
CA SER A 488 49.60 -33.99 -12.85
C SER A 488 48.17 -33.97 -13.39
N LEU A 489 47.20 -34.23 -12.51
CA LEU A 489 45.79 -34.19 -12.87
C LEU A 489 45.33 -32.76 -13.23
N GLU A 490 45.79 -31.81 -12.43
CA GLU A 490 45.36 -30.42 -12.58
C GLU A 490 45.87 -29.75 -13.88
N THR A 491 46.92 -30.32 -14.48
CA THR A 491 47.44 -29.81 -15.75
C THR A 491 47.03 -30.66 -16.97
N GLU A 492 46.21 -31.70 -16.76
CA GLU A 492 45.93 -32.69 -17.81
C GLU A 492 45.10 -32.14 -18.99
N THR A 493 45.61 -32.26 -20.21
CA THR A 493 44.88 -31.75 -21.38
C THR A 493 43.91 -32.75 -22.02
N ASP A 494 44.25 -34.03 -22.07
CA ASP A 494 43.38 -35.03 -22.77
C ASP A 494 41.95 -35.11 -22.21
N GLU A 495 40.97 -35.07 -23.13
CA GLU A 495 39.54 -34.98 -22.79
C GLU A 495 38.99 -36.22 -22.10
N LYS A 496 39.52 -37.38 -22.48
CA LYS A 496 39.02 -38.66 -21.98
C LYS A 496 39.58 -38.97 -20.59
N LYS A 497 40.80 -38.51 -20.33
CA LYS A 497 41.41 -38.73 -19.01
C LYS A 497 40.76 -37.85 -17.94
N LEU A 498 40.22 -36.71 -18.35
CA LEU A 498 39.53 -35.80 -17.42
C LEU A 498 38.19 -36.39 -16.96
N SER A 499 37.48 -37.04 -17.90
CA SER A 499 36.21 -37.72 -17.61
C SER A 499 36.41 -38.85 -16.60
N ALA A 500 37.50 -39.58 -16.78
CA ALA A 500 37.85 -40.69 -15.92
C ALA A 500 38.37 -40.22 -14.56
N ALA A 501 38.76 -38.96 -14.47
CA ALA A 501 39.41 -38.45 -13.29
C ALA A 501 38.45 -38.02 -12.19
N GLU A 502 37.14 -38.16 -12.43
CA GLU A 502 36.15 -37.81 -11.40
C GLU A 502 35.90 -39.00 -10.50
N ASN A 503 36.53 -38.97 -9.33
CA ASN A 503 36.49 -40.06 -8.35
C ASN A 503 37.39 -39.66 -7.19
N GLN A 504 37.26 -40.42 -6.10
CA GLN A 504 37.98 -40.11 -4.87
C GLN A 504 39.44 -40.54 -5.01
N GLN A 505 39.76 -41.24 -6.08
CA GLN A 505 41.13 -41.69 -6.32
C GLN A 505 41.97 -40.60 -6.99
N ALA A 506 41.31 -39.71 -7.74
CA ALA A 506 42.01 -38.65 -8.48
C ALA A 506 41.58 -37.23 -8.08
N PHE A 507 40.53 -36.71 -8.69
CA PHE A 507 40.17 -35.30 -8.52
C PHE A 507 39.47 -35.03 -7.19
N LEU A 508 38.61 -35.97 -6.79
CA LEU A 508 37.80 -35.85 -5.60
C LEU A 508 38.50 -36.49 -4.38
N HIS A 509 39.77 -36.79 -4.55
CA HIS A 509 40.60 -37.25 -3.45
C HIS A 509 40.48 -36.33 -2.23
N PRO A 510 40.29 -36.92 -1.04
CA PRO A 510 40.05 -36.14 0.18
C PRO A 510 41.12 -35.11 0.49
N MET A 511 42.38 -35.49 0.32
CA MET A 511 43.50 -34.55 0.55
C MET A 511 43.49 -33.36 -0.38
N ARG A 512 43.19 -33.58 -1.68
CA ARG A 512 43.09 -32.48 -2.65
C ARG A 512 42.00 -31.52 -2.24
N ILE A 513 40.81 -32.07 -2.01
CA ILE A 513 39.65 -31.27 -1.59
C ILE A 513 39.93 -30.56 -0.27
N GLN A 514 40.52 -31.25 0.70
CA GLN A 514 40.87 -30.66 2.01
C GLN A 514 41.81 -29.47 1.86
N GLU A 515 42.89 -29.68 1.11
CA GLU A 515 43.87 -28.62 0.85
C GLU A 515 43.25 -27.42 0.11
N ILE A 516 42.49 -27.68 -0.96
CA ILE A 516 41.82 -26.61 -1.71
C ILE A 516 40.85 -25.86 -0.81
N THR A 517 39.94 -26.57 -0.18
CA THR A 517 38.96 -25.95 0.66
C THR A 517 39.61 -25.16 1.77
N GLN A 518 40.71 -25.68 2.29
CA GLN A 518 41.50 -24.98 3.30
C GLN A 518 42.03 -23.66 2.72
N TYR A 519 42.48 -23.70 1.48
CA TYR A 519 42.93 -22.50 0.79
C TYR A 519 41.80 -21.47 0.69
N ILE A 520 40.62 -21.92 0.27
CA ILE A 520 39.52 -21.01 0.06
C ILE A 520 39.09 -20.39 1.37
N LEU A 521 39.02 -21.22 2.41
CA LEU A 521 38.75 -20.73 3.80
C LEU A 521 39.80 -19.70 4.27
N ASN A 522 41.08 -19.98 4.00
CA ASN A 522 42.15 -19.08 4.46
C ASN A 522 42.17 -17.75 3.76
N ASN A 523 41.98 -17.79 2.45
CA ASN A 523 42.09 -16.63 1.58
C ASN A 523 40.76 -15.99 1.07
N PHE A 524 39.62 -16.52 1.49
CA PHE A 524 38.35 -15.93 1.14
C PHE A 524 38.33 -14.43 1.42
N ARG A 525 38.62 -14.06 2.67
CA ARG A 525 38.47 -12.66 3.11
C ARG A 525 39.46 -11.75 2.42
N GLN A 526 40.65 -12.29 2.14
CA GLN A 526 41.71 -11.52 1.51
C GLN A 526 41.27 -11.16 0.09
N LYS A 527 40.90 -12.22 -0.66
CA LYS A 527 40.30 -12.08 -2.00
C LYS A 527 39.12 -11.13 -2.01
N THR A 528 38.13 -11.34 -1.14
CA THR A 528 36.91 -10.53 -1.16
C THR A 528 36.95 -9.12 -0.55
N HIS A 529 38.14 -8.66 -0.17
CA HIS A 529 38.29 -7.39 0.53
C HIS A 529 37.51 -7.32 1.85
N ARG A 530 37.39 -8.44 2.53
CA ARG A 530 36.77 -8.47 3.85
C ARG A 530 37.83 -8.46 4.95
N THR A 531 39.10 -8.39 4.54
CA THR A 531 40.23 -8.48 5.46
C THR A 531 40.16 -7.42 6.57
N PHE A 532 40.09 -6.17 6.14
CA PHE A 532 39.97 -5.06 7.06
C PHE A 532 38.60 -5.16 7.75
N PRO A 533 38.57 -5.36 9.08
CA PRO A 533 37.26 -5.34 9.75
C PRO A 533 36.69 -3.91 9.78
N GLY A 534 35.37 -3.81 9.73
CA GLY A 534 34.70 -2.53 9.50
C GLY A 534 34.73 -2.16 8.04
N SER A 535 34.62 -3.17 7.17
CA SER A 535 34.54 -2.98 5.72
C SER A 535 33.59 -4.00 5.14
N LYS A 536 32.75 -3.57 4.21
CA LYS A 536 31.69 -4.44 3.69
C LYS A 536 32.28 -5.49 2.78
N GLY A 537 32.76 -5.06 1.62
CA GLY A 537 33.48 -5.94 0.73
C GLY A 537 32.59 -6.76 -0.17
N PHE A 538 33.13 -7.89 -0.60
CA PHE A 538 32.56 -8.69 -1.67
C PHE A 538 32.35 -10.14 -1.26
N ASN A 539 31.79 -10.93 -2.17
CA ASN A 539 31.62 -12.36 -1.96
C ASN A 539 31.97 -13.16 -3.22
N ALA A 540 31.74 -14.47 -3.17
CA ALA A 540 32.33 -15.38 -4.11
C ALA A 540 31.42 -16.50 -4.58
N MET A 541 31.82 -17.11 -5.68
CA MET A 541 31.25 -18.36 -6.10
C MET A 541 32.40 -19.39 -6.19
N LEU A 542 32.11 -20.64 -5.86
CA LEU A 542 32.97 -21.74 -6.26
C LEU A 542 32.26 -22.58 -7.34
N ALA A 543 32.87 -22.74 -8.50
CA ALA A 543 32.27 -23.52 -9.58
C ALA A 543 33.00 -24.84 -9.70
N VAL A 544 32.29 -25.95 -9.56
CA VAL A 544 32.96 -27.24 -9.51
C VAL A 544 32.64 -28.10 -10.71
N SER A 545 33.27 -29.27 -10.76
CA SER A 545 33.23 -30.14 -11.93
C SER A 545 31.95 -30.96 -12.02
N SER A 546 31.53 -31.53 -10.89
CA SER A 546 30.37 -32.44 -10.83
C SER A 546 29.54 -32.30 -9.57
N VAL A 547 28.38 -32.96 -9.56
CA VAL A 547 27.55 -33.01 -8.36
C VAL A 547 28.32 -33.56 -7.15
N ASP A 548 29.11 -34.59 -7.38
CA ASP A 548 29.94 -35.17 -6.34
C ASP A 548 30.97 -34.17 -5.79
N ALA A 549 31.53 -33.37 -6.68
CA ALA A 549 32.46 -32.33 -6.29
C ALA A 549 31.78 -31.33 -5.34
N ALA A 550 30.59 -30.87 -5.72
CA ALA A 550 29.86 -29.93 -4.91
C ALA A 550 29.60 -30.54 -3.57
N LYS A 551 29.12 -31.77 -3.62
CA LYS A 551 28.81 -32.57 -2.44
C LYS A 551 30.03 -32.67 -1.47
N ALA A 552 31.21 -32.90 -2.05
CA ALA A 552 32.47 -33.00 -1.34
C ALA A 552 32.93 -31.67 -0.73
N TYR A 553 32.79 -30.60 -1.50
CA TYR A 553 33.27 -29.31 -1.03
C TYR A 553 32.33 -28.80 0.07
N TYR A 554 31.04 -28.96 -0.12
CA TYR A 554 30.09 -28.52 0.90
C TYR A 554 30.33 -29.30 2.18
N ALA A 555 30.63 -30.59 2.02
CA ALA A 555 30.93 -31.46 3.16
C ALA A 555 32.20 -31.02 3.90
N THR A 556 33.25 -30.76 3.12
CA THR A 556 34.55 -30.40 3.64
C THR A 556 34.61 -29.01 4.28
N PHE A 557 33.88 -28.07 3.71
CA PHE A 557 33.81 -26.74 4.26
C PHE A 557 33.20 -26.80 5.65
N LYS A 558 32.11 -27.57 5.77
CA LYS A 558 31.41 -27.67 7.05
C LYS A 558 32.30 -28.28 8.13
N ARG A 559 33.08 -29.29 7.76
CA ARG A 559 33.99 -29.95 8.68
C ARG A 559 35.10 -28.99 9.12
N LEU A 560 35.81 -28.41 8.16
CA LEU A 560 36.92 -27.52 8.45
C LEU A 560 36.45 -26.29 9.23
N GLN A 561 35.22 -25.83 8.99
CA GLN A 561 34.73 -24.63 9.69
C GLN A 561 34.34 -24.95 11.13
N GLU A 562 33.90 -26.18 11.38
CA GLU A 562 33.56 -26.62 12.75
C GLU A 562 34.81 -26.98 13.55
N GLU A 563 35.87 -27.38 12.83
CA GLU A 563 37.17 -27.61 13.45
C GLU A 563 37.69 -26.31 14.02
N ALA A 564 37.86 -25.29 13.18
CA ALA A 564 38.37 -23.99 13.63
C ALA A 564 37.43 -23.29 14.62
N ALA A 565 36.19 -23.75 14.69
CA ALA A 565 35.24 -23.28 15.70
C ALA A 565 35.70 -23.69 17.11
N ASN A 566 36.37 -24.84 17.20
CA ASN A 566 36.91 -25.32 18.47
C ASN A 566 38.20 -24.58 18.83
N LYS A 567 39.07 -24.44 17.83
CA LYS A 567 40.35 -23.75 18.01
C LYS A 567 40.16 -22.34 18.55
N SER A 568 39.04 -21.70 18.23
CA SER A 568 38.76 -20.32 18.67
C SER A 568 37.27 -20.00 18.74
N ALA A 569 36.87 -19.28 19.77
CA ALA A 569 35.54 -18.70 19.83
C ALA A 569 35.56 -17.29 19.20
N THR A 570 36.73 -16.87 18.74
CA THR A 570 36.85 -15.63 17.98
C THR A 570 36.79 -15.92 16.47
N TYR A 571 36.50 -17.18 16.11
CA TYR A 571 36.36 -17.56 14.70
C TYR A 571 34.98 -17.23 14.15
N LYS A 572 34.96 -16.42 13.10
CA LYS A 572 33.72 -15.94 12.49
C LYS A 572 33.50 -16.69 11.13
N PRO A 573 32.55 -17.65 11.10
CA PRO A 573 32.39 -18.53 9.92
C PRO A 573 31.86 -17.83 8.67
N LEU A 574 32.02 -18.47 7.54
CA LEU A 574 31.41 -18.01 6.30
C LEU A 574 30.13 -18.81 6.05
N ARG A 575 29.09 -18.12 5.60
CA ARG A 575 27.84 -18.77 5.21
C ARG A 575 27.96 -19.40 3.80
N ILE A 576 27.80 -20.71 3.73
CA ILE A 576 28.00 -21.39 2.45
C ILE A 576 26.78 -22.14 1.93
N ALA A 577 26.45 -21.92 0.68
CA ALA A 577 25.26 -22.56 0.10
C ALA A 577 25.62 -23.26 -1.14
N THR A 578 24.77 -24.20 -1.54
CA THR A 578 24.96 -24.85 -2.83
C THR A 578 23.66 -25.09 -3.60
N ILE A 579 23.73 -25.18 -4.93
CA ILE A 579 22.57 -25.55 -5.73
C ILE A 579 22.96 -26.27 -7.01
N PHE A 580 22.28 -27.40 -7.26
CA PHE A 580 22.56 -28.24 -8.41
C PHE A 580 21.38 -29.15 -8.73
N SER A 581 21.10 -29.40 -10.02
CA SER A 581 20.01 -30.31 -10.40
C SER A 581 20.26 -31.03 -11.71
N PHE A 582 20.78 -32.24 -11.60
CA PHE A 582 20.96 -33.17 -12.75
C PHE A 582 21.36 -32.56 -14.11
N ALA A 583 22.67 -32.45 -14.32
CA ALA A 583 23.26 -32.02 -15.59
C ALA A 583 22.64 -32.69 -16.82
N ILE A 591 33.41 -31.06 -21.18
CA ILE A 591 33.84 -30.93 -22.58
C ILE A 591 35.13 -30.07 -22.76
N GLY A 592 35.28 -28.91 -22.12
CA GLY A 592 34.58 -28.46 -20.92
C GLY A 592 33.53 -27.36 -21.03
N GLU A 593 32.58 -27.49 -21.95
CA GLU A 593 31.42 -26.56 -21.99
C GLU A 593 30.44 -26.80 -20.80
N ILE A 594 29.58 -25.83 -20.50
CA ILE A 594 28.70 -25.84 -19.30
C ILE A 594 27.34 -26.47 -19.60
N SER A 595 27.03 -27.57 -18.88
CA SER A 595 25.78 -28.33 -19.10
C SER A 595 24.56 -27.66 -18.51
N ASP A 596 23.45 -27.71 -19.25
CA ASP A 596 22.19 -27.17 -18.76
C ASP A 596 21.66 -28.12 -17.72
N GLU A 597 21.40 -27.61 -16.51
CA GLU A 597 20.76 -28.41 -15.47
C GLU A 597 19.25 -28.20 -15.57
N THR A 598 18.50 -29.27 -15.38
CA THR A 598 17.05 -29.15 -15.34
C THR A 598 16.63 -28.58 -13.99
N PHE A 599 15.40 -28.13 -13.90
CA PHE A 599 14.84 -27.64 -12.65
C PHE A 599 13.94 -28.71 -12.06
N ASP A 600 13.96 -29.89 -12.69
CA ASP A 600 13.20 -31.02 -12.21
C ASP A 600 14.16 -31.84 -11.37
N THR A 601 13.92 -31.89 -10.06
CA THR A 601 14.83 -32.56 -9.15
C THR A 601 14.45 -34.03 -8.99
N SER A 602 13.44 -34.49 -9.73
CA SER A 602 13.09 -35.92 -9.82
C SER A 602 14.08 -36.70 -10.70
N ALA A 603 14.87 -36.01 -11.50
CA ALA A 603 15.82 -36.69 -12.38
C ALA A 603 17.08 -37.14 -11.64
N MET A 604 17.34 -36.50 -10.50
CA MET A 604 18.61 -36.71 -9.77
C MET A 604 18.66 -38.07 -9.08
N ASP A 605 19.86 -38.65 -8.99
CA ASP A 605 20.02 -39.91 -8.25
C ASP A 605 19.81 -39.69 -6.74
N SER A 606 19.46 -40.75 -6.04
CA SER A 606 19.10 -40.66 -4.62
C SER A 606 20.18 -40.01 -3.75
N SER A 607 21.46 -40.21 -4.10
CA SER A 607 22.56 -39.67 -3.30
C SER A 607 22.57 -38.14 -3.31
N ALA A 608 22.46 -37.58 -4.51
CA ALA A 608 22.45 -36.13 -4.70
C ALA A 608 21.21 -35.50 -4.09
N LYS A 609 20.05 -36.07 -4.36
CA LYS A 609 18.79 -35.52 -3.83
C LYS A 609 18.81 -35.58 -2.30
N GLU A 610 19.40 -36.61 -1.73
CA GLU A 610 19.55 -36.70 -0.29
C GLU A 610 20.39 -35.52 0.21
N PHE A 611 21.50 -35.26 -0.49
CA PHE A 611 22.45 -34.22 -0.11
C PHE A 611 21.89 -32.82 -0.30
N LEU A 612 21.21 -32.63 -1.42
CA LEU A 612 20.53 -31.39 -1.71
C LEU A 612 19.48 -31.06 -0.65
N ASP A 613 18.65 -32.06 -0.32
CA ASP A 613 17.60 -31.89 0.69
C ASP A 613 18.16 -31.46 2.02
N ALA A 614 19.28 -32.04 2.39
CA ALA A 614 19.93 -31.76 3.67
C ALA A 614 20.41 -30.31 3.74
N ALA A 615 21.08 -29.90 2.68
CA ALA A 615 21.58 -28.54 2.58
C ALA A 615 20.43 -27.52 2.54
N ILE A 616 19.35 -27.85 1.82
CA ILE A 616 18.17 -26.99 1.79
C ILE A 616 17.56 -26.90 3.19
N ARG A 617 17.60 -27.98 3.96
CA ARG A 617 17.13 -27.96 5.37
C ARG A 617 17.99 -27.06 6.26
N GLU A 618 19.31 -27.21 6.17
CA GLU A 618 20.25 -26.30 6.86
C GLU A 618 19.99 -24.85 6.51
N TYR A 619 19.79 -24.62 5.21
CA TYR A 619 19.52 -23.31 4.65
C TYR A 619 18.27 -22.74 5.27
N ASN A 620 17.26 -23.61 5.39
CA ASN A 620 15.96 -23.19 5.88
C ASN A 620 16.01 -22.77 7.31
N SER A 621 16.62 -23.61 8.13
CA SER A 621 16.80 -23.30 9.55
C SER A 621 17.64 -22.04 9.73
N HIS A 622 18.67 -21.84 8.90
CA HIS A 622 19.47 -20.65 9.07
C HIS A 622 18.73 -19.38 8.67
N PHE A 623 18.13 -19.37 7.48
CA PHE A 623 17.49 -18.16 6.97
C PHE A 623 16.01 -18.06 7.32
N LYS A 624 15.49 -19.05 8.05
CA LYS A 624 14.09 -19.07 8.48
C LYS A 624 13.18 -19.11 7.25
N THR A 625 13.53 -19.94 6.28
CA THR A 625 12.70 -20.14 5.08
C THR A 625 12.13 -21.54 5.14
N ASN A 626 11.13 -21.84 4.31
CA ASN A 626 10.41 -23.11 4.41
C ASN A 626 10.56 -24.06 3.22
N PHE A 627 11.48 -23.74 2.31
CA PHE A 627 11.56 -24.41 0.99
C PHE A 627 11.71 -25.91 1.08
N SER A 628 10.95 -26.64 0.26
CA SER A 628 11.07 -28.10 0.15
C SER A 628 11.78 -28.46 -1.16
N THR A 629 11.94 -29.74 -1.48
CA THR A 629 12.70 -30.11 -2.68
C THR A 629 11.83 -30.44 -3.89
N ASP A 630 10.51 -30.53 -3.74
CA ASP A 630 9.65 -30.67 -4.93
C ASP A 630 9.86 -29.46 -5.82
N SER A 631 9.59 -29.62 -7.10
CA SER A 631 10.01 -28.68 -8.11
C SER A 631 9.65 -27.23 -7.72
N ASN A 632 8.48 -27.05 -7.12
CA ASN A 632 8.04 -25.73 -6.69
C ASN A 632 8.95 -25.19 -5.58
N GLY A 633 9.17 -26.00 -4.57
CA GLY A 633 10.03 -25.60 -3.46
C GLY A 633 11.45 -25.33 -3.90
N PHE A 634 11.93 -26.15 -4.84
CA PHE A 634 13.27 -25.95 -5.39
C PHE A 634 13.37 -24.68 -6.21
N GLN A 635 12.31 -24.34 -6.92
CA GLN A 635 12.33 -23.17 -7.77
C GLN A 635 12.42 -21.96 -6.86
N ASN A 636 11.59 -21.96 -5.83
CA ASN A 636 11.61 -20.90 -4.80
C ASN A 636 12.99 -20.79 -4.11
N TYR A 637 13.61 -21.94 -3.87
CA TYR A 637 14.97 -21.99 -3.36
C TYR A 637 15.95 -21.31 -4.27
N TYR A 638 15.78 -21.56 -5.57
CA TYR A 638 16.64 -20.97 -6.61
C TYR A 638 16.54 -19.43 -6.53
N ARG A 639 15.30 -18.92 -6.41
CA ARG A 639 15.04 -17.48 -6.41
C ARG A 639 15.66 -16.84 -5.20
N ASP A 640 15.32 -17.38 -4.04
CA ASP A 640 15.77 -16.84 -2.76
C ASP A 640 17.28 -16.90 -2.66
N LEU A 641 17.87 -18.00 -3.16
CA LEU A 641 19.31 -18.13 -3.23
C LEU A 641 19.95 -16.95 -3.97
N ALA A 642 19.50 -16.76 -5.21
CA ALA A 642 19.99 -15.68 -6.03
C ALA A 642 19.93 -14.35 -5.26
N GLN A 643 18.83 -14.04 -4.60
CA GLN A 643 18.73 -12.76 -3.94
C GLN A 643 19.75 -12.64 -2.81
N ARG A 644 19.92 -13.72 -2.06
CA ARG A 644 20.81 -13.73 -0.91
C ARG A 644 22.27 -13.76 -1.31
N VAL A 645 22.59 -14.37 -2.44
CA VAL A 645 23.97 -14.33 -2.93
C VAL A 645 24.25 -12.94 -3.47
N LYS A 646 23.23 -12.31 -4.03
CA LYS A 646 23.43 -11.02 -4.65
C LYS A 646 23.69 -9.99 -3.55
N ASN A 647 22.98 -10.11 -2.43
CA ASN A 647 23.07 -9.14 -1.31
C ASN A 647 24.07 -9.53 -0.21
N GLN A 648 24.79 -10.61 -0.44
CA GLN A 648 25.84 -11.05 0.46
C GLN A 648 25.34 -11.64 1.81
N ASP A 649 24.19 -12.31 1.78
CA ASP A 649 23.78 -13.15 2.90
C ASP A 649 24.46 -14.50 2.80
N ILE A 650 25.00 -14.77 1.62
CA ILE A 650 25.75 -15.98 1.36
C ILE A 650 27.15 -15.50 1.05
N ASP A 651 28.13 -16.10 1.67
CA ASP A 651 29.48 -15.66 1.40
C ASP A 651 30.05 -16.44 0.20
N LEU A 652 29.76 -17.73 0.14
CA LEU A 652 30.29 -18.56 -0.91
C LEU A 652 29.16 -19.39 -1.42
N LEU A 653 28.93 -19.32 -2.74
CA LEU A 653 28.00 -20.20 -3.39
C LEU A 653 28.78 -21.29 -4.12
N ILE A 654 28.69 -22.52 -3.62
CA ILE A 654 29.22 -23.67 -4.33
C ILE A 654 28.23 -24.13 -5.36
N VAL A 655 28.69 -24.33 -6.59
CA VAL A 655 27.77 -24.59 -7.71
C VAL A 655 28.42 -25.49 -8.74
N VAL A 656 27.63 -26.06 -9.63
CA VAL A 656 28.21 -26.87 -10.73
C VAL A 656 28.06 -26.16 -12.05
N GLY A 657 26.83 -26.14 -12.57
CA GLY A 657 26.53 -25.48 -13.82
C GLY A 657 25.54 -24.32 -13.65
N MET A 658 25.21 -23.98 -12.41
CA MET A 658 24.20 -22.93 -12.17
C MET A 658 24.80 -21.55 -11.81
N PHE A 659 24.05 -20.51 -12.14
CA PHE A 659 24.45 -19.14 -11.93
C PHE A 659 25.81 -18.81 -12.55
N LEU A 660 26.22 -19.55 -13.57
CA LEU A 660 27.49 -19.29 -14.23
C LEU A 660 27.39 -18.49 -15.51
N THR A 661 26.19 -18.19 -15.97
CA THR A 661 26.05 -17.56 -17.29
C THR A 661 25.37 -16.20 -17.29
N GLY A 662 24.25 -16.07 -16.59
CA GLY A 662 23.53 -14.79 -16.55
C GLY A 662 23.38 -14.10 -15.23
N PHE A 663 23.82 -14.73 -14.15
CA PHE A 663 23.73 -14.16 -12.80
C PHE A 663 24.43 -12.83 -12.67
N ASP A 664 23.72 -11.83 -12.16
CA ASP A 664 24.23 -10.45 -12.09
C ASP A 664 24.37 -10.01 -10.63
N ALA A 665 25.62 -9.81 -10.21
CA ALA A 665 25.95 -9.53 -8.82
C ALA A 665 27.18 -8.63 -8.74
N PRO A 666 26.96 -7.32 -8.86
CA PRO A 666 28.06 -6.38 -8.77
C PRO A 666 28.95 -6.49 -7.46
N THR A 667 28.43 -7.00 -6.35
CA THR A 667 29.32 -7.21 -5.19
C THR A 667 30.02 -8.56 -5.16
N LEU A 668 29.99 -9.33 -6.24
CA LEU A 668 30.69 -10.60 -6.26
C LEU A 668 31.99 -10.41 -7.01
N ASN A 669 33.12 -10.42 -6.30
CA ASN A 669 34.40 -10.11 -6.92
C ASN A 669 35.32 -11.26 -7.15
N THR A 670 34.97 -12.46 -6.72
CA THR A 670 35.98 -13.53 -6.79
C THR A 670 35.33 -14.85 -7.11
N LEU A 671 35.87 -15.59 -8.08
CA LEU A 671 35.28 -16.84 -8.49
C LEU A 671 36.32 -17.89 -8.30
N PHE A 672 36.03 -18.89 -7.48
CA PHE A 672 36.98 -19.96 -7.24
C PHE A 672 36.61 -21.04 -8.22
N VAL A 673 37.59 -21.63 -8.90
CA VAL A 673 37.32 -22.58 -9.98
C VAL A 673 38.05 -23.91 -9.91
N ASP A 674 37.30 -24.96 -9.62
CA ASP A 674 37.79 -26.29 -9.84
C ASP A 674 36.86 -26.86 -10.88
N LYS A 675 37.24 -26.73 -12.14
CA LYS A 675 36.37 -27.11 -13.23
C LYS A 675 37.15 -26.87 -14.51
N ASN A 676 36.71 -27.51 -15.58
CA ASN A 676 37.31 -27.33 -16.86
C ASN A 676 36.39 -26.47 -17.65
N LEU A 677 36.79 -25.22 -17.88
CA LEU A 677 35.97 -24.29 -18.69
C LEU A 677 36.69 -23.93 -19.99
N ARG A 678 35.96 -23.97 -21.11
CA ARG A 678 36.53 -23.70 -22.43
C ARG A 678 35.66 -22.69 -23.20
N TYR A 679 36.29 -21.77 -23.90
CA TYR A 679 35.60 -20.84 -24.80
C TYR A 679 34.45 -20.07 -24.17
N HIS A 680 33.28 -20.13 -24.77
CA HIS A 680 32.22 -19.22 -24.42
C HIS A 680 31.79 -19.48 -22.99
N GLY A 681 31.76 -20.75 -22.61
CA GLY A 681 31.54 -21.13 -21.20
C GLY A 681 32.53 -20.48 -20.23
N LEU A 682 33.79 -20.42 -20.64
CA LEU A 682 34.89 -19.84 -19.86
C LEU A 682 34.59 -18.38 -19.56
N MET A 683 34.27 -17.65 -20.62
CA MET A 683 34.09 -16.22 -20.53
C MET A 683 32.88 -15.95 -19.67
N GLN A 684 31.81 -16.70 -19.89
CA GLN A 684 30.55 -16.43 -19.21
C GLN A 684 30.68 -16.74 -17.73
N ALA A 685 31.35 -17.82 -17.39
CA ALA A 685 31.62 -18.12 -15.99
C ALA A 685 32.43 -17.02 -15.34
N PHE A 686 33.61 -16.69 -15.90
CA PHE A 686 34.51 -15.72 -15.29
C PHE A 686 33.77 -14.38 -15.19
N SER A 687 32.85 -14.13 -16.13
CA SER A 687 32.25 -12.79 -16.24
C SER A 687 31.27 -12.50 -15.10
N ARG A 688 31.02 -13.50 -14.26
CA ARG A 688 30.25 -13.32 -13.01
C ARG A 688 30.90 -12.28 -12.09
N THR A 689 32.22 -12.15 -12.20
CA THR A 689 32.93 -11.14 -11.42
C THR A 689 33.21 -9.83 -12.16
N ASN A 690 32.68 -9.66 -13.37
CA ASN A 690 33.12 -8.58 -14.26
C ASN A 690 32.39 -7.30 -14.09
N ARG A 691 31.35 -7.31 -13.28
CA ARG A 691 30.48 -6.14 -13.07
C ARG A 691 31.22 -4.99 -12.38
N ILE A 692 31.00 -3.75 -12.82
CA ILE A 692 31.62 -2.59 -12.21
C ILE A 692 30.87 -2.20 -10.94
N TYR A 693 31.59 -1.66 -9.95
CA TYR A 693 30.97 -1.22 -8.67
C TYR A 693 31.47 0.14 -8.16
N ASP A 694 32.74 0.20 -7.80
CA ASP A 694 33.43 1.45 -7.44
C ASP A 694 34.95 1.22 -7.41
N ALA A 695 35.67 2.18 -6.84
CA ALA A 695 37.14 2.11 -6.83
C ALA A 695 37.68 0.99 -5.94
N THR A 696 36.81 0.38 -5.14
CA THR A 696 37.16 -0.78 -4.35
C THR A 696 37.34 -2.00 -5.20
N LYS A 697 36.46 -2.17 -6.21
CA LYS A 697 36.43 -3.39 -7.05
C LYS A 697 37.13 -3.11 -8.35
N THR A 698 38.41 -3.43 -8.38
CA THR A 698 39.28 -3.03 -9.48
C THR A 698 39.22 -4.01 -10.68
N PHE A 699 39.10 -5.29 -10.37
CA PHE A 699 38.96 -6.32 -11.37
C PHE A 699 38.33 -7.54 -10.69
N GLY A 700 37.93 -8.51 -11.49
CA GLY A 700 37.35 -9.71 -10.98
C GLY A 700 38.47 -10.66 -10.70
N ASN A 701 38.29 -11.46 -9.68
CA ASN A 701 39.34 -12.35 -9.30
C ASN A 701 39.00 -13.73 -9.72
N ILE A 702 39.86 -14.38 -10.47
CA ILE A 702 39.60 -15.74 -10.84
C ILE A 702 40.69 -16.56 -10.30
N VAL A 703 40.34 -17.60 -9.54
CA VAL A 703 41.33 -18.44 -8.88
C VAL A 703 40.99 -19.84 -9.22
N THR A 704 41.97 -20.60 -9.72
CA THR A 704 41.65 -21.87 -10.35
C THR A 704 42.57 -22.93 -9.83
N PHE A 705 41.97 -24.06 -9.47
CA PHE A 705 42.68 -25.19 -8.95
C PHE A 705 42.94 -26.28 -10.00
N ARG A 706 42.54 -26.00 -11.24
CA ARG A 706 43.04 -26.71 -12.43
C ARG A 706 43.61 -25.60 -13.27
N ASP A 707 44.56 -25.92 -14.15
CA ASP A 707 45.25 -24.88 -14.92
C ASP A 707 44.43 -24.45 -16.18
N LEU A 708 43.90 -23.22 -16.12
CA LEU A 708 43.04 -22.69 -17.18
C LEU A 708 43.73 -21.68 -18.11
N GLU A 709 45.05 -21.53 -17.96
CA GLU A 709 45.82 -20.50 -18.65
C GLU A 709 45.66 -20.55 -20.17
N ARG A 710 45.91 -21.72 -20.74
CA ARG A 710 45.77 -21.91 -22.18
C ARG A 710 44.31 -21.78 -22.62
N SER A 711 43.39 -22.26 -21.79
CA SER A 711 41.96 -22.19 -22.11
C SER A 711 41.50 -20.76 -22.00
N THR A 712 42.05 -20.04 -21.05
CA THR A 712 41.72 -18.65 -20.81
C THR A 712 42.11 -17.89 -22.06
N ILE A 713 43.37 -18.03 -22.46
CA ILE A 713 43.88 -17.33 -23.64
C ILE A 713 43.14 -17.73 -24.94
N ASP A 714 42.83 -19.01 -25.09
CA ASP A 714 42.05 -19.52 -26.22
C ASP A 714 40.73 -18.81 -26.29
N ALA A 715 40.04 -18.79 -25.15
CA ALA A 715 38.72 -18.20 -25.08
C ALA A 715 38.75 -16.72 -25.44
N ILE A 716 39.65 -15.98 -24.81
CA ILE A 716 39.72 -14.53 -25.03
C ILE A 716 39.98 -14.26 -26.50
N THR A 717 40.91 -15.02 -27.06
CA THR A 717 41.32 -14.86 -28.45
C THR A 717 40.20 -15.26 -29.44
N LEU A 718 39.31 -16.14 -29.01
CA LEU A 718 38.22 -16.57 -29.88
C LEU A 718 37.35 -15.37 -30.25
N PHE A 719 36.99 -14.57 -29.25
CA PHE A 719 36.21 -13.36 -29.46
C PHE A 719 37.14 -12.19 -29.25
N GLY A 720 37.87 -11.80 -30.29
CA GLY A 720 38.95 -10.82 -30.19
C GLY A 720 40.06 -11.22 -31.13
N ASP A 721 41.25 -10.71 -30.91
CA ASP A 721 42.41 -11.09 -31.72
C ASP A 721 43.52 -11.59 -30.81
N LYS A 722 44.70 -11.85 -31.38
CA LYS A 722 45.87 -12.31 -30.64
C LYS A 722 46.26 -11.35 -29.51
N ASN A 723 45.96 -10.06 -29.67
CA ASN A 723 46.36 -9.05 -28.69
C ASN A 723 45.37 -8.87 -27.53
N THR A 724 44.12 -9.26 -27.75
CA THR A 724 43.03 -9.03 -26.78
C THR A 724 43.33 -9.50 -25.37
N LYS A 725 43.99 -10.63 -25.23
CA LYS A 725 44.36 -11.14 -23.90
C LYS A 725 45.24 -10.17 -23.03
N ASN A 726 46.03 -9.33 -23.68
CA ASN A 726 46.83 -8.33 -22.97
C ASN A 726 46.00 -7.25 -22.32
N VAL A 727 44.82 -7.00 -22.89
CA VAL A 727 43.89 -6.01 -22.34
C VAL A 727 43.03 -6.63 -21.23
N VAL A 728 42.70 -7.90 -21.40
CA VAL A 728 41.64 -8.51 -20.61
C VAL A 728 42.22 -8.99 -19.31
N LEU A 729 43.39 -9.60 -19.38
CA LEU A 729 44.03 -10.14 -18.20
C LEU A 729 44.87 -9.07 -17.53
N GLU A 730 44.76 -9.03 -16.20
CA GLU A 730 45.50 -8.08 -15.36
C GLU A 730 46.97 -8.44 -15.39
N LYS A 731 47.81 -7.46 -15.04
CA LYS A 731 49.30 -7.64 -15.04
C LYS A 731 49.82 -8.43 -13.85
N SER A 732 51.09 -8.80 -13.91
CA SER A 732 51.78 -9.51 -12.79
C SER A 732 51.97 -8.72 -11.50
N TYR A 733 52.21 -9.47 -10.42
CA TYR A 733 52.53 -8.88 -9.06
C TYR A 733 53.76 -8.00 -9.11
N THR A 734 54.85 -8.55 -9.64
CA THR A 734 56.08 -7.83 -9.87
C THR A 734 55.88 -6.52 -10.62
N GLU A 735 55.03 -6.51 -11.63
CA GLU A 735 54.76 -5.30 -12.40
C GLU A 735 54.17 -4.23 -11.50
N TYR A 736 53.16 -4.59 -10.72
CA TYR A 736 52.48 -3.64 -9.86
C TYR A 736 53.36 -3.20 -8.68
N MET A 737 54.35 -4.00 -8.32
CA MET A 737 55.26 -3.62 -7.26
C MET A 737 56.34 -2.70 -7.79
N GLU A 738 56.93 -3.06 -8.94
CA GLU A 738 58.04 -2.29 -9.54
C GLU A 738 57.67 -1.34 -10.69
N GLY A 739 56.43 -1.38 -11.12
CA GLY A 739 55.97 -0.54 -12.24
C GLY A 739 56.00 -1.19 -13.60
N PHE A 740 55.14 -0.68 -14.47
CA PHE A 740 55.07 -1.12 -15.86
C PHE A 740 54.49 -0.01 -16.73
N THR A 741 54.39 -0.26 -18.03
CA THR A 741 53.80 0.73 -18.97
C THR A 741 52.56 0.17 -19.65
N ASP A 742 51.41 0.77 -19.38
CA ASP A 742 50.16 0.31 -20.02
C ASP A 742 50.20 0.53 -21.55
N ALA A 743 49.97 -0.56 -22.29
CA ALA A 743 50.05 -0.52 -23.77
C ALA A 743 48.95 0.32 -24.42
N ALA A 744 47.71 0.15 -23.96
CA ALA A 744 46.55 0.84 -24.55
C ALA A 744 46.62 2.35 -24.33
N THR A 745 46.93 2.78 -23.11
CA THR A 745 47.03 4.21 -22.77
C THR A 745 48.38 4.81 -23.22
N GLY A 746 49.44 4.01 -23.14
CA GLY A 746 50.78 4.51 -23.40
C GLY A 746 51.42 5.05 -22.14
N GLU A 747 50.60 5.30 -21.11
CA GLU A 747 51.05 5.91 -19.85
C GLU A 747 51.90 4.94 -19.03
N ALA A 748 52.77 5.52 -18.18
CA ALA A 748 53.58 4.76 -17.22
C ALA A 748 52.84 4.68 -15.89
N LYS A 749 52.55 3.47 -15.44
CA LYS A 749 51.94 3.28 -14.12
C LYS A 749 53.02 2.90 -13.12
N ARG A 750 53.32 3.84 -12.23
CA ARG A 750 54.38 3.70 -11.24
C ARG A 750 54.08 2.60 -10.23
N GLY A 751 55.09 1.85 -9.83
CA GLY A 751 54.89 0.70 -8.96
C GLY A 751 54.81 1.05 -7.48
N PHE A 752 54.31 0.09 -6.72
CA PHE A 752 54.03 0.25 -5.29
C PHE A 752 55.28 0.56 -4.47
N MET A 753 56.40 -0.06 -4.80
CA MET A 753 57.63 0.17 -4.04
C MET A 753 58.28 1.50 -4.40
N THR A 754 58.07 2.00 -5.60
CA THR A 754 58.54 3.33 -5.95
C THR A 754 57.68 4.37 -5.24
N VAL A 755 56.42 4.04 -4.97
CA VAL A 755 55.53 4.93 -4.24
C VAL A 755 55.93 4.91 -2.78
N VAL A 756 56.22 3.72 -2.26
CA VAL A 756 56.68 3.59 -0.87
C VAL A 756 57.97 4.38 -0.68
N SER A 757 58.88 4.20 -1.63
CA SER A 757 60.18 4.84 -1.63
C SER A 757 60.04 6.34 -1.65
N GLU A 758 59.22 6.84 -2.54
CA GLU A 758 59.01 8.27 -2.65
C GLU A 758 58.28 8.84 -1.44
N LEU A 759 57.44 8.05 -0.80
CA LEU A 759 56.79 8.50 0.43
C LEU A 759 57.80 8.65 1.56
N GLU A 760 58.65 7.65 1.77
CA GLU A 760 59.69 7.72 2.81
C GLU A 760 60.66 8.86 2.53
N GLN A 761 60.96 9.10 1.25
CA GLN A 761 61.94 10.10 0.87
C GLN A 761 61.34 11.50 0.95
N ARG A 762 60.37 11.78 0.11
CA ARG A 762 59.80 13.13 0.03
C ARG A 762 58.97 13.54 1.26
N PHE A 763 58.39 12.59 1.97
CA PHE A 763 57.48 12.92 3.09
C PHE A 763 57.70 12.03 4.33
N PRO A 764 58.77 12.31 5.09
CA PRO A 764 58.90 11.68 6.41
C PRO A 764 57.71 12.02 7.33
N ASP A 765 57.32 13.29 7.42
CA ASP A 765 56.01 13.73 7.98
C ASP A 765 55.81 13.47 9.49
N PRO A 766 54.78 14.08 10.13
CA PRO A 766 53.83 15.14 9.69
C PRO A 766 54.46 16.52 9.55
N THR A 767 55.65 16.70 10.10
CA THR A 767 56.41 17.95 9.95
C THR A 767 56.54 18.42 8.50
N SER A 768 56.68 17.46 7.58
CA SER A 768 56.95 17.75 6.17
C SER A 768 55.71 18.23 5.40
N ILE A 769 54.54 18.17 6.04
CA ILE A 769 53.31 18.53 5.36
C ILE A 769 53.40 20.01 4.96
N GLU A 770 53.27 20.89 5.95
CA GLU A 770 53.49 22.34 5.78
C GLU A 770 52.98 22.99 4.47
N SER A 771 53.88 23.33 3.55
CA SER A 771 53.52 24.21 2.42
C SER A 771 52.52 23.58 1.44
N GLU A 772 51.87 24.43 0.65
CA GLU A 772 50.81 24.03 -0.27
C GLU A 772 51.26 22.94 -1.26
N LYS A 773 52.30 23.23 -2.04
CA LYS A 773 52.78 22.28 -3.06
C LYS A 773 53.13 20.92 -2.45
N GLU A 774 53.76 20.95 -1.28
CA GLU A 774 54.16 19.73 -0.59
C GLU A 774 52.95 18.97 -0.02
N LYS A 775 51.80 19.64 0.06
CA LYS A 775 50.56 18.97 0.43
C LYS A 775 49.98 18.26 -0.80
N LYS A 776 49.72 19.04 -1.84
CA LYS A 776 49.16 18.51 -3.09
C LYS A 776 49.95 17.31 -3.61
N ASP A 777 51.27 17.42 -3.58
CA ASP A 777 52.14 16.35 -4.06
C ASP A 777 51.97 15.10 -3.23
N PHE A 778 51.70 15.30 -1.93
CA PHE A 778 51.48 14.18 -1.02
C PHE A 778 50.15 13.51 -1.31
N VAL A 779 49.14 14.31 -1.64
CA VAL A 779 47.83 13.77 -1.99
C VAL A 779 47.92 12.97 -3.29
N LYS A 780 48.63 13.48 -4.28
CA LYS A 780 48.87 12.72 -5.50
C LYS A 780 49.54 11.39 -5.21
N LEU A 781 50.64 11.44 -4.46
CA LEU A 781 51.44 10.25 -4.18
C LEU A 781 50.65 9.23 -3.35
N PHE A 782 49.95 9.70 -2.32
CA PHE A 782 49.27 8.79 -1.43
C PHE A 782 48.03 8.24 -2.12
N GLY A 783 47.52 9.00 -3.08
CA GLY A 783 46.45 8.48 -3.98
C GLY A 783 46.95 7.25 -4.69
N GLU A 784 48.10 7.39 -5.35
CA GLU A 784 48.75 6.25 -6.00
C GLU A 784 48.93 5.09 -5.02
N TYR A 785 49.33 5.42 -3.79
CA TYR A 785 49.60 4.41 -2.78
C TYR A 785 48.34 3.59 -2.53
N LEU A 786 47.27 4.27 -2.13
CA LEU A 786 46.00 3.62 -1.83
C LEU A 786 45.48 2.76 -3.01
N ARG A 787 45.55 3.28 -4.24
CA ARG A 787 45.13 2.50 -5.40
C ARG A 787 45.98 1.24 -5.55
N ALA A 788 47.29 1.40 -5.46
CA ALA A 788 48.21 0.30 -5.73
C ALA A 788 48.05 -0.80 -4.69
N GLU A 789 47.92 -0.39 -3.43
CA GLU A 789 47.81 -1.34 -2.35
C GLU A 789 46.50 -2.08 -2.45
N ASN A 790 45.43 -1.34 -2.69
CA ASN A 790 44.13 -1.97 -3.00
C ASN A 790 44.16 -3.00 -4.16
N ILE A 791 44.90 -2.69 -5.21
CA ILE A 791 45.06 -3.63 -6.29
C ILE A 791 45.84 -4.84 -5.83
N LEU A 792 46.84 -4.59 -4.99
CA LEU A 792 47.75 -5.67 -4.56
C LEU A 792 47.16 -6.61 -3.52
N GLN A 793 46.08 -6.19 -2.86
CA GLN A 793 45.37 -7.07 -1.96
C GLN A 793 45.04 -8.41 -2.62
N ASN A 794 44.80 -8.38 -3.92
CA ASN A 794 44.29 -9.56 -4.64
C ASN A 794 45.40 -10.51 -5.07
N TYR A 795 46.65 -10.12 -4.84
CA TYR A 795 47.82 -10.93 -5.17
C TYR A 795 48.30 -11.73 -3.95
N ASP A 796 48.34 -13.02 -4.16
CA ASP A 796 48.75 -13.95 -3.16
C ASP A 796 50.15 -13.65 -2.57
N GLU A 797 51.08 -13.19 -3.42
CA GLU A 797 52.45 -12.81 -3.01
C GLU A 797 52.39 -11.67 -2.03
N PHE A 798 51.59 -10.68 -2.33
CA PHE A 798 51.46 -9.50 -1.48
C PHE A 798 50.76 -9.87 -0.19
N ALA A 799 49.82 -10.79 -0.24
CA ALA A 799 49.14 -11.23 0.98
C ALA A 799 50.16 -11.86 1.91
N THR A 800 50.96 -12.76 1.35
CA THR A 800 52.07 -13.37 2.05
C THR A 800 53.07 -12.31 2.60
N LEU A 801 53.38 -11.29 1.81
CA LEU A 801 54.33 -10.27 2.22
C LEU A 801 53.79 -9.50 3.40
N LYS A 802 52.51 -9.15 3.36
CA LYS A 802 51.87 -8.35 4.41
C LYS A 802 51.72 -9.20 5.67
N ALA A 803 51.39 -10.48 5.51
CA ALA A 803 51.22 -11.38 6.65
C ALA A 803 52.53 -11.67 7.37
N LEU A 804 53.66 -11.41 6.70
CA LEU A 804 54.98 -11.63 7.31
C LEU A 804 55.32 -10.56 8.33
N GLN A 805 54.47 -9.55 8.42
CA GLN A 805 54.78 -8.35 9.19
C GLN A 805 54.39 -8.48 10.67
N GLN A 806 53.97 -9.67 11.11
CA GLN A 806 53.73 -9.93 12.54
C GLN A 806 54.73 -10.95 13.10
N ILE A 807 54.41 -12.23 12.95
CA ILE A 807 55.38 -13.34 13.07
C ILE A 807 56.42 -13.32 14.24
N ASP A 808 57.72 -13.16 13.92
CA ASP A 808 58.85 -13.78 14.65
C ASP A 808 59.25 -13.09 15.96
N LEU A 809 60.50 -13.32 16.38
CA LEU A 809 61.01 -12.99 17.71
C LEU A 809 60.49 -13.97 18.75
N SER A 810 61.29 -14.98 19.03
CA SER A 810 60.94 -16.04 19.96
C SER A 810 60.30 -17.20 19.20
N ASP A 811 59.31 -17.81 19.83
CA ASP A 811 58.66 -19.04 19.34
C ASP A 811 58.32 -19.09 17.85
N PRO A 812 59.08 -19.90 17.08
CA PRO A 812 58.77 -20.16 15.68
C PRO A 812 57.73 -21.27 15.49
N VAL A 813 56.65 -21.20 16.28
CA VAL A 813 55.46 -21.99 16.02
C VAL A 813 54.68 -21.27 14.92
N ALA A 814 54.65 -19.94 14.99
CA ALA A 814 54.01 -19.09 13.98
C ALA A 814 54.84 -18.98 12.72
N VAL A 815 56.16 -18.99 12.88
CA VAL A 815 57.09 -18.93 11.76
C VAL A 815 56.90 -20.14 10.86
N GLU A 816 56.71 -21.32 11.48
CA GLU A 816 56.44 -22.55 10.73
C GLU A 816 54.98 -22.59 10.23
N LYS A 817 54.07 -22.01 11.01
CA LYS A 817 52.67 -21.88 10.60
C LYS A 817 52.53 -20.95 9.38
N PHE A 818 53.33 -19.89 9.37
CA PHE A 818 53.36 -18.93 8.27
C PHE A 818 53.78 -19.57 6.95
N LYS A 819 54.76 -20.47 7.04
CA LYS A 819 55.26 -21.17 5.87
C LYS A 819 54.22 -22.13 5.25
N ALA A 820 53.53 -22.90 6.10
CA ALA A 820 52.60 -23.92 5.61
C ALA A 820 51.32 -23.31 5.04
N GLU A 821 50.87 -22.20 5.62
CA GLU A 821 49.65 -21.51 5.16
C GLU A 821 49.84 -20.78 3.82
N HIS A 822 50.99 -20.13 3.68
CA HIS A 822 51.31 -19.39 2.45
C HIS A 822 52.16 -20.20 1.47
N TYR A 823 52.47 -21.45 1.82
CA TYR A 823 53.17 -22.41 0.93
C TYR A 823 54.55 -21.91 0.52
N VAL A 824 55.26 -21.32 1.49
CA VAL A 824 56.56 -20.71 1.28
C VAL A 824 57.66 -21.53 1.98
N ASP A 825 58.77 -21.77 1.27
CA ASP A 825 59.90 -22.54 1.82
C ASP A 825 60.90 -21.61 2.56
N ASP A 826 62.02 -22.16 3.01
CA ASP A 826 63.07 -21.38 3.71
C ASP A 826 63.78 -20.43 2.76
N GLU A 827 63.80 -20.78 1.47
CA GLU A 827 64.45 -19.98 0.46
C GLU A 827 63.71 -18.64 0.24
N LYS A 828 62.40 -18.74 0.05
CA LYS A 828 61.53 -17.57 -0.19
C LYS A 828 61.43 -16.71 1.07
N PHE A 829 61.40 -17.39 2.22
CA PHE A 829 61.29 -16.77 3.54
C PHE A 829 62.49 -15.85 3.85
N ALA A 830 63.65 -16.20 3.31
CA ALA A 830 64.91 -15.52 3.63
C ALA A 830 64.90 -14.07 3.15
N GLU A 831 64.58 -13.91 1.87
CA GLU A 831 64.64 -12.59 1.23
C GLU A 831 63.46 -11.71 1.61
N LEU A 832 62.33 -12.35 1.95
CA LEU A 832 61.13 -11.59 2.34
C LEU A 832 61.35 -10.68 3.54
N GLN A 833 62.22 -11.09 4.47
CA GLN A 833 62.66 -10.25 5.61
C GLN A 833 63.23 -8.93 5.09
N THR A 834 63.99 -9.03 4.01
CA THR A 834 64.73 -7.90 3.48
C THR A 834 63.81 -6.86 2.83
N ILE A 835 62.64 -7.29 2.35
CA ILE A 835 61.72 -6.35 1.71
C ILE A 835 61.19 -5.38 2.76
N ARG A 836 61.36 -4.08 2.52
CA ARG A 836 61.09 -3.07 3.54
C ARG A 836 59.84 -2.27 3.22
N LEU A 837 58.79 -2.51 4.01
CA LEU A 837 57.53 -1.76 3.92
C LEU A 837 57.50 -0.69 4.99
N PRO A 838 56.61 0.31 4.85
CA PRO A 838 56.52 1.32 5.91
C PRO A 838 55.86 0.78 7.18
N ALA A 839 56.21 1.39 8.31
CA ALA A 839 55.65 1.00 9.62
C ALA A 839 54.13 1.17 9.62
N ASP A 840 53.44 0.27 10.32
CA ASP A 840 51.99 0.29 10.44
C ASP A 840 51.47 1.63 10.98
N ARG A 841 52.23 2.25 11.88
CA ARG A 841 51.87 3.56 12.47
C ARG A 841 51.99 4.66 11.42
N LYS A 842 53.02 4.54 10.58
CA LYS A 842 53.28 5.52 9.52
C LYS A 842 52.17 5.54 8.46
N ILE A 843 51.53 4.39 8.22
CA ILE A 843 50.43 4.32 7.26
C ILE A 843 49.23 5.08 7.81
N GLN A 844 49.04 5.01 9.12
CA GLN A 844 47.95 5.72 9.77
C GLN A 844 48.27 7.23 9.85
N ASP A 845 49.55 7.57 9.98
CA ASP A 845 49.96 8.98 9.92
C ASP A 845 49.65 9.51 8.54
N TYR A 846 50.05 8.76 7.52
CA TYR A 846 49.73 9.11 6.13
C TYR A 846 48.23 9.28 5.90
N ARG A 847 47.45 8.32 6.41
CA ARG A 847 46.01 8.31 6.24
C ARG A 847 45.32 9.53 6.92
N SER A 848 45.72 9.82 8.16
CA SER A 848 45.18 10.96 8.94
C SER A 848 45.55 12.29 8.30
N ALA A 849 46.74 12.33 7.71
CA ALA A 849 47.21 13.50 7.01
C ALA A 849 46.39 13.71 5.74
N TYR A 850 46.12 12.61 5.03
CA TYR A 850 45.31 12.61 3.81
C TYR A 850 43.93 13.18 4.10
N ASN A 851 43.32 12.69 5.19
CA ASN A 851 42.03 13.20 5.64
C ASN A 851 42.09 14.67 6.04
N ASP A 852 43.10 15.03 6.82
CA ASP A 852 43.31 16.42 7.27
C ASP A 852 43.50 17.37 6.12
N ILE A 853 43.96 16.88 4.98
CA ILE A 853 44.11 17.72 3.80
C ILE A 853 42.77 17.81 3.06
N ARG A 854 42.18 16.67 2.71
CA ARG A 854 40.91 16.66 2.00
C ARG A 854 39.81 17.48 2.70
N ASP A 855 39.76 17.39 4.03
CA ASP A 855 38.78 18.15 4.80
C ASP A 855 39.04 19.66 4.72
N TRP A 856 40.32 20.05 4.78
CA TRP A 856 40.69 21.45 4.61
C TRP A 856 40.29 21.92 3.23
N GLN A 857 40.45 21.05 2.24
CA GLN A 857 40.07 21.38 0.88
C GLN A 857 38.57 21.60 0.76
N ARG A 858 37.78 20.80 1.49
CA ARG A 858 36.32 20.95 1.47
C ARG A 858 35.89 22.29 2.10
N ARG A 859 36.75 22.88 2.94
CA ARG A 859 36.50 24.18 3.58
C ARG A 859 37.18 25.32 2.82
N TRP A 873 45.03 23.26 -7.29
CA TRP A 873 44.29 22.21 -6.58
C TRP A 873 43.15 21.58 -7.39
N ASP A 874 42.80 22.21 -8.53
CA ASP A 874 41.82 21.68 -9.49
C ASP A 874 42.20 20.30 -10.06
N ASP A 875 43.48 19.96 -9.97
CA ASP A 875 44.07 18.81 -10.66
C ASP A 875 43.79 17.49 -9.96
N VAL A 876 43.44 17.52 -8.68
CA VAL A 876 43.61 16.34 -7.82
C VAL A 876 42.33 15.56 -7.58
N VAL A 877 42.45 14.25 -7.41
CA VAL A 877 41.32 13.39 -7.05
C VAL A 877 41.64 12.61 -5.78
N PHE A 878 40.87 12.84 -4.73
CA PHE A 878 41.02 12.08 -3.49
C PHE A 878 40.30 10.77 -3.67
N GLU A 879 40.85 9.67 -3.16
CA GLU A 879 40.19 8.37 -3.20
C GLU A 879 39.36 8.25 -1.94
N VAL A 880 38.10 8.63 -1.99
CA VAL A 880 37.23 8.53 -0.82
C VAL A 880 36.88 7.07 -0.52
N ASP A 881 36.54 6.32 -1.56
CA ASP A 881 36.08 4.95 -1.41
C ASP A 881 37.19 4.05 -0.90
N LEU A 882 38.40 4.21 -1.46
CA LEU A 882 39.54 3.46 -0.95
C LEU A 882 39.88 3.86 0.47
N LEU A 883 39.75 5.16 0.78
CA LEU A 883 40.04 5.68 2.09
C LEU A 883 39.11 5.02 3.10
N LYS A 884 37.82 5.17 2.85
CA LYS A 884 36.78 4.57 3.67
C LYS A 884 36.90 3.03 3.69
N SER A 885 37.25 2.48 4.84
CA SER A 885 37.46 1.04 5.01
C SER A 885 37.86 0.74 6.47
N ASN B 12 -42.17 -14.90 -4.09
CA ASN B 12 -42.30 -14.59 -2.65
C ASN B 12 -41.52 -15.57 -1.79
N ASN B 13 -40.27 -15.82 -2.21
CA ASN B 13 -39.34 -16.72 -1.52
C ASN B 13 -38.59 -16.00 -0.37
N PHE B 14 -39.30 -15.06 0.24
CA PHE B 14 -38.74 -14.16 1.20
C PHE B 14 -38.12 -14.90 2.36
N ILE B 15 -36.99 -14.39 2.85
CA ILE B 15 -36.29 -14.97 3.99
C ILE B 15 -36.69 -14.30 5.29
N VAL B 16 -37.37 -13.15 5.20
CA VAL B 16 -38.03 -12.56 6.38
C VAL B 16 -39.53 -12.81 6.28
N LEU B 17 -40.05 -13.66 7.16
CA LEU B 17 -41.34 -14.30 6.99
C LEU B 17 -42.56 -13.42 7.31
N ASP B 18 -43.58 -13.51 6.46
CA ASP B 18 -44.87 -12.87 6.74
C ASP B 18 -45.56 -13.60 7.88
N LYS B 19 -45.74 -14.90 7.73
CA LYS B 19 -46.28 -15.70 8.83
C LYS B 19 -45.45 -16.96 9.05
N TYR B 20 -45.36 -17.33 10.31
CA TYR B 20 -44.53 -18.44 10.71
C TYR B 20 -45.16 -19.14 11.92
N ILE B 21 -45.27 -20.45 11.82
CA ILE B 21 -45.95 -21.27 12.84
C ILE B 21 -44.93 -21.70 13.89
N LYS B 22 -45.16 -21.26 15.13
CA LYS B 22 -44.21 -21.50 16.20
C LYS B 22 -44.01 -22.99 16.47
N ALA B 23 -42.77 -23.41 16.75
CA ALA B 23 -42.49 -24.81 17.05
C ALA B 23 -42.98 -25.18 18.45
N GLU B 24 -42.92 -26.47 18.78
CA GLU B 24 -43.35 -26.99 20.08
C GLU B 24 -42.17 -27.62 20.80
N PRO B 25 -42.03 -27.37 22.12
CA PRO B 25 -40.94 -28.01 22.88
C PRO B 25 -41.03 -29.54 22.86
N THR B 26 -39.88 -30.21 22.75
CA THR B 26 -39.84 -31.69 22.70
C THR B 26 -40.13 -32.34 24.06
N GLY B 27 -40.17 -31.54 25.12
CA GLY B 27 -40.49 -32.03 26.44
C GLY B 27 -39.26 -32.59 27.13
N ASP B 28 -38.19 -32.74 26.36
CA ASP B 28 -36.93 -33.16 26.95
C ASP B 28 -36.37 -31.96 27.69
N SER B 29 -35.46 -32.21 28.62
CA SER B 29 -34.92 -31.13 29.44
C SER B 29 -34.36 -29.98 28.58
N TYR B 30 -34.82 -28.76 28.85
CA TYR B 30 -34.27 -27.56 28.21
C TYR B 30 -33.83 -26.62 29.35
N GLN B 31 -32.65 -26.86 29.90
CA GLN B 31 -32.15 -26.02 31.00
C GLN B 31 -30.66 -25.73 30.88
N SER B 32 -29.85 -26.77 30.87
CA SER B 32 -28.40 -26.63 30.69
C SER B 32 -28.04 -26.38 29.23
N GLU B 33 -26.86 -25.78 29.03
CA GLU B 33 -26.30 -25.56 27.71
C GLU B 33 -26.16 -26.85 26.96
N SER B 34 -25.91 -27.95 27.67
CA SER B 34 -25.87 -29.31 27.06
C SER B 34 -27.19 -29.66 26.38
N ASP B 35 -28.30 -29.29 27.02
CA ASP B 35 -29.62 -29.50 26.47
C ASP B 35 -29.86 -28.66 25.22
N LEU B 36 -29.59 -27.36 25.35
CA LEU B 36 -29.78 -26.42 24.25
C LEU B 36 -28.93 -26.84 23.03
N GLU B 37 -27.72 -27.30 23.33
CA GLU B 37 -26.80 -27.75 22.28
C GLU B 37 -27.28 -29.03 21.61
N ARG B 38 -27.74 -29.97 22.44
CA ARG B 38 -28.33 -31.19 21.94
C ARG B 38 -29.42 -30.89 20.89
N GLU B 39 -30.42 -30.13 21.31
CA GLU B 39 -31.54 -29.83 20.42
C GLU B 39 -31.15 -28.90 19.26
N LEU B 40 -30.13 -28.06 19.44
CA LEU B 40 -29.66 -27.18 18.37
C LEU B 40 -29.06 -27.99 17.24
N ILE B 41 -28.15 -28.89 17.61
CA ILE B 41 -27.46 -29.73 16.64
C ILE B 41 -28.51 -30.59 15.92
N GLN B 42 -29.44 -31.12 16.71
CA GLN B 42 -30.52 -31.95 16.17
C GLN B 42 -31.35 -31.18 15.14
N ASP B 43 -31.79 -29.98 15.52
CA ASP B 43 -32.65 -29.18 14.66
C ASP B 43 -31.92 -28.80 13.36
N LEU B 44 -30.67 -28.36 13.51
CA LEU B 44 -29.87 -27.95 12.35
C LEU B 44 -29.72 -29.13 11.42
N ARG B 45 -29.46 -30.29 12.00
CA ARG B 45 -29.33 -31.52 11.24
C ARG B 45 -30.62 -31.86 10.47
N ASN B 46 -31.77 -31.60 11.09
CA ASN B 46 -33.02 -31.86 10.41
C ASN B 46 -33.21 -30.90 9.25
N GLN B 47 -32.61 -29.73 9.35
CA GLN B 47 -32.73 -28.69 8.32
C GLN B 47 -31.61 -28.75 7.27
N GLY B 48 -30.85 -29.84 7.26
CA GLY B 48 -29.87 -30.12 6.18
C GLY B 48 -28.40 -29.82 6.44
N TYR B 49 -28.03 -29.68 7.71
CA TYR B 49 -26.64 -29.43 8.11
C TYR B 49 -25.97 -30.73 8.58
N GLU B 50 -24.98 -31.23 7.82
CA GLU B 50 -24.25 -32.45 8.19
C GLU B 50 -23.40 -32.22 9.45
N PHE B 51 -23.61 -33.03 10.47
CA PHE B 51 -22.79 -32.95 11.67
C PHE B 51 -21.54 -33.76 11.45
N ILE B 52 -20.37 -33.14 11.51
CA ILE B 52 -19.10 -33.87 11.41
C ILE B 52 -18.26 -33.68 12.66
N SER B 53 -17.20 -34.48 12.78
CA SER B 53 -16.27 -34.35 13.91
C SER B 53 -14.92 -33.81 13.47
N VAL B 54 -14.58 -32.62 13.95
CA VAL B 54 -13.31 -32.00 13.66
C VAL B 54 -12.61 -31.69 14.98
N LYS B 55 -11.52 -32.39 15.24
CA LYS B 55 -10.81 -32.27 16.50
C LYS B 55 -9.59 -31.34 16.42
N SER B 56 -9.35 -30.74 15.24
CA SER B 56 -8.10 -30.01 15.02
C SER B 56 -8.13 -29.08 13.84
N GLN B 57 -7.17 -28.18 13.80
CA GLN B 57 -6.94 -27.34 12.63
C GLN B 57 -6.71 -28.18 11.37
N SER B 58 -6.06 -29.33 11.52
CA SER B 58 -5.76 -30.23 10.41
C SER B 58 -7.00 -30.91 9.81
N ALA B 59 -7.83 -31.48 10.69
CA ALA B 59 -9.05 -32.13 10.26
C ALA B 59 -9.95 -31.12 9.54
N MET B 60 -9.94 -29.91 10.08
CA MET B 60 -10.69 -28.82 9.50
C MET B 60 -10.20 -28.47 8.11
N LEU B 61 -8.87 -28.36 7.99
CA LEU B 61 -8.25 -28.02 6.71
C LEU B 61 -8.52 -29.07 5.66
N ALA B 62 -8.50 -30.33 6.08
CA ALA B 62 -8.75 -31.44 5.18
C ALA B 62 -10.17 -31.36 4.65
N ASN B 63 -11.10 -31.06 5.57
CA ASN B 63 -12.49 -30.84 5.21
C ASN B 63 -12.60 -29.70 4.18
N VAL B 64 -11.96 -28.58 4.46
CA VAL B 64 -12.02 -27.46 3.52
C VAL B 64 -11.51 -27.89 2.17
N ARG B 65 -10.44 -28.68 2.12
CA ARG B 65 -9.91 -29.10 0.82
C ARG B 65 -10.96 -29.89 0.09
N GLU B 66 -11.68 -30.76 0.79
CA GLU B 66 -12.72 -31.57 0.13
C GLU B 66 -13.82 -30.69 -0.41
N GLN B 67 -14.32 -29.77 0.40
CA GLN B 67 -15.45 -28.94 0.01
C GLN B 67 -15.09 -27.95 -1.10
N LEU B 68 -13.96 -27.29 -1.00
CA LEU B 68 -13.55 -26.37 -2.05
C LEU B 68 -13.25 -27.09 -3.36
N GLN B 69 -12.68 -28.29 -3.26
CA GLN B 69 -12.36 -29.11 -4.43
C GLN B 69 -13.64 -29.51 -5.11
N ASN B 70 -14.58 -29.99 -4.31
CA ASN B 70 -15.92 -30.34 -4.78
C ASN B 70 -16.59 -29.16 -5.44
N LEU B 71 -16.61 -28.03 -4.75
CA LEU B 71 -17.26 -26.80 -5.24
C LEU B 71 -16.69 -26.33 -6.57
N ASN B 72 -15.37 -26.26 -6.69
CA ASN B 72 -14.75 -25.70 -7.89
C ASN B 72 -14.48 -26.73 -8.98
N GLY B 73 -14.66 -28.00 -8.64
CA GLY B 73 -14.50 -29.06 -9.63
C GLY B 73 -13.06 -29.21 -10.04
N VAL B 74 -12.18 -29.09 -9.05
CA VAL B 74 -10.76 -29.22 -9.31
C VAL B 74 -10.13 -30.04 -8.20
N VAL B 75 -8.90 -30.51 -8.44
CA VAL B 75 -8.13 -31.23 -7.40
C VAL B 75 -6.68 -30.75 -7.28
N PHE B 76 -6.33 -30.28 -6.08
CA PHE B 76 -4.96 -29.86 -5.77
C PHE B 76 -4.12 -31.06 -5.45
N ASN B 77 -2.83 -30.96 -5.68
CA ASN B 77 -1.90 -31.85 -4.99
C ASN B 77 -1.48 -31.26 -3.66
N ASP B 78 -0.76 -32.03 -2.87
CA ASP B 78 -0.39 -31.63 -1.53
C ASP B 78 0.41 -30.34 -1.58
N SER B 79 1.31 -30.23 -2.57
CA SER B 79 2.12 -29.02 -2.78
C SER B 79 1.23 -27.80 -3.09
N GLU B 80 0.40 -27.94 -4.13
CA GLU B 80 -0.57 -26.93 -4.58
C GLU B 80 -1.52 -26.53 -3.47
N TRP B 81 -2.06 -27.51 -2.75
CA TRP B 81 -2.96 -27.22 -1.64
C TRP B 81 -2.23 -26.48 -0.51
N ARG B 82 -0.99 -26.86 -0.22
CA ARG B 82 -0.23 -26.18 0.83
C ARG B 82 -0.01 -24.73 0.45
N ARG B 83 0.27 -24.51 -0.83
CA ARG B 83 0.49 -23.18 -1.38
C ARG B 83 -0.78 -22.33 -1.28
N PHE B 84 -1.89 -22.94 -1.63
CA PHE B 84 -3.20 -22.29 -1.61
C PHE B 84 -3.55 -21.92 -0.18
N THR B 85 -3.21 -22.78 0.76
CA THR B 85 -3.38 -22.50 2.21
C THR B 85 -2.55 -21.31 2.66
N GLU B 86 -1.28 -21.35 2.33
CA GLU B 86 -0.34 -20.39 2.87
C GLU B 86 -0.46 -18.98 2.27
N GLN B 87 -0.98 -18.90 1.05
CA GLN B 87 -1.05 -17.60 0.38
C GLN B 87 -2.42 -16.97 0.49
N TYR B 88 -3.45 -17.74 0.15
CA TYR B 88 -4.80 -17.21 -0.01
C TYR B 88 -5.61 -17.56 1.21
N LEU B 89 -5.69 -18.85 1.52
CA LEU B 89 -6.73 -19.37 2.42
C LEU B 89 -6.46 -19.10 3.92
N ASP B 90 -5.39 -19.68 4.49
CA ASP B 90 -5.05 -19.45 5.90
C ASP B 90 -3.80 -18.59 6.11
N ASN B 91 -3.49 -17.74 5.15
CA ASN B 91 -2.26 -16.93 5.21
C ASN B 91 -2.01 -16.33 6.62
N PRO B 92 -0.86 -16.65 7.23
CA PRO B 92 -0.56 -16.28 8.65
C PRO B 92 -0.63 -14.78 9.01
N SER B 93 -0.32 -13.91 8.04
CA SER B 93 -0.43 -12.46 8.22
C SER B 93 -1.88 -11.96 8.33
N ASP B 94 -2.84 -12.60 7.64
CA ASP B 94 -4.26 -12.17 7.68
C ASP B 94 -4.87 -12.14 9.07
N GLY B 95 -5.61 -11.07 9.35
CA GLY B 95 -6.48 -11.04 10.54
C GLY B 95 -7.95 -11.25 10.22
N ILE B 96 -8.82 -11.02 11.20
CA ILE B 96 -10.26 -11.11 10.94
C ILE B 96 -10.65 -10.19 9.76
N LEU B 97 -10.10 -8.98 9.73
CA LEU B 97 -10.39 -8.01 8.67
C LEU B 97 -10.10 -8.62 7.30
N ASP B 98 -8.89 -9.16 7.13
CA ASP B 98 -8.45 -9.74 5.86
C ASP B 98 -9.32 -10.90 5.39
N LYS B 99 -9.63 -11.80 6.33
CA LYS B 99 -10.52 -12.93 6.08
C LYS B 99 -11.91 -12.43 5.61
N THR B 100 -12.43 -11.42 6.30
CA THR B 100 -13.73 -10.83 5.96
C THR B 100 -13.73 -10.25 4.55
N ARG B 101 -12.64 -9.56 4.19
CA ARG B 101 -12.48 -9.01 2.85
C ARG B 101 -12.44 -10.12 1.82
N LYS B 102 -11.85 -11.26 2.19
CA LYS B 102 -11.79 -12.39 1.29
C LYS B 102 -13.17 -13.03 1.12
N ILE B 103 -13.96 -13.03 2.17
CA ILE B 103 -15.32 -13.56 2.07
C ILE B 103 -16.25 -12.70 1.19
N HIS B 104 -16.31 -11.41 1.46
CA HIS B 104 -17.26 -10.53 0.80
C HIS B 104 -16.73 -9.87 -0.45
N ILE B 105 -15.50 -9.40 -0.45
CA ILE B 105 -14.98 -8.70 -1.66
C ILE B 105 -14.29 -9.62 -2.68
N ASP B 106 -13.11 -10.17 -2.36
CA ASP B 106 -12.48 -11.12 -3.29
C ASP B 106 -12.51 -12.55 -2.77
N TYR B 107 -13.57 -13.24 -3.17
CA TYR B 107 -13.82 -14.62 -2.80
C TYR B 107 -13.29 -15.56 -3.86
N ILE B 108 -12.72 -14.98 -4.91
CA ILE B 108 -12.18 -15.76 -5.98
C ILE B 108 -10.68 -15.63 -5.93
N CYS B 109 -10.00 -16.74 -5.73
CA CYS B 109 -8.55 -16.78 -5.84
C CYS B 109 -8.12 -17.23 -7.24
N ASP B 110 -7.31 -16.42 -7.91
CA ASP B 110 -6.76 -16.80 -9.20
C ASP B 110 -5.54 -17.63 -8.99
N PHE B 111 -5.67 -18.95 -9.03
CA PHE B 111 -4.60 -19.84 -8.62
C PHE B 111 -3.88 -20.45 -9.80
N ILE B 112 -2.55 -20.37 -9.79
CA ILE B 112 -1.73 -21.00 -10.78
C ILE B 112 -1.27 -22.35 -10.26
N PHE B 113 -1.68 -23.42 -10.93
CA PHE B 113 -1.29 -24.78 -10.54
C PHE B 113 0.16 -25.08 -10.92
N ASP B 114 0.65 -26.25 -10.55
CA ASP B 114 2.05 -26.58 -10.77
C ASP B 114 2.37 -26.67 -12.24
N ASP B 115 1.36 -26.96 -13.05
CA ASP B 115 1.49 -27.07 -14.51
C ASP B 115 1.23 -25.71 -15.21
N GLU B 116 1.04 -24.65 -14.41
CA GLU B 116 1.03 -23.27 -14.89
C GLU B 116 -0.35 -22.77 -15.40
N ARG B 117 -1.37 -23.62 -15.38
CA ARG B 117 -2.73 -23.18 -15.78
C ARG B 117 -3.40 -22.37 -14.67
N LEU B 118 -4.36 -21.54 -15.06
CA LEU B 118 -5.08 -20.65 -14.15
C LEU B 118 -6.45 -21.21 -13.87
N GLU B 119 -6.81 -21.32 -12.60
CA GLU B 119 -8.16 -21.71 -12.21
C GLU B 119 -8.69 -20.71 -11.19
N ASN B 120 -9.98 -20.42 -11.27
CA ASN B 120 -10.62 -19.55 -10.31
C ASN B 120 -11.24 -20.37 -9.20
N ILE B 121 -10.62 -20.29 -8.03
CA ILE B 121 -11.07 -21.03 -6.87
C ILE B 121 -12.04 -20.13 -6.09
N TYR B 122 -13.27 -20.59 -5.89
CA TYR B 122 -14.29 -19.82 -5.19
C TYR B 122 -14.27 -20.28 -3.76
N LEU B 123 -14.42 -19.36 -2.83
CA LEU B 123 -14.69 -19.74 -1.45
C LEU B 123 -16.19 -20.00 -1.27
N ILE B 124 -16.99 -19.22 -2.00
CA ILE B 124 -18.44 -19.33 -1.96
C ILE B 124 -18.99 -19.17 -3.38
N ASP B 125 -20.06 -19.91 -3.73
CA ASP B 125 -20.81 -19.62 -4.97
C ASP B 125 -21.95 -18.65 -4.67
N LYS B 126 -21.79 -17.41 -5.09
CA LYS B 126 -22.79 -16.38 -4.79
C LYS B 126 -23.96 -16.35 -5.76
N LYS B 127 -23.75 -16.76 -7.01
CA LYS B 127 -24.84 -16.87 -7.98
C LYS B 127 -25.85 -17.92 -7.54
N ASN B 128 -25.37 -19.13 -7.31
CA ASN B 128 -26.25 -20.18 -6.90
C ASN B 128 -25.94 -20.58 -5.45
N LEU B 129 -26.74 -20.06 -4.52
CA LEU B 129 -26.39 -20.11 -3.11
C LEU B 129 -26.44 -21.49 -2.50
N MET B 130 -27.45 -22.27 -2.86
CA MET B 130 -27.65 -23.57 -2.20
C MET B 130 -26.61 -24.64 -2.61
N ARG B 131 -25.80 -24.38 -3.65
CA ARG B 131 -24.73 -25.31 -4.02
C ARG B 131 -23.70 -25.46 -2.92
N ASN B 132 -23.53 -24.40 -2.15
CA ASN B 132 -22.53 -24.37 -1.10
C ASN B 132 -22.84 -25.42 -0.01
N LYS B 133 -21.80 -26.04 0.52
CA LYS B 133 -21.98 -27.05 1.54
C LYS B 133 -22.03 -26.42 2.93
N VAL B 134 -23.16 -26.59 3.62
CA VAL B 134 -23.25 -26.22 5.04
C VAL B 134 -23.15 -27.45 5.97
N GLN B 135 -22.45 -27.31 7.07
CA GLN B 135 -22.29 -28.41 8.02
C GLN B 135 -21.95 -27.89 9.40
N ILE B 136 -22.08 -28.71 10.45
CA ILE B 136 -21.90 -28.20 11.82
C ILE B 136 -20.86 -29.01 12.60
N ILE B 137 -20.16 -28.32 13.49
CA ILE B 137 -19.22 -28.96 14.43
C ILE B 137 -19.50 -28.37 15.78
N GLN B 138 -18.83 -28.89 16.81
CA GLN B 138 -18.97 -28.32 18.14
C GLN B 138 -17.64 -28.10 18.81
N GLN B 139 -17.70 -27.50 20.00
CA GLN B 139 -16.55 -27.18 20.86
C GLN B 139 -15.55 -28.34 21.00
N PHE B 140 -14.26 -28.09 20.74
CA PHE B 140 -13.20 -29.14 20.86
C PHE B 140 -11.86 -28.62 21.35
N ARG B 149 -17.10 -22.91 27.98
CA ARG B 149 -17.33 -22.60 26.59
C ARG B 149 -18.13 -23.71 25.92
N TYR B 150 -19.41 -23.43 25.61
CA TYR B 150 -20.24 -24.31 24.77
C TYR B 150 -20.58 -23.58 23.45
N ASP B 151 -20.17 -24.17 22.34
CA ASP B 151 -20.32 -23.53 21.06
C ASP B 151 -20.74 -24.52 19.99
N VAL B 152 -21.60 -24.10 19.08
CA VAL B 152 -21.85 -24.85 17.85
C VAL B 152 -21.47 -23.97 16.68
N THR B 153 -20.53 -24.44 15.86
CA THR B 153 -20.06 -23.66 14.71
C THR B 153 -20.54 -24.20 13.35
N ILE B 154 -21.00 -23.29 12.51
CA ILE B 154 -21.50 -23.63 11.16
C ILE B 154 -20.44 -23.40 10.10
N LEU B 155 -20.07 -24.46 9.41
CA LEU B 155 -19.10 -24.39 8.34
C LEU B 155 -19.81 -24.25 6.99
N VAL B 156 -19.39 -23.25 6.21
CA VAL B 156 -19.81 -23.04 4.85
C VAL B 156 -18.62 -23.39 3.97
N ASN B 157 -18.77 -24.42 3.15
CA ASN B 157 -17.68 -24.99 2.38
C ASN B 157 -16.49 -25.24 3.25
N GLY B 158 -16.71 -25.68 4.47
CA GLY B 158 -15.60 -25.97 5.40
C GLY B 158 -15.16 -24.80 6.27
N LEU B 159 -15.49 -23.57 5.85
CA LEU B 159 -15.06 -22.38 6.57
C LEU B 159 -16.04 -22.02 7.66
N PRO B 160 -15.53 -21.72 8.86
CA PRO B 160 -16.37 -21.35 10.01
C PRO B 160 -16.90 -19.91 9.94
N LEU B 161 -18.01 -19.70 9.28
CA LEU B 161 -18.57 -18.35 9.16
C LEU B 161 -19.58 -17.94 10.24
N VAL B 162 -20.11 -18.90 11.00
CA VAL B 162 -21.08 -18.57 12.05
C VAL B 162 -20.77 -19.31 13.31
N GLN B 163 -20.96 -18.65 14.44
CA GLN B 163 -20.72 -19.27 15.75
C GLN B 163 -21.85 -19.01 16.72
N ILE B 164 -22.37 -20.08 17.33
CA ILE B 164 -23.46 -19.98 18.28
C ILE B 164 -23.00 -20.27 19.70
N GLU B 165 -23.01 -19.25 20.55
CA GLU B 165 -22.61 -19.41 21.95
C GLU B 165 -23.85 -19.70 22.78
N LEU B 166 -23.76 -20.68 23.67
CA LEU B 166 -24.92 -21.19 24.37
C LEU B 166 -24.67 -21.10 25.84
N LYS B 167 -25.61 -20.44 26.54
CA LYS B 167 -25.59 -20.37 27.98
C LYS B 167 -26.85 -21.02 28.53
N LYS B 168 -26.85 -21.30 29.84
CA LYS B 168 -28.00 -21.98 30.45
C LYS B 168 -29.18 -21.01 30.53
N ARG B 169 -30.34 -21.51 30.96
CA ARG B 169 -31.59 -20.78 30.79
C ARG B 169 -31.70 -19.55 31.69
N GLY B 170 -31.13 -19.62 32.89
CA GLY B 170 -31.22 -18.51 33.87
C GLY B 170 -30.22 -17.37 33.72
N VAL B 171 -29.44 -17.39 32.64
CA VAL B 171 -28.30 -16.49 32.48
C VAL B 171 -28.71 -15.25 31.71
N ALA B 172 -28.25 -14.09 32.18
CA ALA B 172 -28.51 -12.82 31.50
C ALA B 172 -27.67 -12.75 30.25
N ILE B 173 -28.35 -12.65 29.11
CA ILE B 173 -27.71 -12.77 27.81
C ILE B 173 -26.75 -11.61 27.59
N ARG B 174 -27.04 -10.48 28.23
CA ARG B 174 -26.21 -9.28 28.10
C ARG B 174 -24.87 -9.45 28.82
N GLU B 175 -24.87 -10.02 30.01
CA GLU B 175 -23.65 -10.23 30.77
C GLU B 175 -22.81 -11.23 30.02
N ALA B 176 -23.46 -12.28 29.51
CA ALA B 176 -22.76 -13.28 28.70
C ALA B 176 -22.17 -12.67 27.44
N PHE B 177 -22.83 -11.62 26.93
CA PHE B 177 -22.30 -10.84 25.81
C PHE B 177 -21.16 -9.98 26.28
N ASN B 178 -21.15 -9.59 27.55
CA ASN B 178 -20.09 -8.74 28.06
C ASN B 178 -18.83 -9.56 28.20
N GLN B 179 -18.82 -10.47 29.18
CA GLN B 179 -17.99 -11.67 29.17
C GLN B 179 -16.90 -11.71 28.09
N ILE B 180 -17.08 -12.54 27.06
CA ILE B 180 -16.28 -12.46 25.82
C ILE B 180 -16.93 -11.41 24.94
N HIS B 181 -16.30 -11.07 23.82
CA HIS B 181 -16.74 -9.97 22.93
C HIS B 181 -16.47 -8.55 23.48
N ARG B 182 -16.41 -8.38 24.80
CA ARG B 182 -15.66 -7.24 25.41
C ARG B 182 -15.08 -7.58 26.82
N TYR B 183 -13.80 -7.97 26.80
CA TYR B 183 -13.11 -8.68 27.91
C TYR B 183 -11.67 -8.73 27.47
N SER B 184 -11.53 -9.23 26.24
CA SER B 184 -11.00 -8.47 25.08
C SER B 184 -10.29 -9.32 24.01
N LYS B 185 -10.13 -8.70 22.83
CA LYS B 185 -9.72 -9.34 21.56
C LYS B 185 -8.90 -10.65 21.59
N GLU B 186 -9.33 -11.62 22.41
CA GLU B 186 -8.59 -12.88 22.68
C GLU B 186 -7.77 -13.39 21.49
N SER B 187 -6.48 -13.62 21.72
CA SER B 187 -5.51 -13.86 20.65
C SER B 187 -5.95 -14.96 19.71
N PHE B 188 -5.13 -15.19 18.70
CA PHE B 188 -5.38 -16.28 17.76
C PHE B 188 -4.12 -17.10 17.62
N ASN B 189 -4.18 -18.34 18.09
CA ASN B 189 -3.07 -19.27 17.99
C ASN B 189 -2.96 -19.83 16.57
N SER B 190 -2.00 -20.72 16.36
CA SER B 190 -1.87 -21.39 15.07
C SER B 190 -2.95 -22.47 14.86
N GLU B 191 -3.49 -23.01 15.97
CA GLU B 191 -4.56 -24.02 15.91
C GLU B 191 -5.97 -23.40 15.95
N ASN B 192 -6.08 -22.12 16.27
CA ASN B 192 -7.36 -21.40 16.19
C ASN B 192 -7.55 -20.63 14.86
N SER B 193 -6.63 -20.83 13.92
CA SER B 193 -6.42 -19.88 12.83
C SER B 193 -7.64 -19.65 11.94
N LEU B 194 -8.21 -20.74 11.44
CA LEU B 194 -9.40 -20.69 10.57
C LEU B 194 -10.59 -19.92 11.15
N PHE B 195 -10.66 -19.79 12.48
CA PHE B 195 -11.78 -19.13 13.13
C PHE B 195 -11.76 -17.61 12.92
N LYS B 196 -10.67 -17.10 12.37
CA LYS B 196 -10.65 -15.73 11.91
C LYS B 196 -11.65 -15.50 10.77
N TYR B 197 -12.13 -16.57 10.11
CA TYR B 197 -13.17 -16.43 9.06
C TYR B 197 -14.59 -16.08 9.54
N LEU B 198 -14.83 -16.10 10.84
CA LEU B 198 -16.18 -15.87 11.38
C LEU B 198 -16.80 -14.56 10.88
N GLN B 199 -17.95 -14.68 10.25
CA GLN B 199 -18.74 -13.51 9.88
C GLN B 199 -19.73 -13.15 10.96
N LEU B 200 -20.36 -14.14 11.59
CA LEU B 200 -21.61 -13.88 12.32
C LEU B 200 -21.68 -14.58 13.66
N PHE B 201 -22.08 -13.86 14.68
CA PHE B 201 -22.18 -14.47 16.02
C PHE B 201 -23.62 -14.55 16.42
N VAL B 202 -23.95 -15.58 17.17
CA VAL B 202 -25.30 -15.75 17.70
C VAL B 202 -25.16 -16.27 19.12
N ILE B 203 -25.74 -15.57 20.07
CA ILE B 203 -25.60 -15.94 21.48
C ILE B 203 -27.02 -16.19 22.02
N SER B 204 -27.20 -17.26 22.80
CA SER B 204 -28.54 -17.61 23.29
C SER B 204 -28.55 -18.28 24.68
N ASN B 205 -29.55 -17.93 25.50
CA ASN B 205 -29.87 -18.70 26.72
C ASN B 205 -31.10 -19.54 26.48
N GLY B 206 -31.59 -19.52 25.24
CA GLY B 206 -32.74 -20.34 24.85
C GLY B 206 -34.04 -19.57 24.92
N THR B 207 -34.17 -18.72 25.94
CA THR B 207 -35.27 -17.78 26.04
C THR B 207 -35.09 -16.70 24.98
N ASP B 208 -33.85 -16.21 24.88
CA ASP B 208 -33.51 -15.11 23.99
C ASP B 208 -32.28 -15.45 23.14
N THR B 209 -32.30 -15.07 21.86
CA THR B 209 -31.26 -15.42 20.93
C THR B 209 -30.94 -14.17 20.13
N ARG B 210 -29.72 -13.67 20.30
CA ARG B 210 -29.29 -12.47 19.59
C ARG B 210 -28.13 -12.71 18.62
N TYR B 211 -28.24 -12.16 17.39
CA TYR B 211 -27.16 -12.28 16.41
C TYR B 211 -26.52 -10.94 16.10
N PHE B 212 -25.28 -10.96 15.61
CA PHE B 212 -24.52 -9.74 15.39
C PHE B 212 -23.24 -10.04 14.65
N ALA B 213 -22.62 -9.03 14.07
CA ALA B 213 -21.45 -9.20 13.19
C ALA B 213 -20.15 -9.32 13.96
N ASN B 214 -19.18 -10.00 13.36
CA ASN B 214 -17.84 -10.04 13.92
C ASN B 214 -17.16 -8.72 13.63
N THR B 215 -16.64 -8.10 14.68
CA THR B 215 -15.92 -6.83 14.58
C THR B 215 -14.52 -7.00 13.99
N THR B 216 -14.23 -6.26 12.92
CA THR B 216 -12.98 -6.35 12.20
C THR B 216 -11.96 -5.49 12.92
N LYS B 217 -12.01 -4.17 12.66
CA LYS B 217 -11.19 -3.19 13.38
C LYS B 217 -11.31 -3.49 14.86
N ARG B 218 -10.35 -3.02 15.66
CA ARG B 218 -10.34 -3.34 17.09
C ARG B 218 -11.33 -2.44 17.85
N ASP B 219 -12.55 -2.34 17.32
CA ASP B 219 -13.61 -1.49 17.89
C ASP B 219 -14.56 -2.28 18.83
N ALA B 220 -15.44 -3.11 18.26
CA ALA B 220 -16.31 -4.03 19.02
C ALA B 220 -17.56 -3.33 19.57
N ASN B 221 -18.66 -3.40 18.82
CA ASN B 221 -19.89 -2.72 19.16
C ASN B 221 -20.38 -3.19 20.53
N SER B 222 -21.24 -2.40 21.14
CA SER B 222 -21.88 -2.78 22.39
C SER B 222 -23.04 -3.71 22.17
N PHE B 223 -23.64 -4.12 23.29
CA PHE B 223 -24.78 -5.01 23.27
C PHE B 223 -25.98 -4.43 22.49
N ASP B 224 -26.07 -3.10 22.43
CA ASP B 224 -27.20 -2.40 21.79
C ASP B 224 -27.29 -2.66 20.26
N PHE B 225 -26.20 -3.13 19.65
CA PHE B 225 -26.20 -3.42 18.24
C PHE B 225 -26.62 -4.84 17.91
N THR B 226 -26.74 -5.70 18.93
CA THR B 226 -27.22 -7.07 18.75
C THR B 226 -28.71 -7.01 18.55
N MET B 227 -29.26 -8.00 17.86
CA MET B 227 -30.70 -8.01 17.54
C MET B 227 -31.27 -9.42 17.47
N ASN B 228 -32.56 -9.55 17.78
CA ASN B 228 -33.29 -10.81 17.59
C ASN B 228 -33.69 -10.90 16.14
N TRP B 229 -33.83 -12.11 15.64
CA TRP B 229 -34.43 -12.30 14.31
C TRP B 229 -35.92 -11.93 14.41
N ALA B 230 -36.58 -11.74 13.26
CA ALA B 230 -37.98 -11.31 13.28
C ALA B 230 -38.74 -11.67 12.03
N LYS B 231 -40.02 -11.31 12.04
CA LYS B 231 -40.93 -11.47 10.90
C LYS B 231 -41.08 -10.15 10.21
N SER B 232 -41.82 -10.12 9.12
CA SER B 232 -41.96 -8.89 8.35
C SER B 232 -42.73 -7.80 9.11
N ASP B 233 -43.52 -8.18 10.10
CA ASP B 233 -44.21 -7.19 10.94
C ASP B 233 -43.29 -6.76 12.11
N ASN B 234 -42.04 -7.22 12.07
CA ASN B 234 -41.02 -6.83 13.02
C ASN B 234 -41.29 -7.32 14.44
N THR B 235 -42.16 -8.33 14.58
CA THR B 235 -42.38 -8.99 15.87
C THR B 235 -41.21 -9.95 16.11
N LEU B 236 -40.61 -9.83 17.29
CA LEU B 236 -39.40 -10.53 17.63
C LEU B 236 -39.58 -12.05 17.60
N ILE B 237 -38.51 -12.76 17.20
CA ILE B 237 -38.39 -14.21 17.36
C ILE B 237 -37.25 -14.52 18.36
N LYS B 238 -37.63 -14.82 19.59
CA LYS B 238 -36.70 -14.81 20.72
C LYS B 238 -36.07 -16.16 21.02
N ASP B 239 -36.84 -17.23 20.99
CA ASP B 239 -36.34 -18.52 21.48
C ASP B 239 -35.52 -19.33 20.46
N LEU B 240 -34.53 -20.05 20.99
CA LEU B 240 -33.53 -20.72 20.15
C LEU B 240 -34.13 -21.66 19.13
N LYS B 241 -35.21 -22.33 19.50
CA LYS B 241 -35.84 -23.29 18.59
C LYS B 241 -36.43 -22.57 17.39
N ASP B 242 -37.16 -21.47 17.64
CA ASP B 242 -37.79 -20.74 16.55
C ASP B 242 -36.75 -19.93 15.76
N PHE B 243 -35.77 -19.36 16.47
CA PHE B 243 -34.65 -18.71 15.81
C PHE B 243 -34.00 -19.69 14.83
N THR B 244 -33.79 -20.92 15.29
CA THR B 244 -33.12 -21.96 14.53
C THR B 244 -33.96 -22.29 13.32
N ALA B 245 -35.24 -22.52 13.56
CA ALA B 245 -36.14 -22.93 12.49
C ALA B 245 -36.29 -21.87 11.39
N THR B 246 -36.01 -20.60 11.70
CA THR B 246 -36.19 -19.51 10.75
C THR B 246 -34.84 -18.98 10.18
N CYS B 247 -34.02 -18.38 11.04
CA CYS B 247 -32.75 -17.76 10.65
C CYS B 247 -31.74 -18.76 10.12
N PHE B 248 -31.76 -19.97 10.72
CA PHE B 248 -30.78 -20.99 10.39
C PHE B 248 -31.27 -21.95 9.31
N GLN B 249 -32.44 -21.69 8.73
CA GLN B 249 -32.82 -22.35 7.47
C GLN B 249 -31.72 -22.02 6.50
N LYS B 250 -31.15 -23.02 5.85
CA LYS B 250 -29.99 -22.79 5.00
C LYS B 250 -30.18 -21.63 4.01
N HIS B 251 -31.38 -21.52 3.42
CA HIS B 251 -31.63 -20.45 2.43
C HIS B 251 -31.56 -19.07 3.10
N THR B 252 -32.21 -18.98 4.25
CA THR B 252 -32.16 -17.79 5.11
C THR B 252 -30.72 -17.42 5.51
N LEU B 253 -30.00 -18.39 6.08
CA LEU B 253 -28.68 -18.11 6.61
C LEU B 253 -27.74 -17.65 5.52
N LEU B 254 -27.63 -18.44 4.47
CA LEU B 254 -26.68 -18.11 3.43
C LEU B 254 -27.00 -16.76 2.79
N ASN B 255 -28.28 -16.41 2.69
CA ASN B 255 -28.63 -15.11 2.12
C ASN B 255 -28.21 -14.00 3.02
N VAL B 256 -28.41 -14.19 4.33
CA VAL B 256 -27.87 -13.30 5.37
C VAL B 256 -26.34 -13.19 5.27
N LEU B 257 -25.64 -14.30 5.23
CA LEU B 257 -24.16 -14.26 5.17
C LEU B 257 -23.64 -13.56 3.94
N VAL B 258 -24.19 -13.93 2.78
CA VAL B 258 -23.73 -13.40 1.52
C VAL B 258 -24.40 -12.07 1.13
N ASN B 259 -25.72 -12.04 0.95
CA ASN B 259 -26.36 -10.86 0.33
C ASN B 259 -26.76 -9.78 1.30
N TYR B 260 -27.23 -10.12 2.49
CA TYR B 260 -27.71 -9.09 3.40
C TYR B 260 -26.71 -8.74 4.54
N SER B 261 -25.43 -9.06 4.31
CA SER B 261 -24.32 -8.46 5.01
C SER B 261 -23.60 -7.42 4.12
N VAL B 262 -23.05 -6.38 4.74
CA VAL B 262 -22.38 -5.28 4.07
C VAL B 262 -20.96 -5.13 4.59
N PHE B 263 -20.01 -4.93 3.67
CA PHE B 263 -18.60 -4.68 3.98
C PHE B 263 -18.19 -3.45 3.19
N ASP B 264 -17.98 -2.33 3.87
CA ASP B 264 -17.98 -1.02 3.21
C ASP B 264 -16.60 -0.40 3.16
N SER B 265 -16.55 0.87 2.75
CA SER B 265 -15.28 1.59 2.58
C SER B 265 -14.51 1.82 3.88
N SER B 266 -15.15 1.56 5.01
CA SER B 266 -14.51 1.69 6.29
C SER B 266 -13.91 0.36 6.71
N GLN B 267 -14.01 -0.65 5.85
CA GLN B 267 -13.54 -2.00 6.19
C GLN B 267 -14.25 -2.57 7.43
N THR B 268 -15.49 -2.13 7.66
CA THR B 268 -16.34 -2.62 8.74
C THR B 268 -17.42 -3.55 8.19
N LEU B 269 -17.66 -4.66 8.88
CA LEU B 269 -18.72 -5.57 8.51
C LEU B 269 -19.95 -5.22 9.31
N LEU B 270 -21.09 -5.21 8.64
CA LEU B 270 -22.37 -5.04 9.33
C LEU B 270 -23.36 -6.07 8.80
N VAL B 271 -24.11 -6.69 9.70
CA VAL B 271 -25.20 -7.55 9.27
C VAL B 271 -26.45 -6.70 9.29
N MET B 272 -27.23 -6.79 8.20
CA MET B 272 -28.51 -6.11 8.11
C MET B 272 -29.51 -6.67 9.12
N ARG B 273 -30.26 -5.77 9.71
CA ARG B 273 -31.25 -6.16 10.69
C ARG B 273 -32.48 -6.64 9.90
N PRO B 274 -33.36 -7.46 10.53
CA PRO B 274 -34.50 -8.08 9.86
C PRO B 274 -35.37 -7.15 9.02
N TYR B 275 -35.71 -5.99 9.56
CA TYR B 275 -36.54 -5.03 8.82
C TYR B 275 -35.88 -4.51 7.55
N GLN B 276 -34.56 -4.34 7.61
CA GLN B 276 -33.81 -3.84 6.47
C GLN B 276 -33.85 -4.87 5.36
N ILE B 277 -33.71 -6.13 5.75
CA ILE B 277 -33.74 -7.24 4.80
C ILE B 277 -35.12 -7.38 4.19
N ALA B 278 -36.16 -7.35 5.05
CA ALA B 278 -37.54 -7.49 4.59
C ALA B 278 -37.86 -6.41 3.55
N ALA B 279 -37.57 -5.18 3.89
CA ALA B 279 -37.77 -4.09 2.95
C ALA B 279 -37.07 -4.38 1.64
N THR B 280 -35.81 -4.80 1.74
CA THR B 280 -34.95 -4.89 0.57
C THR B 280 -35.46 -5.97 -0.38
N GLU B 281 -35.77 -7.13 0.18
CA GLU B 281 -36.18 -8.27 -0.64
C GLU B 281 -37.53 -8.01 -1.27
N ARG B 282 -38.40 -7.30 -0.55
CA ARG B 282 -39.67 -6.87 -1.11
C ARG B 282 -39.49 -5.87 -2.25
N ILE B 283 -38.49 -5.01 -2.17
CA ILE B 283 -38.19 -4.13 -3.28
C ILE B 283 -37.80 -4.98 -4.48
N LEU B 284 -36.91 -5.94 -4.24
CA LEU B 284 -36.36 -6.77 -5.32
C LEU B 284 -37.47 -7.56 -6.00
N TRP B 285 -38.32 -8.19 -5.20
CA TRP B 285 -39.43 -8.98 -5.73
C TRP B 285 -40.40 -8.11 -6.50
N LYS B 286 -40.62 -6.89 -6.03
CA LYS B 286 -41.44 -5.97 -6.76
C LYS B 286 -40.87 -5.70 -8.14
N ILE B 287 -39.55 -5.55 -8.24
CA ILE B 287 -38.92 -5.29 -9.52
C ILE B 287 -39.11 -6.49 -10.45
N LYS B 288 -38.82 -7.69 -9.93
CA LYS B 288 -38.89 -8.92 -10.73
C LYS B 288 -40.33 -9.16 -11.25
N SER B 289 -41.27 -9.11 -10.32
CA SER B 289 -42.68 -9.39 -10.63
C SER B 289 -43.29 -8.34 -11.58
N SER B 290 -43.02 -7.07 -11.33
CA SER B 290 -43.49 -6.01 -12.21
C SER B 290 -42.85 -6.12 -13.60
N PHE B 291 -41.61 -6.61 -13.68
CA PHE B 291 -40.94 -6.79 -14.98
C PHE B 291 -41.57 -7.90 -15.80
N THR B 292 -41.77 -9.07 -15.20
CA THR B 292 -42.36 -10.19 -15.94
C THR B 292 -43.84 -9.96 -16.29
N ALA B 293 -44.48 -9.01 -15.62
CA ALA B 293 -45.84 -8.59 -15.97
C ALA B 293 -45.87 -7.44 -16.99
N LYS B 294 -44.71 -7.02 -17.46
CA LYS B 294 -44.58 -5.88 -18.35
C LYS B 294 -45.33 -4.65 -17.82
N ASN B 295 -45.37 -4.50 -16.50
CA ASN B 295 -46.16 -3.44 -15.86
C ASN B 295 -45.33 -2.20 -15.53
N TRP B 296 -44.10 -2.15 -16.05
CA TRP B 296 -43.20 -1.03 -15.83
C TRP B 296 -43.75 0.38 -16.11
N SER B 297 -43.13 1.37 -15.49
CA SER B 297 -43.46 2.78 -15.66
C SER B 297 -44.82 3.22 -15.13
N LYS B 298 -45.25 2.61 -14.02
CA LYS B 298 -46.45 3.04 -13.31
C LYS B 298 -46.18 2.96 -11.82
N PRO B 299 -46.95 3.69 -10.99
CA PRO B 299 -46.82 3.58 -9.53
C PRO B 299 -47.00 2.18 -8.96
N GLU B 300 -47.56 1.27 -9.74
CA GLU B 300 -47.73 -0.12 -9.32
C GLU B 300 -46.41 -0.87 -9.50
N SER B 301 -45.46 -0.27 -10.22
CA SER B 301 -44.16 -0.88 -10.49
C SER B 301 -43.23 -0.74 -9.29
N GLY B 302 -43.29 0.40 -8.61
CA GLY B 302 -42.41 0.67 -7.49
C GLY B 302 -43.06 0.49 -6.13
N GLY B 303 -42.69 1.35 -5.20
CA GLY B 303 -43.15 1.25 -3.80
C GLY B 303 -42.37 2.18 -2.88
N TYR B 304 -42.82 2.32 -1.65
CA TYR B 304 -42.06 3.11 -0.70
C TYR B 304 -41.89 2.39 0.64
N ILE B 305 -40.72 2.55 1.24
CA ILE B 305 -40.43 1.99 2.55
C ILE B 305 -40.50 3.11 3.54
N TRP B 306 -41.24 2.91 4.62
CA TRP B 306 -41.27 3.87 5.69
C TRP B 306 -40.48 3.28 6.84
N HIS B 307 -39.25 3.74 6.96
CA HIS B 307 -38.38 3.34 8.07
C HIS B 307 -38.04 4.59 8.84
N THR B 308 -38.41 4.59 10.12
CA THR B 308 -38.25 5.73 11.00
C THR B 308 -36.85 6.31 10.90
N THR B 309 -36.73 7.62 11.03
CA THR B 309 -35.45 8.27 10.82
C THR B 309 -34.37 7.72 11.81
N GLY B 310 -33.21 7.37 11.25
CA GLY B 310 -32.09 6.83 11.99
C GLY B 310 -32.09 5.32 12.15
N SER B 311 -32.96 4.65 11.41
CA SER B 311 -33.04 3.19 11.48
C SER B 311 -32.27 2.51 10.36
N GLY B 312 -31.48 3.27 9.61
CA GLY B 312 -30.58 2.68 8.63
C GLY B 312 -31.02 2.80 7.19
N LYS B 313 -31.83 3.81 6.88
CA LYS B 313 -32.32 3.99 5.51
C LYS B 313 -31.21 4.04 4.48
N THR B 314 -30.08 4.68 4.81
CA THR B 314 -29.01 4.87 3.82
C THR B 314 -28.26 3.54 3.56
N LEU B 315 -28.01 2.80 4.65
CA LEU B 315 -27.40 1.48 4.53
C LEU B 315 -28.27 0.55 3.68
N THR B 316 -29.53 0.46 4.08
CA THR B 316 -30.48 -0.40 3.43
C THR B 316 -30.68 -0.04 1.97
N SER B 317 -30.94 1.24 1.70
CA SER B 317 -31.31 1.68 0.38
C SER B 317 -30.17 1.50 -0.60
N PHE B 318 -28.96 1.79 -0.18
CA PHE B 318 -27.81 1.60 -1.07
C PHE B 318 -27.55 0.10 -1.27
N LYS B 319 -27.88 -0.70 -0.25
CA LYS B 319 -27.68 -2.14 -0.35
C LYS B 319 -28.63 -2.74 -1.37
N ALA B 320 -29.88 -2.28 -1.31
CA ALA B 320 -30.93 -2.68 -2.23
C ALA B 320 -30.58 -2.24 -3.64
N ALA B 321 -29.97 -1.06 -3.75
CA ALA B 321 -29.57 -0.52 -5.03
C ALA B 321 -28.52 -1.41 -5.64
N ARG B 322 -27.50 -1.73 -4.88
CA ARG B 322 -26.43 -2.59 -5.35
C ARG B 322 -27.02 -3.94 -5.77
N LEU B 323 -28.03 -4.42 -5.05
CA LEU B 323 -28.57 -5.76 -5.29
C LEU B 323 -29.45 -5.81 -6.52
N ALA B 324 -30.18 -4.72 -6.76
CA ALA B 324 -30.97 -4.58 -7.97
C ALA B 324 -30.12 -4.60 -9.25
N THR B 325 -28.82 -4.32 -9.14
CA THR B 325 -27.91 -4.42 -10.29
C THR B 325 -27.67 -5.87 -10.68
N GLU B 326 -27.88 -6.79 -9.75
CA GLU B 326 -27.61 -8.21 -10.01
C GLU B 326 -28.72 -8.87 -10.82
N LEU B 327 -29.83 -8.15 -11.01
CA LEU B 327 -30.91 -8.61 -11.90
C LEU B 327 -30.47 -8.49 -13.36
N ASP B 328 -30.36 -9.64 -14.02
CA ASP B 328 -29.90 -9.73 -15.41
C ASP B 328 -30.68 -8.85 -16.39
N PHE B 329 -31.95 -8.59 -16.10
CA PHE B 329 -32.80 -7.80 -17.00
C PHE B 329 -32.76 -6.31 -16.76
N ILE B 330 -32.04 -5.86 -15.72
CA ILE B 330 -31.95 -4.43 -15.39
C ILE B 330 -30.66 -3.85 -15.94
N ASP B 331 -30.79 -2.80 -16.75
CA ASP B 331 -29.64 -2.17 -17.40
C ASP B 331 -28.93 -1.17 -16.47
N LYS B 332 -29.71 -0.36 -15.75
CA LYS B 332 -29.16 0.68 -14.86
C LYS B 332 -29.94 0.83 -13.56
N VAL B 333 -29.22 0.99 -12.45
CA VAL B 333 -29.83 1.21 -11.14
C VAL B 333 -29.38 2.54 -10.59
N PHE B 334 -30.30 3.49 -10.48
CA PHE B 334 -30.00 4.81 -9.90
C PHE B 334 -30.18 4.78 -8.40
N PHE B 335 -29.10 5.12 -7.69
CA PHE B 335 -29.19 5.38 -6.25
C PHE B 335 -28.96 6.86 -6.07
N VAL B 336 -29.99 7.55 -5.60
CA VAL B 336 -30.00 9.00 -5.63
C VAL B 336 -30.38 9.53 -4.26
N VAL B 337 -29.61 10.53 -3.79
CA VAL B 337 -29.73 11.06 -2.41
C VAL B 337 -29.78 12.56 -2.45
N ASP B 338 -30.37 13.16 -1.41
CA ASP B 338 -30.38 14.63 -1.32
C ASP B 338 -29.01 15.08 -0.84
N ARG B 339 -28.42 16.04 -1.55
CA ARG B 339 -27.06 16.48 -1.25
C ARG B 339 -26.92 17.05 0.16
N LYS B 340 -28.06 17.48 0.69
CA LYS B 340 -28.19 17.95 2.06
C LYS B 340 -27.72 16.93 3.09
N ASP B 341 -27.98 15.65 2.82
CA ASP B 341 -27.71 14.55 3.76
C ASP B 341 -26.30 13.99 3.67
N LEU B 342 -25.48 14.49 2.76
CA LEU B 342 -24.12 13.97 2.63
C LEU B 342 -23.24 14.37 3.82
N ASP B 343 -22.33 13.48 4.19
CA ASP B 343 -21.31 13.75 5.22
C ASP B 343 -20.02 13.04 4.81
N TYR B 344 -19.00 13.05 5.67
CA TYR B 344 -17.71 12.52 5.26
C TYR B 344 -17.80 11.06 4.79
N GLN B 345 -18.47 10.23 5.60
CA GLN B 345 -18.43 8.79 5.45
C GLN B 345 -19.16 8.36 4.19
N THR B 346 -20.31 8.97 4.00
CA THR B 346 -21.19 8.62 2.91
C THR B 346 -20.59 9.04 1.55
N MET B 347 -19.85 10.16 1.55
CA MET B 347 -19.13 10.62 0.36
C MET B 347 -17.95 9.73 0.03
N LYS B 348 -17.28 9.28 1.08
CA LYS B 348 -16.17 8.38 0.94
C LYS B 348 -16.65 7.12 0.31
N GLU B 349 -17.86 6.68 0.70
CA GLU B 349 -18.46 5.43 0.23
C GLU B 349 -18.82 5.52 -1.23
N TYR B 350 -19.48 6.62 -1.57
CA TYR B 350 -19.98 6.83 -2.90
C TYR B 350 -18.85 7.08 -3.89
N GLN B 351 -17.67 7.45 -3.38
CA GLN B 351 -16.51 7.70 -4.25
C GLN B 351 -16.10 6.45 -5.01
N ARG B 352 -16.23 5.28 -4.35
CA ARG B 352 -15.79 4.02 -4.94
C ARG B 352 -16.64 3.63 -6.13
N PHE B 353 -17.87 4.17 -6.18
CA PHE B 353 -18.84 3.79 -7.21
C PHE B 353 -18.96 4.83 -8.29
N SER B 354 -19.24 6.07 -7.92
CA SER B 354 -19.32 7.12 -8.91
C SER B 354 -18.33 8.24 -8.56
N PRO B 355 -17.05 8.06 -8.96
CA PRO B 355 -15.97 8.95 -8.58
C PRO B 355 -16.24 10.41 -8.89
N ASP B 356 -16.15 11.26 -7.88
CA ASP B 356 -16.21 12.72 -8.04
C ASP B 356 -17.55 13.20 -8.58
N SER B 357 -18.59 12.37 -8.44
CA SER B 357 -19.90 12.71 -8.98
C SER B 357 -20.96 12.94 -7.89
N VAL B 358 -20.57 12.79 -6.62
CA VAL B 358 -21.55 12.95 -5.54
C VAL B 358 -21.11 14.07 -4.59
N ASN B 359 -21.76 15.23 -4.73
CA ASN B 359 -21.36 16.44 -3.99
C ASN B 359 -22.47 17.48 -3.97
N GLY B 360 -22.15 18.64 -3.42
CA GLY B 360 -23.10 19.72 -3.27
C GLY B 360 -23.29 20.62 -4.47
N SER B 361 -22.63 20.30 -5.59
CA SER B 361 -22.67 21.15 -6.76
C SER B 361 -23.83 20.76 -7.65
N GLU B 362 -23.98 21.51 -8.74
CA GLU B 362 -25.05 21.32 -9.68
C GLU B 362 -24.57 20.54 -10.90
N ASN B 363 -23.29 20.20 -10.97
CA ASN B 363 -22.73 19.66 -12.22
C ASN B 363 -23.26 18.30 -12.64
N THR B 364 -23.59 18.16 -13.91
CA THR B 364 -24.03 16.88 -14.46
C THR B 364 -22.92 16.08 -15.17
N ALA B 365 -21.72 16.65 -15.31
CA ALA B 365 -20.65 16.01 -16.10
C ALA B 365 -20.32 14.63 -15.60
N GLY B 366 -20.21 14.54 -14.27
CA GLY B 366 -19.89 13.29 -13.62
C GLY B 366 -20.99 12.28 -13.85
N LEU B 367 -22.22 12.75 -13.80
CA LEU B 367 -23.39 11.92 -14.08
C LEU B 367 -23.41 11.42 -15.52
N LYS B 368 -23.18 12.32 -16.46
CA LYS B 368 -23.15 11.92 -17.85
C LYS B 368 -22.06 10.90 -18.10
N ARG B 369 -20.93 11.05 -17.39
CA ARG B 369 -19.76 10.19 -17.63
C ARG B 369 -20.02 8.82 -17.07
N ASN B 370 -20.54 8.78 -15.85
CA ASN B 370 -20.82 7.52 -15.19
C ASN B 370 -21.85 6.76 -15.97
N LEU B 371 -22.77 7.52 -16.57
CA LEU B 371 -23.80 6.95 -17.47
C LEU B 371 -23.21 6.09 -18.58
N ASP B 372 -22.13 6.55 -19.23
CA ASP B 372 -21.50 5.73 -20.28
C ASP B 372 -20.32 4.96 -19.70
N LYS B 373 -20.54 3.70 -19.32
CA LYS B 373 -19.48 2.86 -18.77
C LYS B 373 -19.72 1.44 -19.25
N ASP B 374 -18.68 0.79 -19.75
CA ASP B 374 -18.79 -0.47 -20.51
C ASP B 374 -19.49 -1.56 -19.71
N ASP B 375 -18.92 -1.93 -18.57
CA ASP B 375 -19.56 -2.85 -17.65
C ASP B 375 -19.92 -2.11 -16.38
N ASN B 376 -21.13 -1.57 -16.34
CA ASN B 376 -21.62 -0.85 -15.17
C ASN B 376 -23.13 -0.75 -15.13
N LYS B 377 -23.65 -0.75 -13.91
CA LYS B 377 -25.07 -0.75 -13.64
C LYS B 377 -25.40 0.36 -12.65
N ILE B 378 -24.79 0.32 -11.46
CA ILE B 378 -25.05 1.29 -10.39
C ILE B 378 -24.64 2.69 -10.84
N ILE B 379 -25.51 3.67 -10.57
CA ILE B 379 -25.24 5.10 -10.82
C ILE B 379 -25.69 5.87 -9.58
N VAL B 380 -24.72 6.38 -8.81
CA VAL B 380 -24.99 7.11 -7.60
C VAL B 380 -24.91 8.58 -7.95
N THR B 381 -25.85 9.36 -7.40
CA THR B 381 -25.95 10.78 -7.73
C THR B 381 -26.90 11.47 -6.77
N THR B 382 -27.02 12.80 -6.90
CA THR B 382 -27.94 13.56 -6.09
C THR B 382 -29.17 13.95 -6.89
N ILE B 383 -30.29 14.09 -6.19
CA ILE B 383 -31.53 14.56 -6.75
C ILE B 383 -31.37 15.90 -7.49
N GLN B 384 -30.48 16.76 -7.02
CA GLN B 384 -30.17 18.01 -7.71
C GLN B 384 -29.57 17.73 -9.07
N LYS B 385 -28.51 16.93 -9.08
CA LYS B 385 -27.79 16.61 -10.31
C LYS B 385 -28.67 15.84 -11.30
N LEU B 386 -29.48 14.92 -10.78
CA LEU B 386 -30.42 14.17 -11.61
C LEU B 386 -31.44 15.10 -12.22
N ASN B 387 -31.96 16.03 -11.42
CA ASN B 387 -32.91 16.98 -11.93
C ASN B 387 -32.32 17.83 -13.05
N ASN B 388 -31.15 18.42 -12.82
CA ASN B 388 -30.49 19.25 -13.84
C ASN B 388 -30.22 18.45 -15.12
N LEU B 389 -29.82 17.20 -14.94
CA LEU B 389 -29.57 16.32 -16.08
C LEU B 389 -30.85 16.13 -16.89
N MET B 390 -31.94 15.77 -16.22
CA MET B 390 -33.18 15.47 -16.91
C MET B 390 -33.75 16.71 -17.56
N LYS B 391 -33.53 17.86 -16.92
CA LYS B 391 -33.92 19.12 -17.53
C LYS B 391 -33.21 19.35 -18.84
N ALA B 392 -31.89 19.34 -18.79
CA ALA B 392 -31.06 19.80 -19.91
C ALA B 392 -30.92 18.80 -21.07
N GLU B 393 -31.03 17.51 -20.77
CA GLU B 393 -30.70 16.46 -21.74
C GLU B 393 -31.94 15.63 -22.07
N SER B 394 -32.44 15.74 -23.30
CA SER B 394 -33.63 14.99 -23.72
C SER B 394 -33.31 13.78 -24.60
N ASP B 395 -32.05 13.59 -24.98
CA ASP B 395 -31.68 12.59 -25.99
C ASP B 395 -31.08 11.28 -25.44
N LEU B 396 -30.93 11.17 -24.13
CA LEU B 396 -30.13 10.12 -23.52
C LEU B 396 -30.66 8.72 -23.83
N PRO B 397 -29.75 7.78 -24.14
CA PRO B 397 -30.07 6.37 -24.38
C PRO B 397 -30.62 5.63 -23.18
N VAL B 398 -30.14 6.01 -22.00
CA VAL B 398 -30.55 5.39 -20.75
C VAL B 398 -32.05 5.53 -20.55
N TYR B 399 -32.65 6.53 -21.19
CA TYR B 399 -34.09 6.75 -21.10
C TYR B 399 -34.95 5.56 -21.53
N ASN B 400 -34.52 4.88 -22.59
CA ASN B 400 -35.25 3.71 -23.11
C ASN B 400 -34.74 2.41 -22.55
N GLN B 401 -33.75 2.49 -21.66
CA GLN B 401 -33.24 1.30 -21.00
C GLN B 401 -34.14 0.90 -19.85
N GLN B 402 -33.90 -0.30 -19.33
CA GLN B 402 -34.64 -0.81 -18.19
C GLN B 402 -33.99 -0.23 -16.93
N VAL B 403 -34.73 0.58 -16.17
CA VAL B 403 -34.10 1.41 -15.15
C VAL B 403 -34.74 1.26 -13.79
N VAL B 404 -33.93 1.27 -12.73
CA VAL B 404 -34.44 1.26 -11.37
C VAL B 404 -34.01 2.52 -10.67
N PHE B 405 -34.92 3.12 -9.91
CA PHE B 405 -34.60 4.27 -9.06
C PHE B 405 -34.82 3.91 -7.62
N ILE B 406 -33.81 4.19 -6.79
CA ILE B 406 -33.94 4.06 -5.34
C ILE B 406 -33.69 5.44 -4.74
N PHE B 407 -34.73 6.07 -4.22
CA PHE B 407 -34.62 7.42 -3.70
C PHE B 407 -34.47 7.36 -2.20
N ASP B 408 -33.26 7.68 -1.70
CA ASP B 408 -33.04 7.78 -0.25
C ASP B 408 -33.34 9.20 0.18
N GLU B 409 -34.47 9.37 0.86
CA GLU B 409 -34.84 10.62 1.55
C GLU B 409 -34.62 11.89 0.73
N CYS B 410 -35.12 11.89 -0.50
CA CYS B 410 -35.22 13.10 -1.31
C CYS B 410 -36.60 13.68 -1.07
N HIS B 411 -36.65 14.84 -0.40
CA HIS B 411 -37.88 15.33 0.22
C HIS B 411 -38.79 16.08 -0.76
N ARG B 412 -38.47 17.34 -0.95
CA ARG B 412 -39.36 18.28 -1.57
C ARG B 412 -38.61 19.10 -2.59
N SER B 413 -37.65 19.89 -2.09
CA SER B 413 -37.09 21.03 -2.80
C SER B 413 -36.91 20.85 -4.32
N GLN B 414 -36.03 19.92 -4.70
CA GLN B 414 -35.76 19.67 -6.12
C GLN B 414 -36.45 18.40 -6.61
N PHE B 415 -37.26 17.79 -5.74
CA PHE B 415 -37.82 16.46 -5.99
C PHE B 415 -39.01 16.45 -6.94
N GLY B 416 -39.84 17.50 -6.87
CA GLY B 416 -41.07 17.55 -7.66
C GLY B 416 -40.82 17.65 -9.17
N GLU B 417 -40.01 18.63 -9.55
CA GLU B 417 -39.61 18.79 -10.93
C GLU B 417 -38.91 17.52 -11.42
N ALA B 418 -38.12 16.93 -10.52
CA ALA B 418 -37.39 15.72 -10.82
C ALA B 418 -38.35 14.63 -11.21
N GLN B 419 -39.39 14.45 -10.40
CA GLN B 419 -40.43 13.46 -10.71
C GLN B 419 -41.11 13.75 -12.04
N LYS B 420 -41.31 15.04 -12.32
CA LYS B 420 -42.00 15.48 -13.51
C LYS B 420 -41.26 14.95 -14.72
N ASN B 421 -40.02 15.38 -14.90
CA ASN B 421 -39.24 14.93 -16.04
C ASN B 421 -38.85 13.45 -15.96
N LEU B 422 -38.94 12.87 -14.76
CA LEU B 422 -38.75 11.42 -14.59
C LEU B 422 -39.81 10.68 -15.41
N LYS B 423 -41.08 10.90 -15.04
CA LYS B 423 -42.21 10.27 -15.71
C LYS B 423 -42.25 10.65 -17.20
N LYS B 424 -41.83 11.88 -17.49
CA LYS B 424 -41.74 12.37 -18.85
C LYS B 424 -40.79 11.54 -19.73
N LYS B 425 -39.50 11.49 -19.36
CA LYS B 425 -38.45 10.98 -20.26
C LYS B 425 -38.05 9.51 -20.09
N PHE B 426 -38.41 8.86 -18.98
CA PHE B 426 -38.00 7.44 -18.76
C PHE B 426 -39.09 6.47 -19.17
N LYS B 427 -38.81 5.66 -20.18
CA LYS B 427 -39.82 4.77 -20.75
C LYS B 427 -40.05 3.49 -19.95
N ARG B 428 -38.98 2.85 -19.49
CA ARG B 428 -39.11 1.63 -18.68
C ARG B 428 -38.40 1.81 -17.34
N TYR B 429 -39.19 1.92 -16.26
CA TYR B 429 -38.63 2.17 -14.92
C TYR B 429 -39.42 1.59 -13.76
N TYR B 430 -38.71 1.28 -12.70
CA TYR B 430 -39.29 0.89 -11.42
C TYR B 430 -38.67 1.81 -10.38
N GLN B 431 -39.48 2.67 -9.78
CA GLN B 431 -38.94 3.64 -8.84
C GLN B 431 -39.45 3.42 -7.43
N PHE B 432 -38.52 3.47 -6.48
CA PHE B 432 -38.85 3.23 -5.08
C PHE B 432 -38.32 4.35 -4.21
N GLY B 433 -38.82 4.44 -3.00
CA GLY B 433 -38.42 5.51 -2.09
C GLY B 433 -38.33 5.05 -0.65
N PHE B 434 -37.35 5.62 0.08
CA PHE B 434 -37.22 5.40 1.52
C PHE B 434 -37.45 6.72 2.25
N THR B 435 -38.20 6.67 3.33
CA THR B 435 -38.37 7.84 4.16
C THR B 435 -38.65 7.43 5.59
N GLY B 436 -38.29 8.30 6.53
CA GLY B 436 -38.71 8.13 7.90
C GLY B 436 -39.88 9.05 8.25
N THR B 437 -40.07 10.06 7.42
CA THR B 437 -41.16 11.01 7.57
C THR B 437 -41.88 11.17 6.23
N PRO B 438 -42.90 10.34 5.97
CA PRO B 438 -43.63 10.40 4.71
C PRO B 438 -44.32 11.74 4.51
N ILE B 439 -44.63 12.05 3.25
CA ILE B 439 -45.40 13.23 2.91
C ILE B 439 -46.90 12.86 2.94
N PHE B 440 -47.62 13.49 3.87
CA PHE B 440 -49.05 13.28 4.03
C PHE B 440 -49.79 14.57 3.66
N PRO B 441 -51.09 14.47 3.27
CA PRO B 441 -51.87 15.68 2.99
C PRO B 441 -51.77 16.74 4.10
N GLU B 442 -51.62 16.31 5.35
CA GLU B 442 -51.45 17.22 6.49
C GLU B 442 -50.20 18.09 6.36
N ASN B 443 -49.05 17.47 6.11
CA ASN B 443 -47.79 18.21 5.91
C ASN B 443 -47.39 18.35 4.44
N ALA B 444 -48.33 18.06 3.54
CA ALA B 444 -48.07 18.02 2.08
C ALA B 444 -47.32 19.24 1.55
N LEU B 445 -47.67 20.43 2.03
CA LEU B 445 -47.03 21.68 1.60
C LEU B 445 -47.25 21.85 0.09
N GLY B 446 -46.18 22.02 -0.67
CA GLY B 446 -46.27 22.12 -2.13
C GLY B 446 -46.04 20.80 -2.82
N SER B 447 -45.58 19.81 -2.06
CA SER B 447 -45.10 18.54 -2.61
C SER B 447 -46.20 17.47 -2.64
N GLU B 448 -46.16 16.63 -3.68
CA GLU B 448 -47.06 15.48 -3.82
C GLU B 448 -46.74 14.46 -2.71
N THR B 449 -47.75 13.73 -2.27
CA THR B 449 -47.58 12.78 -1.16
C THR B 449 -46.79 11.53 -1.54
N THR B 450 -46.21 10.90 -0.53
CA THR B 450 -45.35 9.72 -0.71
C THR B 450 -46.13 8.62 -1.40
N ALA B 451 -47.31 8.33 -0.87
CA ALA B 451 -48.19 7.28 -1.42
C ALA B 451 -48.50 7.54 -2.87
N SER B 452 -48.79 8.80 -3.16
CA SER B 452 -49.14 9.25 -4.49
C SER B 452 -48.01 8.97 -5.49
N VAL B 453 -46.79 9.31 -5.10
CA VAL B 453 -45.63 9.19 -5.99
C VAL B 453 -45.21 7.73 -6.22
N PHE B 454 -44.96 7.01 -5.14
CA PHE B 454 -44.35 5.68 -5.21
C PHE B 454 -45.34 4.52 -5.14
N GLY B 455 -46.60 4.80 -4.84
CA GLY B 455 -47.62 3.76 -4.78
C GLY B 455 -47.73 3.12 -3.41
N ARG B 456 -47.76 1.79 -3.36
CA ARG B 456 -48.07 1.08 -2.12
C ARG B 456 -46.86 1.05 -1.24
N GLU B 457 -47.09 0.91 0.06
CA GLU B 457 -46.02 0.82 1.05
C GLU B 457 -45.58 -0.64 1.17
N LEU B 458 -44.36 -0.95 0.72
CA LEU B 458 -43.91 -2.35 0.64
C LEU B 458 -43.49 -2.95 1.98
N HIS B 459 -42.94 -2.11 2.86
CA HIS B 459 -42.62 -2.51 4.21
C HIS B 459 -42.56 -1.28 5.09
N SER B 460 -42.69 -1.46 6.40
CA SER B 460 -42.52 -0.36 7.35
C SER B 460 -41.85 -0.83 8.63
N TYR B 461 -41.05 0.07 9.19
CA TYR B 461 -40.49 -0.08 10.52
C TYR B 461 -40.76 1.28 11.10
N VAL B 462 -41.70 1.36 12.04
CA VAL B 462 -42.09 2.66 12.61
C VAL B 462 -41.40 2.97 13.94
N ILE B 463 -41.31 4.25 14.24
CA ILE B 463 -40.54 4.72 15.41
C ILE B 463 -40.83 3.96 16.72
N THR B 464 -42.09 3.63 16.98
CA THR B 464 -42.47 2.95 18.22
C THR B 464 -41.81 1.58 18.29
N ASP B 465 -41.82 0.86 17.17
CA ASP B 465 -41.15 -0.43 17.06
C ASP B 465 -39.64 -0.30 17.26
N ALA B 466 -39.06 0.74 16.67
CA ALA B 466 -37.61 0.98 16.73
C ALA B 466 -37.19 1.23 18.16
N ILE B 467 -37.97 2.06 18.87
CA ILE B 467 -37.67 2.33 20.28
C ILE B 467 -37.77 1.03 21.09
N ARG B 468 -38.80 0.24 20.78
CA ARG B 468 -39.03 -1.03 21.46
C ARG B 468 -37.84 -1.97 21.30
N ASP B 469 -37.31 -2.06 20.07
CA ASP B 469 -36.18 -2.93 19.76
C ASP B 469 -34.85 -2.32 20.21
N GLU B 470 -34.89 -1.13 20.80
CA GLU B 470 -33.71 -0.40 21.23
C GLU B 470 -32.69 -0.13 20.12
N LYS B 471 -33.16 0.13 18.91
CA LYS B 471 -32.27 0.41 17.77
C LYS B 471 -32.16 1.90 17.42
N VAL B 472 -33.00 2.67 18.10
CA VAL B 472 -33.04 4.12 18.01
C VAL B 472 -33.29 4.69 19.41
N LEU B 473 -32.53 5.69 19.82
CA LEU B 473 -32.74 6.29 21.14
C LEU B 473 -33.96 7.20 21.22
N LYS B 474 -34.49 7.35 22.44
CA LYS B 474 -35.61 8.22 22.72
C LYS B 474 -35.10 9.64 22.77
N PHE B 475 -36.01 10.60 22.95
CA PHE B 475 -35.66 12.03 23.11
C PHE B 475 -35.90 12.59 24.53
N LYS B 476 -35.07 13.53 24.96
CA LYS B 476 -35.36 14.29 26.16
C LYS B 476 -35.48 15.76 25.76
N VAL B 477 -36.66 16.33 25.89
CA VAL B 477 -36.93 17.60 25.23
C VAL B 477 -37.36 18.57 26.28
N ASP B 478 -36.70 19.71 26.36
CA ASP B 478 -37.02 20.72 27.37
C ASP B 478 -36.80 22.11 26.84
N TYR B 479 -37.78 22.97 27.04
CA TYR B 479 -37.59 24.38 26.80
C TYR B 479 -36.95 24.95 28.05
N ASN B 480 -35.87 25.67 27.87
CA ASN B 480 -35.10 26.20 28.96
C ASN B 480 -35.64 27.60 29.27
N ASP B 481 -36.40 27.70 30.35
CA ASP B 481 -36.99 28.95 30.78
C ASP B 481 -36.14 29.59 31.89
N VAL B 482 -35.14 30.36 31.46
CA VAL B 482 -34.32 31.15 32.33
C VAL B 482 -34.55 32.64 32.01
N ARG B 483 -35.28 32.95 30.94
CA ARG B 483 -35.23 34.29 30.35
C ARG B 483 -36.56 35.05 30.27
N PRO B 484 -37.04 35.58 31.42
CA PRO B 484 -38.33 36.27 31.49
C PRO B 484 -38.48 37.40 30.50
N GLN B 485 -37.42 38.16 30.26
CA GLN B 485 -37.49 39.31 29.34
C GLN B 485 -37.87 38.88 27.90
N PHE B 486 -37.27 37.79 27.44
CA PHE B 486 -37.42 37.34 26.07
C PHE B 486 -38.45 36.21 25.92
N LYS B 487 -39.10 35.82 27.02
CA LYS B 487 -40.00 34.67 27.00
C LYS B 487 -41.20 34.86 26.05
N SER B 488 -41.66 36.10 25.93
CA SER B 488 -42.75 36.39 25.03
C SER B 488 -42.40 35.98 23.61
N LEU B 489 -41.18 36.30 23.20
CA LEU B 489 -40.70 35.94 21.86
C LEU B 489 -40.52 34.43 21.72
N GLU B 490 -39.91 33.83 22.74
CA GLU B 490 -39.60 32.40 22.72
C GLU B 490 -40.85 31.50 22.70
N THR B 491 -41.99 32.01 23.16
CA THR B 491 -43.23 31.25 23.18
C THR B 491 -44.19 31.67 22.07
N GLU B 492 -43.75 32.57 21.20
CA GLU B 492 -44.61 33.15 20.15
C GLU B 492 -45.05 32.14 19.11
N THR B 493 -46.36 31.95 18.98
CA THR B 493 -46.93 31.03 17.99
C THR B 493 -47.19 31.66 16.59
N ASP B 494 -47.62 32.92 16.49
CA ASP B 494 -47.92 33.53 15.18
C ASP B 494 -46.72 33.53 14.20
N GLU B 495 -46.99 33.10 12.97
CA GLU B 495 -45.94 32.85 11.96
C GLU B 495 -45.27 34.12 11.40
N LYS B 496 -46.04 35.19 11.29
CA LYS B 496 -45.51 36.43 10.73
C LYS B 496 -44.66 37.21 11.75
N LYS B 497 -45.01 37.11 13.03
CA LYS B 497 -44.25 37.82 14.07
C LYS B 497 -42.88 37.20 14.29
N LEU B 498 -42.76 35.89 14.03
CA LEU B 498 -41.49 35.19 14.14
C LEU B 498 -40.48 35.57 13.05
N SER B 499 -40.97 35.74 11.81
CA SER B 499 -40.16 36.17 10.64
C SER B 499 -39.60 37.57 10.88
N ALA B 500 -40.43 38.43 11.46
CA ALA B 500 -40.08 39.80 11.76
C ALA B 500 -39.13 39.90 12.99
N ALA B 501 -39.10 38.85 13.80
CA ALA B 501 -38.40 38.90 15.08
C ALA B 501 -36.90 38.59 14.97
N GLU B 502 -36.40 38.36 13.76
CA GLU B 502 -34.97 38.14 13.56
C GLU B 502 -34.25 39.47 13.39
N ASN B 503 -33.62 39.93 14.47
CA ASN B 503 -32.95 41.23 14.52
C ASN B 503 -32.38 41.43 15.93
N GLN B 504 -31.51 42.42 16.06
CA GLN B 504 -30.81 42.64 17.33
C GLN B 504 -31.76 43.25 18.37
N GLN B 505 -32.94 43.65 17.92
CA GLN B 505 -33.96 44.22 18.81
C GLN B 505 -34.75 43.12 19.54
N ALA B 506 -34.89 41.95 18.93
CA ALA B 506 -35.71 40.87 19.50
C ALA B 506 -34.91 39.59 19.74
N PHE B 507 -34.81 38.74 18.74
CA PHE B 507 -34.28 37.38 18.96
C PHE B 507 -32.77 37.42 19.07
N LEU B 508 -32.14 38.30 18.29
CA LEU B 508 -30.70 38.42 18.25
C LEU B 508 -30.19 39.49 19.23
N HIS B 509 -31.04 39.87 20.16
CA HIS B 509 -30.66 40.75 21.26
C HIS B 509 -29.43 40.23 21.98
N PRO B 510 -28.45 41.10 22.21
CA PRO B 510 -27.18 40.68 22.79
C PRO B 510 -27.30 39.98 24.15
N MET B 511 -28.15 40.49 25.03
CA MET B 511 -28.35 39.87 26.34
C MET B 511 -28.97 38.48 26.28
N ARG B 512 -29.92 38.28 25.36
CA ARG B 512 -30.52 36.95 25.13
C ARG B 512 -29.45 35.99 24.72
N ILE B 513 -28.72 36.37 23.68
CA ILE B 513 -27.64 35.56 23.12
C ILE B 513 -26.58 35.29 24.17
N GLN B 514 -26.22 36.30 24.96
CA GLN B 514 -25.20 36.15 26.00
C GLN B 514 -25.64 35.16 27.06
N GLU B 515 -26.85 35.30 27.56
CA GLU B 515 -27.39 34.36 28.54
C GLU B 515 -27.47 32.92 27.98
N ILE B 516 -28.01 32.75 26.76
CA ILE B 516 -28.11 31.42 26.14
C ILE B 516 -26.74 30.81 25.95
N THR B 517 -25.85 31.52 25.28
CA THR B 517 -24.51 31.05 25.06
C THR B 517 -23.81 30.70 26.37
N GLN B 518 -24.06 31.53 27.38
CA GLN B 518 -23.50 31.32 28.70
C GLN B 518 -24.02 30.01 29.29
N TYR B 519 -25.31 29.74 29.06
CA TYR B 519 -25.91 28.46 29.45
C TYR B 519 -25.22 27.27 28.79
N ILE B 520 -25.03 27.36 27.47
CA ILE B 520 -24.45 26.26 26.72
C ILE B 520 -23.02 26.01 27.18
N LEU B 521 -22.25 27.08 27.32
CA LEU B 521 -20.89 27.00 27.91
C LEU B 521 -20.88 26.37 29.32
N ASN B 522 -21.82 26.77 30.16
CA ASN B 522 -21.90 26.27 31.54
C ASN B 522 -22.27 24.80 31.65
N ASN B 523 -23.24 24.38 30.86
CA ASN B 523 -23.79 23.04 30.95
C ASN B 523 -23.35 22.05 29.84
N PHE B 524 -22.49 22.47 28.92
CA PHE B 524 -22.04 21.60 27.83
C PHE B 524 -21.52 20.29 28.37
N ARG B 525 -20.60 20.37 29.33
CA ARG B 525 -19.94 19.18 29.82
C ARG B 525 -20.91 18.25 30.58
N GLN B 526 -21.87 18.86 31.28
CA GLN B 526 -22.88 18.11 32.02
C GLN B 526 -23.74 17.33 31.06
N LYS B 527 -24.31 18.01 30.07
CA LYS B 527 -25.11 17.37 28.99
C LYS B 527 -24.35 16.26 28.27
N THR B 528 -23.13 16.53 27.83
CA THR B 528 -22.35 15.56 27.03
C THR B 528 -21.63 14.45 27.78
N HIS B 529 -21.84 14.34 29.09
CA HIS B 529 -21.17 13.34 29.93
C HIS B 529 -19.67 13.51 29.93
N ARG B 530 -19.22 14.76 29.95
CA ARG B 530 -17.80 15.07 30.04
C ARG B 530 -17.43 15.52 31.44
N THR B 531 -18.34 15.37 32.39
CA THR B 531 -18.16 15.98 33.73
C THR B 531 -17.02 15.39 34.59
N PHE B 532 -16.40 14.30 34.12
CA PHE B 532 -15.28 13.65 34.81
C PHE B 532 -13.97 13.90 34.05
N PRO B 533 -12.84 13.29 34.46
CA PRO B 533 -11.59 13.64 33.81
C PRO B 533 -11.55 12.92 32.47
N GLY B 534 -11.48 11.59 32.49
CA GLY B 534 -11.96 10.73 31.40
C GLY B 534 -13.13 9.93 31.96
N SER B 535 -14.40 10.19 31.59
CA SER B 535 -14.89 11.09 30.54
C SER B 535 -14.81 10.51 29.12
N LYS B 536 -14.06 11.15 28.25
CA LYS B 536 -14.30 11.06 26.80
C LYS B 536 -15.70 11.58 26.51
N GLY B 537 -16.68 10.70 26.33
CA GLY B 537 -18.06 11.14 26.24
C GLY B 537 -18.50 11.61 24.87
N PHE B 538 -19.40 12.59 24.86
CA PHE B 538 -20.11 12.97 23.64
C PHE B 538 -19.91 14.43 23.28
N ASN B 539 -20.51 14.82 22.15
CA ASN B 539 -20.48 16.20 21.69
C ASN B 539 -21.85 16.64 21.18
N ALA B 540 -21.90 17.85 20.63
CA ALA B 540 -23.14 18.56 20.38
C ALA B 540 -23.23 19.34 19.06
N MET B 541 -24.44 19.71 18.71
CA MET B 541 -24.70 20.65 17.65
C MET B 541 -25.65 21.73 18.20
N LEU B 542 -25.43 22.97 17.80
CA LEU B 542 -26.43 24.03 18.00
C LEU B 542 -27.09 24.41 16.65
N ALA B 543 -28.41 24.28 16.56
CA ALA B 543 -29.11 24.67 15.36
C ALA B 543 -29.77 26.03 15.57
N VAL B 544 -29.47 26.96 14.69
CA VAL B 544 -29.94 28.32 14.86
C VAL B 544 -30.89 28.72 13.74
N SER B 545 -31.46 29.92 13.88
CA SER B 545 -32.54 30.37 12.99
C SER B 545 -32.03 30.93 11.67
N SER B 546 -30.97 31.75 11.75
CA SER B 546 -30.46 32.46 10.57
C SER B 546 -28.94 32.53 10.55
N VAL B 547 -28.43 33.02 9.44
CA VAL B 547 -26.98 33.26 9.31
C VAL B 547 -26.46 34.23 10.38
N ASP B 548 -27.25 35.27 10.63
CA ASP B 548 -26.94 36.26 11.65
C ASP B 548 -26.88 35.62 13.04
N ALA B 549 -27.81 34.71 13.31
CA ALA B 549 -27.82 34.00 14.56
C ALA B 549 -26.52 33.23 14.73
N ALA B 550 -26.15 32.48 13.70
CA ALA B 550 -24.94 31.70 13.76
C ALA B 550 -23.77 32.61 14.04
N LYS B 551 -23.72 33.72 13.31
CA LYS B 551 -22.66 34.70 13.42
C LYS B 551 -22.55 35.28 14.85
N ALA B 552 -23.72 35.57 15.41
CA ALA B 552 -23.86 36.07 16.77
C ALA B 552 -23.44 35.03 17.81
N TYR B 553 -23.77 33.76 17.57
CA TYR B 553 -23.45 32.73 18.53
C TYR B 553 -21.95 32.42 18.49
N TYR B 554 -21.40 32.29 17.30
CA TYR B 554 -19.97 32.02 17.17
C TYR B 554 -19.16 33.17 17.78
N ALA B 555 -19.67 34.39 17.60
CA ALA B 555 -19.02 35.59 18.10
C ALA B 555 -19.05 35.60 19.62
N THR B 556 -20.23 35.36 20.16
CA THR B 556 -20.45 35.39 21.59
C THR B 556 -19.73 34.25 22.33
N PHE B 557 -19.68 33.08 21.70
CA PHE B 557 -18.94 31.97 22.27
C PHE B 557 -17.47 32.33 22.45
N LYS B 558 -16.90 32.92 21.40
CA LYS B 558 -15.49 33.29 21.42
C LYS B 558 -15.17 34.33 22.50
N ARG B 559 -16.07 35.29 22.66
CA ARG B 559 -15.93 36.32 23.68
C ARG B 559 -15.96 35.73 25.09
N LEU B 560 -17.01 35.00 25.39
CA LEU B 560 -17.22 34.43 26.72
C LEU B 560 -16.15 33.41 27.06
N GLN B 561 -15.62 32.70 26.07
CA GLN B 561 -14.61 31.68 26.34
C GLN B 561 -13.26 32.32 26.67
N GLU B 562 -12.95 33.43 25.99
CA GLU B 562 -11.70 34.15 26.22
C GLU B 562 -11.77 34.99 27.50
N GLU B 563 -12.99 35.31 27.91
CA GLU B 563 -13.22 35.94 29.19
C GLU B 563 -12.82 34.99 30.33
N ALA B 564 -13.42 33.82 30.37
CA ALA B 564 -13.11 32.82 31.40
C ALA B 564 -11.66 32.32 31.31
N ALA B 565 -10.99 32.60 30.19
CA ALA B 565 -9.57 32.33 30.06
C ALA B 565 -8.76 33.21 31.01
N ASN B 566 -9.25 34.41 31.28
CA ASN B 566 -8.59 35.33 32.21
C ASN B 566 -8.88 34.86 33.63
N LYS B 567 -10.16 34.60 33.90
CA LYS B 567 -10.62 34.19 35.22
C LYS B 567 -9.92 32.93 35.72
N SER B 568 -9.47 32.08 34.81
CA SER B 568 -8.73 30.88 35.17
C SER B 568 -7.82 30.40 34.05
N ALA B 569 -6.60 30.00 34.39
CA ALA B 569 -5.77 29.28 33.45
C ALA B 569 -5.94 27.76 33.68
N THR B 570 -6.91 27.37 34.52
CA THR B 570 -7.37 25.97 34.57
C THR B 570 -8.58 25.75 33.64
N TYR B 571 -8.96 26.77 32.87
CA TYR B 571 -10.16 26.66 32.01
C TYR B 571 -9.83 25.98 30.68
N LYS B 572 -10.59 24.93 30.36
CA LYS B 572 -10.36 24.13 29.14
C LYS B 572 -11.44 24.41 28.07
N PRO B 573 -11.13 25.23 27.06
CA PRO B 573 -12.14 25.71 26.09
C PRO B 573 -12.71 24.61 25.19
N LEU B 574 -13.87 24.86 24.62
CA LEU B 574 -14.51 23.92 23.71
C LEU B 574 -14.19 24.36 22.29
N ARG B 575 -13.92 23.41 21.43
CA ARG B 575 -13.61 23.71 20.03
C ARG B 575 -14.91 23.92 19.26
N ILE B 576 -15.12 25.13 18.76
CA ILE B 576 -16.40 25.45 18.11
C ILE B 576 -16.28 25.78 16.63
N ALA B 577 -17.08 25.13 15.82
CA ALA B 577 -17.08 25.41 14.37
C ALA B 577 -18.45 25.81 13.93
N THR B 578 -18.50 26.49 12.80
CA THR B 578 -19.78 26.73 12.14
C THR B 578 -19.70 26.53 10.65
N ILE B 579 -20.84 26.21 10.04
CA ILE B 579 -20.97 26.15 8.58
C ILE B 579 -22.38 26.54 8.14
N PHE B 580 -22.44 27.46 7.16
CA PHE B 580 -23.68 28.01 6.62
C PHE B 580 -23.44 28.54 5.21
N SER B 581 -24.40 28.38 4.29
CA SER B 581 -24.16 28.68 2.87
C SER B 581 -25.24 29.46 2.14
N PHE B 582 -26.13 30.15 2.84
CA PHE B 582 -27.21 30.93 2.17
C PHE B 582 -28.16 30.11 1.28
N ALA B 583 -29.21 29.59 1.87
CA ALA B 583 -30.33 29.06 1.11
C ALA B 583 -30.83 30.04 0.04
N ILE B 591 -41.35 29.30 7.65
CA ILE B 591 -42.36 28.25 7.68
C ILE B 591 -42.25 27.42 8.97
N GLY B 592 -41.03 27.19 9.41
CA GLY B 592 -40.74 26.19 10.45
C GLY B 592 -40.02 24.98 9.85
N GLU B 593 -39.90 24.96 8.52
CA GLU B 593 -39.22 23.87 7.81
C GLU B 593 -37.70 24.17 7.73
N ILE B 594 -36.89 23.19 7.32
CA ILE B 594 -35.44 23.39 7.17
C ILE B 594 -35.12 23.66 5.70
N SER B 595 -34.59 24.85 5.44
CA SER B 595 -34.27 25.30 4.08
C SER B 595 -32.99 24.71 3.49
N ASP B 596 -33.06 24.37 2.19
CA ASP B 596 -31.91 23.87 1.46
C ASP B 596 -30.94 25.01 1.19
N GLU B 597 -29.72 24.89 1.70
CA GLU B 597 -28.65 25.80 1.34
C GLU B 597 -27.86 25.24 0.14
N THR B 598 -27.48 26.12 -0.76
CA THR B 598 -26.62 25.73 -1.86
C THR B 598 -25.21 25.58 -1.33
N PHE B 599 -24.31 25.02 -2.13
CA PHE B 599 -22.91 24.92 -1.73
C PHE B 599 -22.11 25.95 -2.50
N ASP B 600 -22.82 26.87 -3.16
CA ASP B 600 -22.19 27.99 -3.85
C ASP B 600 -22.15 29.14 -2.85
N THR B 601 -20.95 29.51 -2.42
CA THR B 601 -20.79 30.52 -1.39
C THR B 601 -20.59 31.91 -2.00
N SER B 602 -20.59 32.01 -3.34
CA SER B 602 -20.63 33.29 -4.03
C SER B 602 -22.03 33.93 -3.98
N ALA B 603 -23.03 33.14 -3.61
CA ALA B 603 -24.40 33.63 -3.55
C ALA B 603 -24.68 34.38 -2.27
N MET B 604 -23.81 34.16 -1.28
CA MET B 604 -23.99 34.77 0.05
C MET B 604 -23.67 36.26 -0.01
N ASP B 605 -24.30 37.05 0.84
CA ASP B 605 -23.94 38.48 0.97
C ASP B 605 -22.56 38.66 1.61
N SER B 606 -21.91 39.79 1.33
CA SER B 606 -20.53 40.05 1.77
C SER B 606 -20.33 39.95 3.29
N SER B 607 -21.36 40.27 4.09
CA SER B 607 -21.24 40.23 5.55
C SER B 607 -21.03 38.80 6.07
N ALA B 608 -21.88 37.89 5.59
CA ALA B 608 -21.81 36.47 5.95
C ALA B 608 -20.55 35.83 5.39
N LYS B 609 -20.27 36.10 4.13
CA LYS B 609 -19.12 35.56 3.45
C LYS B 609 -17.83 35.98 4.14
N GLU B 610 -17.80 37.21 4.66
CA GLU B 610 -16.65 37.69 5.45
C GLU B 610 -16.52 36.83 6.68
N PHE B 611 -17.64 36.62 7.36
CA PHE B 611 -17.65 35.90 8.63
C PHE B 611 -17.33 34.44 8.45
N LEU B 612 -17.89 33.82 7.42
CA LEU B 612 -17.58 32.44 7.08
C LEU B 612 -16.08 32.28 6.82
N ASP B 613 -15.52 33.19 6.03
CA ASP B 613 -14.08 33.18 5.68
C ASP B 613 -13.20 33.28 6.92
N ALA B 614 -13.60 34.12 7.86
CA ALA B 614 -12.84 34.31 9.08
C ALA B 614 -12.84 33.04 9.93
N ALA B 615 -14.02 32.43 10.05
CA ALA B 615 -14.16 31.19 10.78
C ALA B 615 -13.36 30.08 10.11
N ILE B 616 -13.43 29.98 8.78
CA ILE B 616 -12.65 29.01 8.03
C ILE B 616 -11.14 29.23 8.22
N ARG B 617 -10.70 30.49 8.28
CA ARG B 617 -9.28 30.76 8.61
C ARG B 617 -8.86 30.33 10.03
N GLU B 618 -9.67 30.65 11.04
CA GLU B 618 -9.45 30.16 12.43
C GLU B 618 -9.39 28.63 12.47
N TYR B 619 -10.33 28.01 11.75
CA TYR B 619 -10.46 26.56 11.60
C TYR B 619 -9.17 25.97 11.06
N ASN B 620 -8.67 26.63 10.01
CA ASN B 620 -7.48 26.19 9.32
C ASN B 620 -6.26 26.25 10.21
N SER B 621 -6.07 27.40 10.85
CA SER B 621 -4.93 27.58 11.74
C SER B 621 -4.99 26.60 12.89
N HIS B 622 -6.18 26.30 13.41
CA HIS B 622 -6.29 25.33 14.51
C HIS B 622 -5.99 23.92 14.04
N PHE B 623 -6.65 23.49 12.96
CA PHE B 623 -6.53 22.11 12.49
C PHE B 623 -5.42 21.89 11.49
N LYS B 624 -4.71 22.95 11.12
CA LYS B 624 -3.58 22.85 10.22
C LYS B 624 -4.09 22.34 8.87
N THR B 625 -5.20 22.91 8.41
CA THR B 625 -5.79 22.58 7.11
C THR B 625 -5.72 23.80 6.21
N ASN B 626 -5.97 23.63 4.91
CA ASN B 626 -5.69 24.68 3.94
C ASN B 626 -6.92 25.21 3.20
N PHE B 627 -8.10 24.91 3.69
CA PHE B 627 -9.36 25.18 2.93
C PHE B 627 -9.58 26.66 2.65
N SER B 628 -9.94 26.98 1.40
CA SER B 628 -10.34 28.36 1.02
C SER B 628 -11.85 28.40 0.88
N THR B 629 -12.42 29.55 0.52
CA THR B 629 -13.89 29.65 0.49
C THR B 629 -14.47 29.53 -0.92
N ASP B 630 -13.63 29.44 -1.95
CA ASP B 630 -14.17 29.09 -3.27
C ASP B 630 -14.85 27.73 -3.16
N SER B 631 -15.79 27.49 -4.06
CA SER B 631 -16.71 26.37 -3.94
C SER B 631 -15.98 25.05 -3.65
N ASN B 632 -14.82 24.84 -4.29
CA ASN B 632 -14.04 23.63 -4.06
C ASN B 632 -13.57 23.58 -2.61
N GLY B 633 -12.93 24.66 -2.17
CA GLY B 633 -12.42 24.73 -0.82
C GLY B 633 -13.52 24.61 0.19
N PHE B 634 -14.67 25.21 -0.09
CA PHE B 634 -15.82 25.11 0.80
C PHE B 634 -16.37 23.68 0.87
N GLN B 635 -16.38 22.99 -0.27
CA GLN B 635 -16.86 21.61 -0.30
C GLN B 635 -15.97 20.75 0.59
N ASN B 636 -14.68 20.95 0.44
CA ASN B 636 -13.68 20.25 1.24
C ASN B 636 -13.83 20.60 2.73
N TYR B 637 -14.16 21.85 3.01
CA TYR B 637 -14.48 22.25 4.36
C TYR B 637 -15.66 21.49 4.93
N TYR B 638 -16.69 21.31 4.10
CA TYR B 638 -17.87 20.55 4.49
C TYR B 638 -17.51 19.12 4.88
N ARG B 639 -16.69 18.49 4.04
CA ARG B 639 -16.25 17.09 4.22
C ARG B 639 -15.51 16.95 5.52
N ASP B 640 -14.46 17.77 5.65
CA ASP B 640 -13.56 17.68 6.78
C ASP B 640 -14.31 18.02 8.04
N LEU B 641 -15.20 18.99 7.93
CA LEU B 641 -16.01 19.39 9.05
C LEU B 641 -16.80 18.19 9.62
N ALA B 642 -17.56 17.53 8.75
CA ALA B 642 -18.32 16.35 9.09
C ALA B 642 -17.44 15.31 9.76
N GLN B 643 -16.29 15.03 9.20
CA GLN B 643 -15.41 14.03 9.80
C GLN B 643 -14.99 14.40 11.23
N ARG B 644 -14.64 15.66 11.46
CA ARG B 644 -14.13 16.09 12.75
C ARG B 644 -15.24 16.25 13.77
N VAL B 645 -16.45 16.55 13.30
CA VAL B 645 -17.60 16.62 14.21
C VAL B 645 -17.94 15.20 14.63
N LYS B 646 -17.80 14.27 13.72
CA LYS B 646 -18.15 12.89 14.00
C LYS B 646 -17.17 12.27 14.99
N ASN B 647 -15.89 12.62 14.88
CA ASN B 647 -14.85 12.05 15.74
C ASN B 647 -14.57 12.85 17.02
N GLN B 648 -15.33 13.91 17.23
CA GLN B 648 -15.17 14.77 18.41
C GLN B 648 -13.88 15.62 18.47
N ASP B 649 -13.38 16.07 17.32
CA ASP B 649 -12.39 17.13 17.29
C ASP B 649 -13.08 18.46 17.42
N ILE B 650 -14.39 18.43 17.26
CA ILE B 650 -15.20 19.62 17.39
C ILE B 650 -16.14 19.32 18.51
N ASP B 651 -16.31 20.26 19.40
CA ASP B 651 -17.20 19.99 20.52
C ASP B 651 -18.58 20.50 20.18
N LEU B 652 -18.67 21.64 19.53
CA LEU B 652 -19.95 22.22 19.25
C LEU B 652 -19.95 22.65 17.82
N LEU B 653 -20.91 22.17 17.04
CA LEU B 653 -21.11 22.65 15.68
C LEU B 653 -22.33 23.56 15.63
N ILE B 654 -22.08 24.84 15.40
CA ILE B 654 -23.14 25.81 15.16
C ILE B 654 -23.55 25.73 13.71
N VAL B 655 -24.84 25.58 13.47
CA VAL B 655 -25.31 25.37 12.11
C VAL B 655 -26.67 26.03 11.87
N VAL B 656 -27.08 26.15 10.62
CA VAL B 656 -28.41 26.72 10.35
C VAL B 656 -29.29 25.67 9.70
N GLY B 657 -28.98 25.32 8.45
CA GLY B 657 -29.76 24.35 7.71
C GLY B 657 -28.97 23.12 7.37
N MET B 658 -27.73 23.02 7.87
CA MET B 658 -26.83 21.96 7.44
C MET B 658 -26.64 20.88 8.50
N PHE B 659 -26.35 19.67 8.05
CA PHE B 659 -26.14 18.52 8.95
C PHE B 659 -27.33 18.25 9.89
N LEU B 660 -28.52 18.67 9.46
CA LEU B 660 -29.69 18.52 10.32
C LEU B 660 -30.56 17.40 9.85
N THR B 661 -30.24 16.78 8.73
CA THR B 661 -31.17 15.79 8.17
C THR B 661 -30.58 14.41 8.04
N GLY B 662 -29.39 14.31 7.44
CA GLY B 662 -28.76 13.02 7.22
C GLY B 662 -27.42 12.73 7.86
N PHE B 663 -26.86 13.69 8.57
CA PHE B 663 -25.59 13.51 9.34
C PHE B 663 -25.65 12.37 10.35
N ASP B 664 -24.66 11.48 10.33
CA ASP B 664 -24.65 10.29 11.19
C ASP B 664 -23.47 10.34 12.16
N ALA B 665 -23.78 10.50 13.45
CA ALA B 665 -22.77 10.71 14.49
C ALA B 665 -23.19 10.07 15.82
N PRO B 666 -22.90 8.79 15.98
CA PRO B 666 -23.26 8.06 17.16
C PRO B 666 -22.70 8.65 18.47
N THR B 667 -21.62 9.43 18.42
CA THR B 667 -21.13 10.07 19.66
C THR B 667 -21.70 11.45 19.90
N LEU B 668 -22.72 11.86 19.16
CA LEU B 668 -23.29 13.19 19.36
C LEU B 668 -24.58 13.04 20.14
N ASN B 669 -24.58 13.46 21.41
CA ASN B 669 -25.72 13.13 22.24
C ASN B 669 -26.61 14.29 22.51
N THR B 670 -26.25 15.49 22.12
CA THR B 670 -27.05 16.62 22.59
C THR B 670 -27.19 17.70 21.54
N LEU B 671 -28.41 18.10 21.25
CA LEU B 671 -28.68 19.13 20.24
C LEU B 671 -29.25 20.35 20.93
N PHE B 672 -28.54 21.47 20.87
CA PHE B 672 -29.07 22.71 21.43
C PHE B 672 -29.86 23.36 20.32
N VAL B 673 -31.04 23.88 20.64
CA VAL B 673 -31.91 24.43 19.60
C VAL B 673 -32.46 25.81 19.89
N ASP B 674 -31.97 26.80 19.13
CA ASP B 674 -32.66 28.06 19.00
C ASP B 674 -33.10 28.17 17.54
N LYS B 675 -34.33 27.79 17.26
CA LYS B 675 -34.82 27.70 15.89
C LYS B 675 -36.28 27.24 15.94
N ASN B 676 -37.00 27.50 14.87
CA ASN B 676 -38.37 27.07 14.79
C ASN B 676 -38.45 25.84 13.92
N LEU B 677 -38.68 24.69 14.55
CA LEU B 677 -38.75 23.41 13.84
C LEU B 677 -40.15 22.81 13.92
N ARG B 678 -40.69 22.37 12.78
CA ARG B 678 -42.03 21.81 12.70
C ARG B 678 -42.02 20.51 11.89
N TYR B 679 -42.77 19.52 12.36
CA TYR B 679 -43.02 18.27 11.60
C TYR B 679 -41.75 17.55 11.20
N HIS B 680 -41.62 17.26 9.92
CA HIS B 680 -40.59 16.37 9.44
C HIS B 680 -39.22 17.00 9.70
N GLY B 681 -39.12 18.31 9.53
CA GLY B 681 -37.90 19.04 9.95
C GLY B 681 -37.50 18.84 11.42
N LEU B 682 -38.49 18.87 12.31
CA LEU B 682 -38.31 18.71 13.76
C LEU B 682 -37.68 17.34 14.05
N MET B 683 -38.27 16.32 13.40
CA MET B 683 -37.91 14.94 13.65
C MET B 683 -36.51 14.68 13.14
N GLN B 684 -36.24 15.16 11.93
CA GLN B 684 -34.94 14.95 11.31
C GLN B 684 -33.83 15.69 12.11
N ALA B 685 -34.09 16.89 12.56
CA ALA B 685 -33.10 17.59 13.37
C ALA B 685 -32.81 16.87 14.68
N PHE B 686 -33.86 16.58 15.47
CA PHE B 686 -33.65 15.98 16.80
C PHE B 686 -32.97 14.60 16.62
N SER B 687 -33.22 13.94 15.49
CA SER B 687 -32.75 12.57 15.29
C SER B 687 -31.23 12.50 15.14
N ARG B 688 -30.54 13.64 15.09
CA ARG B 688 -29.07 13.66 15.08
C ARG B 688 -28.51 12.99 16.34
N THR B 689 -29.29 13.10 17.41
CA THR B 689 -28.86 12.53 18.69
C THR B 689 -29.41 11.14 18.94
N ASN B 690 -30.06 10.54 17.93
CA ASN B 690 -30.83 9.32 18.17
C ASN B 690 -30.08 8.05 18.04
N ARG B 691 -28.88 8.11 17.50
CA ARG B 691 -28.09 6.90 17.27
C ARG B 691 -27.74 6.19 18.60
N ILE B 692 -27.70 4.86 18.55
CA ILE B 692 -27.30 4.00 19.67
C ILE B 692 -25.78 3.90 19.75
N TYR B 693 -25.25 3.75 20.97
CA TYR B 693 -23.79 3.61 21.19
C TYR B 693 -23.41 2.58 22.26
N ASP B 694 -23.74 2.87 23.49
CA ASP B 694 -23.61 1.92 24.58
C ASP B 694 -24.46 2.41 25.75
N ALA B 695 -24.28 1.80 26.91
CA ALA B 695 -25.18 2.04 28.03
C ALA B 695 -25.03 3.46 28.57
N THR B 696 -23.97 4.16 28.15
CA THR B 696 -23.75 5.54 28.53
C THR B 696 -24.71 6.49 27.83
N LYS B 697 -25.03 6.22 26.56
CA LYS B 697 -25.88 7.10 25.77
C LYS B 697 -27.27 6.56 25.79
N THR B 698 -28.07 7.09 26.69
CA THR B 698 -29.37 6.51 27.00
C THR B 698 -30.49 7.11 26.14
N PHE B 699 -30.34 8.38 25.82
CA PHE B 699 -31.27 9.06 24.94
C PHE B 699 -30.57 10.29 24.37
N GLY B 700 -31.23 10.92 23.42
CA GLY B 700 -30.72 12.13 22.83
C GLY B 700 -31.23 13.29 23.62
N ASN B 701 -30.36 14.26 23.83
CA ASN B 701 -30.72 15.40 24.63
C ASN B 701 -31.09 16.52 23.71
N ILE B 702 -32.30 17.03 23.86
CA ILE B 702 -32.72 18.17 23.09
C ILE B 702 -33.01 19.30 24.02
N VAL B 703 -32.32 20.41 23.84
CA VAL B 703 -32.47 21.56 24.71
C VAL B 703 -32.82 22.75 23.86
N THR B 704 -33.95 23.38 24.14
CA THR B 704 -34.48 24.37 23.22
C THR B 704 -34.73 25.66 23.91
N PHE B 705 -34.30 26.73 23.27
CA PHE B 705 -34.43 28.08 23.79
C PHE B 705 -35.65 28.81 23.23
N ARG B 706 -36.41 28.13 22.39
CA ARG B 706 -37.77 28.53 22.03
C ARG B 706 -38.57 27.35 22.47
N ASP B 707 -39.84 27.54 22.76
CA ASP B 707 -40.66 26.47 23.30
C ASP B 707 -41.23 25.57 22.18
N LEU B 708 -40.69 24.37 22.07
CA LEU B 708 -41.03 23.46 20.98
C LEU B 708 -41.98 22.33 21.38
N GLU B 709 -42.46 22.40 22.62
CA GLU B 709 -43.28 21.35 23.19
C GLU B 709 -44.45 20.97 22.28
N ARG B 710 -45.26 21.95 21.89
CA ARG B 710 -46.40 21.67 21.01
C ARG B 710 -45.98 21.20 19.63
N SER B 711 -44.88 21.74 19.10
CA SER B 711 -44.38 21.33 17.80
C SER B 711 -43.82 19.95 17.87
N THR B 712 -43.15 19.63 18.98
CA THR B 712 -42.61 18.31 19.20
C THR B 712 -43.74 17.30 19.16
N ILE B 713 -44.74 17.49 20.01
CA ILE B 713 -45.88 16.55 20.09
C ILE B 713 -46.65 16.47 18.76
N ASP B 714 -46.82 17.60 18.08
CA ASP B 714 -47.44 17.61 16.77
C ASP B 714 -46.67 16.75 15.80
N ALA B 715 -45.35 16.94 15.77
CA ALA B 715 -44.51 16.21 14.84
C ALA B 715 -44.56 14.72 15.11
N ILE B 716 -44.39 14.35 16.37
CA ILE B 716 -44.39 12.94 16.74
C ILE B 716 -45.71 12.31 16.34
N THR B 717 -46.80 13.02 16.61
CA THR B 717 -48.15 12.55 16.34
C THR B 717 -48.43 12.43 14.85
N LEU B 718 -47.76 13.26 14.06
CA LEU B 718 -47.98 13.23 12.63
C LEU B 718 -47.58 11.85 12.08
N PHE B 719 -46.40 11.37 12.47
CA PHE B 719 -45.93 10.05 12.06
C PHE B 719 -46.08 9.17 13.28
N GLY B 720 -47.25 8.57 13.42
CA GLY B 720 -47.64 7.87 14.65
C GLY B 720 -49.09 8.16 15.01
N ASP B 721 -49.43 7.96 16.26
CA ASP B 721 -50.78 8.25 16.75
C ASP B 721 -50.66 9.10 18.02
N LYS B 722 -51.78 9.26 18.71
CA LYS B 722 -51.83 10.16 19.86
C LYS B 722 -51.03 9.61 21.03
N ASN B 723 -50.79 8.28 21.07
CA ASN B 723 -49.97 7.67 22.11
C ASN B 723 -48.47 7.73 21.87
N THR B 724 -48.05 7.84 20.61
CA THR B 724 -46.62 7.80 20.24
C THR B 724 -45.70 8.71 21.07
N LYS B 725 -46.16 9.91 21.39
CA LYS B 725 -45.37 10.82 22.22
C LYS B 725 -44.91 10.23 23.60
N ASN B 726 -45.69 9.30 24.13
CA ASN B 726 -45.41 8.70 25.44
C ASN B 726 -44.23 7.75 25.45
N VAL B 727 -44.03 7.05 24.32
CA VAL B 727 -42.83 6.21 24.17
C VAL B 727 -41.63 7.01 23.68
N VAL B 728 -41.86 8.05 22.88
CA VAL B 728 -40.77 8.75 22.24
C VAL B 728 -40.07 9.69 23.21
N LEU B 729 -40.85 10.43 23.98
CA LEU B 729 -40.26 11.43 24.87
C LEU B 729 -39.94 10.81 26.21
N GLU B 730 -38.73 11.08 26.69
CA GLU B 730 -38.28 10.58 27.99
C GLU B 730 -39.08 11.21 29.10
N LYS B 731 -39.12 10.53 30.25
CA LYS B 731 -39.97 10.96 31.38
C LYS B 731 -39.41 12.16 32.14
N SER B 732 -40.21 12.68 33.06
CA SER B 732 -39.78 13.76 34.01
C SER B 732 -38.69 13.39 35.00
N TYR B 733 -37.99 14.42 35.47
CA TYR B 733 -36.98 14.30 36.58
C TYR B 733 -37.60 13.66 37.81
N THR B 734 -38.71 14.23 38.26
CA THR B 734 -39.46 13.73 39.41
C THR B 734 -39.77 12.24 39.33
N GLU B 735 -40.20 11.76 38.16
CA GLU B 735 -40.47 10.34 37.93
C GLU B 735 -39.22 9.48 38.13
N TYR B 736 -38.09 9.89 37.56
CA TYR B 736 -36.85 9.12 37.67
C TYR B 736 -36.28 9.18 39.09
N MET B 737 -36.60 10.23 39.82
CA MET B 737 -36.16 10.34 41.19
C MET B 737 -37.03 9.52 42.12
N GLU B 738 -38.35 9.59 41.95
CA GLU B 738 -39.28 8.87 42.83
C GLU B 738 -39.90 7.56 42.26
N GLY B 739 -39.54 7.20 41.04
CA GLY B 739 -40.07 6.00 40.41
C GLY B 739 -41.32 6.19 39.56
N PHE B 740 -41.43 5.38 38.52
CA PHE B 740 -42.59 5.40 37.64
C PHE B 740 -42.79 4.02 37.04
N THR B 741 -43.87 3.85 36.28
CA THR B 741 -44.17 2.56 35.64
C THR B 741 -44.26 2.67 34.14
N ASP B 742 -43.33 2.04 33.44
CA ASP B 742 -43.32 2.10 31.98
C ASP B 742 -44.58 1.46 31.41
N ALA B 743 -45.33 2.22 30.61
CA ALA B 743 -46.60 1.74 30.04
C ALA B 743 -46.40 0.66 28.98
N ALA B 744 -45.40 0.82 28.12
CA ALA B 744 -45.12 -0.15 27.06
C ALA B 744 -44.66 -1.51 27.61
N THR B 745 -43.67 -1.51 28.51
CA THR B 745 -43.13 -2.75 29.10
C THR B 745 -44.04 -3.29 30.19
N GLY B 746 -44.70 -2.41 30.93
CA GLY B 746 -45.47 -2.80 32.10
C GLY B 746 -44.64 -2.83 33.37
N GLU B 747 -43.31 -2.91 33.23
CA GLU B 747 -42.38 -2.99 34.36
C GLU B 747 -42.32 -1.67 35.12
N ALA B 748 -42.11 -1.76 36.43
CA ALA B 748 -41.98 -0.57 37.27
C ALA B 748 -40.51 -0.31 37.48
N LYS B 749 -40.06 0.88 37.10
CA LYS B 749 -38.67 1.27 37.26
C LYS B 749 -38.57 2.07 38.54
N ARG B 750 -37.85 1.51 39.51
CA ARG B 750 -37.68 2.11 40.80
C ARG B 750 -36.90 3.39 40.66
N GLY B 751 -37.23 4.38 41.48
CA GLY B 751 -36.61 5.69 41.40
C GLY B 751 -35.28 5.77 42.10
N PHE B 752 -34.52 6.80 41.72
CA PHE B 752 -33.17 7.04 42.24
C PHE B 752 -33.13 7.14 43.77
N MET B 753 -34.11 7.82 44.37
CA MET B 753 -34.09 8.06 45.82
C MET B 753 -34.51 6.84 46.61
N THR B 754 -35.30 5.97 46.00
CA THR B 754 -35.62 4.70 46.62
C THR B 754 -34.38 3.81 46.63
N VAL B 755 -33.59 3.90 45.57
CA VAL B 755 -32.33 3.16 45.48
C VAL B 755 -31.32 3.71 46.50
N VAL B 756 -31.23 5.02 46.59
CA VAL B 756 -30.35 5.64 47.57
C VAL B 756 -30.74 5.20 48.99
N SER B 757 -32.04 5.28 49.26
CA SER B 757 -32.60 4.90 50.55
C SER B 757 -32.27 3.46 50.88
N GLU B 758 -32.48 2.57 49.92
CA GLU B 758 -32.19 1.16 50.15
C GLU B 758 -30.71 0.89 50.33
N LEU B 759 -29.86 1.69 49.70
CA LEU B 759 -28.43 1.55 49.88
C LEU B 759 -28.03 1.94 51.30
N GLU B 760 -28.54 3.07 51.79
CA GLU B 760 -28.23 3.50 53.16
C GLU B 760 -28.79 2.52 54.18
N GLN B 761 -29.94 1.92 53.88
CA GLN B 761 -30.61 1.00 54.80
C GLN B 761 -29.92 -0.35 54.85
N ARG B 762 -30.00 -1.08 53.75
CA ARG B 762 -29.48 -2.44 53.68
C ARG B 762 -27.95 -2.56 53.65
N PHE B 763 -27.24 -1.57 53.11
CA PHE B 763 -25.79 -1.70 52.92
C PHE B 763 -24.99 -0.46 53.35
N PRO B 764 -24.84 -0.23 54.67
CA PRO B 764 -23.89 0.79 55.13
C PRO B 764 -22.42 0.47 54.76
N ASP B 765 -21.98 -0.78 54.91
CA ASP B 765 -20.69 -1.29 54.33
C ASP B 765 -19.42 -0.63 54.88
N PRO B 766 -18.21 -1.21 54.62
CA PRO B 766 -17.81 -2.46 53.95
C PRO B 766 -18.02 -3.74 54.77
N THR B 767 -18.26 -3.59 56.07
CA THR B 767 -18.49 -4.73 56.95
C THR B 767 -19.67 -5.60 56.50
N SER B 768 -20.67 -4.97 55.88
CA SER B 768 -21.91 -5.65 55.49
C SER B 768 -21.80 -6.53 54.22
N ILE B 769 -20.68 -6.44 53.51
CA ILE B 769 -20.54 -7.13 52.24
C ILE B 769 -20.72 -8.63 52.46
N GLU B 770 -19.75 -9.27 53.12
CA GLU B 770 -19.91 -10.63 53.65
C GLU B 770 -20.50 -11.68 52.69
N SER B 771 -21.69 -12.18 53.01
CA SER B 771 -22.23 -13.41 52.39
C SER B 771 -22.61 -13.29 50.91
N GLU B 772 -22.80 -14.44 50.27
CA GLU B 772 -23.18 -14.54 48.85
C GLU B 772 -24.40 -13.67 48.55
N LYS B 773 -25.52 -13.96 49.23
CA LYS B 773 -26.79 -13.29 48.92
C LYS B 773 -26.67 -11.79 49.13
N GLU B 774 -25.99 -11.41 50.19
CA GLU B 774 -25.83 -9.99 50.53
C GLU B 774 -24.87 -9.27 49.56
N LYS B 775 -24.09 -10.03 48.81
CA LYS B 775 -23.27 -9.46 47.72
C LYS B 775 -24.11 -9.26 46.47
N LYS B 776 -24.69 -10.34 45.95
CA LYS B 776 -25.53 -10.31 44.75
C LYS B 776 -26.62 -9.25 44.82
N ASP B 777 -27.26 -9.10 45.98
CA ASP B 777 -28.31 -8.10 46.14
C ASP B 777 -27.77 -6.70 45.98
N PHE B 778 -26.52 -6.48 46.37
CA PHE B 778 -25.86 -5.18 46.22
C PHE B 778 -25.50 -4.87 44.78
N VAL B 779 -25.06 -5.89 44.04
CA VAL B 779 -24.72 -5.69 42.64
C VAL B 779 -25.95 -5.27 41.80
N LYS B 780 -27.09 -5.91 42.05
CA LYS B 780 -28.32 -5.53 41.36
C LYS B 780 -28.72 -4.09 41.72
N LEU B 781 -28.72 -3.81 43.02
CA LEU B 781 -29.11 -2.48 43.53
C LEU B 781 -28.19 -1.39 42.98
N PHE B 782 -26.89 -1.62 43.08
CA PHE B 782 -25.93 -0.61 42.67
C PHE B 782 -25.92 -0.45 41.17
N GLY B 783 -26.32 -1.51 40.47
CA GLY B 783 -26.55 -1.44 39.02
C GLY B 783 -27.64 -0.46 38.72
N GLU B 784 -28.79 -0.61 39.38
CA GLU B 784 -29.89 0.36 39.24
C GLU B 784 -29.40 1.76 39.57
N TYR B 785 -28.55 1.87 40.62
CA TYR B 785 -28.03 3.16 41.04
C TYR B 785 -27.26 3.81 39.88
N LEU B 786 -26.25 3.11 39.38
CA LEU B 786 -25.43 3.60 38.28
C LEU B 786 -26.26 3.97 37.03
N ARG B 787 -27.24 3.13 36.66
CA ARG B 787 -28.10 3.41 35.49
C ARG B 787 -28.90 4.68 35.73
N ALA B 788 -29.45 4.80 36.93
CA ALA B 788 -30.34 5.91 37.24
C ALA B 788 -29.55 7.21 37.30
N GLU B 789 -28.39 7.17 37.94
CA GLU B 789 -27.58 8.37 38.10
C GLU B 789 -27.10 8.84 36.75
N ASN B 790 -26.62 7.90 35.95
CA ASN B 790 -26.24 8.18 34.58
C ASN B 790 -27.38 8.82 33.75
N ILE B 791 -28.59 8.34 33.96
CA ILE B 791 -29.75 8.93 33.28
C ILE B 791 -30.01 10.33 33.80
N LEU B 792 -29.84 10.49 35.12
CA LEU B 792 -30.17 11.76 35.77
C LEU B 792 -29.15 12.86 35.51
N GLN B 793 -27.96 12.48 35.05
CA GLN B 793 -26.95 13.43 34.64
C GLN B 793 -27.53 14.47 33.70
N ASN B 794 -28.48 14.05 32.89
CA ASN B 794 -28.97 14.87 31.79
C ASN B 794 -30.07 15.84 32.20
N TYR B 795 -30.49 15.75 33.46
CA TYR B 795 -31.56 16.58 34.02
C TYR B 795 -30.95 17.78 34.75
N ASP B 796 -31.39 18.95 34.30
CA ASP B 796 -30.95 20.20 34.87
C ASP B 796 -31.15 20.27 36.39
N GLU B 797 -32.28 19.75 36.89
CA GLU B 797 -32.60 19.71 38.33
C GLU B 797 -31.57 18.93 39.08
N PHE B 798 -31.22 17.77 38.55
CA PHE B 798 -30.29 16.85 39.19
C PHE B 798 -28.91 17.46 39.16
N ALA B 799 -28.60 18.13 38.05
CA ALA B 799 -27.28 18.75 37.91
C ALA B 799 -27.17 19.80 38.98
N THR B 800 -28.20 20.64 39.10
CA THR B 800 -28.25 21.66 40.13
C THR B 800 -28.12 21.07 41.53
N LEU B 801 -28.79 19.93 41.76
CA LEU B 801 -28.74 19.28 43.06
C LEU B 801 -27.35 18.82 43.38
N LYS B 802 -26.68 18.23 42.38
CA LYS B 802 -25.34 17.69 42.58
C LYS B 802 -24.35 18.83 42.82
N ALA B 803 -24.52 19.92 42.09
CA ALA B 803 -23.68 21.11 42.25
C ALA B 803 -23.82 21.75 43.64
N LEU B 804 -24.95 21.51 44.29
CA LEU B 804 -25.23 22.10 45.58
C LEU B 804 -24.41 21.42 46.67
N GLN B 805 -23.75 20.33 46.31
CA GLN B 805 -23.06 19.49 47.28
C GLN B 805 -21.66 19.95 47.66
N GLN B 806 -21.21 21.11 47.16
CA GLN B 806 -19.94 21.73 47.59
C GLN B 806 -20.22 23.02 48.40
N ILE B 807 -20.39 24.12 47.68
CA ILE B 807 -21.00 25.36 48.18
C ILE B 807 -20.58 25.91 49.58
N ASP B 808 -21.41 25.72 50.61
CA ASP B 808 -21.69 26.75 51.64
C ASP B 808 -20.60 27.14 52.67
N LEU B 809 -21.04 27.58 53.85
CA LEU B 809 -20.28 28.39 54.81
C LEU B 809 -18.75 28.18 54.91
N SER B 810 -18.01 29.27 55.10
CA SER B 810 -18.58 30.62 55.34
C SER B 810 -19.09 31.35 54.07
N ASP B 811 -18.16 31.83 53.25
CA ASP B 811 -18.43 32.77 52.13
C ASP B 811 -19.67 32.49 51.28
N PRO B 812 -20.74 33.31 51.43
CA PRO B 812 -21.83 33.23 50.48
C PRO B 812 -21.58 34.09 49.23
N VAL B 813 -20.36 34.03 48.70
CA VAL B 813 -20.07 34.52 47.35
C VAL B 813 -20.45 33.41 46.36
N ALA B 814 -20.11 32.15 46.71
CA ALA B 814 -20.46 30.99 45.91
C ALA B 814 -21.93 30.63 46.07
N VAL B 815 -22.47 30.87 47.26
CA VAL B 815 -23.88 30.64 47.55
C VAL B 815 -24.74 31.47 46.59
N GLU B 816 -24.36 32.74 46.39
CA GLU B 816 -25.03 33.62 45.42
C GLU B 816 -24.66 33.29 43.96
N LYS B 817 -23.44 32.79 43.74
CA LYS B 817 -23.00 32.36 42.41
C LYS B 817 -23.77 31.12 41.98
N PHE B 818 -24.01 30.22 42.94
CA PHE B 818 -24.76 29.00 42.71
C PHE B 818 -26.21 29.29 42.27
N LYS B 819 -26.81 30.30 42.91
CA LYS B 819 -28.17 30.70 42.58
C LYS B 819 -28.30 31.26 41.16
N ALA B 820 -27.41 32.16 40.77
CA ALA B 820 -27.51 32.82 39.47
C ALA B 820 -27.16 31.90 38.30
N GLU B 821 -26.25 30.95 38.54
CA GLU B 821 -25.83 30.02 37.49
C GLU B 821 -26.84 28.91 37.22
N HIS B 822 -27.46 28.41 38.29
CA HIS B 822 -28.49 27.38 38.17
C HIS B 822 -29.90 27.99 38.17
N TYR B 823 -29.98 29.33 38.20
CA TYR B 823 -31.23 30.08 38.03
C TYR B 823 -32.25 29.74 39.11
N VAL B 824 -31.74 29.62 40.34
CA VAL B 824 -32.52 29.18 41.49
C VAL B 824 -32.66 30.32 42.51
N ASP B 825 -33.88 30.52 43.02
CA ASP B 825 -34.14 31.57 44.03
C ASP B 825 -33.97 31.02 45.46
N ASP B 826 -34.29 31.82 46.47
CA ASP B 826 -34.12 31.40 47.87
C ASP B 826 -35.12 30.34 48.29
N GLU B 827 -36.28 30.34 47.64
CA GLU B 827 -37.34 29.37 47.91
C GLU B 827 -36.92 27.95 47.53
N LYS B 828 -36.40 27.80 46.31
CA LYS B 828 -35.89 26.52 45.79
C LYS B 828 -34.65 26.09 46.57
N PHE B 829 -33.83 27.09 46.91
CA PHE B 829 -32.60 26.92 47.67
C PHE B 829 -32.86 26.37 49.07
N ALA B 830 -34.02 26.71 49.63
CA ALA B 830 -34.38 26.33 51.00
C ALA B 830 -34.45 24.81 51.19
N GLU B 831 -35.28 24.18 50.35
CA GLU B 831 -35.59 22.76 50.50
C GLU B 831 -34.47 21.86 50.02
N LEU B 832 -33.67 22.33 49.06
CA LEU B 832 -32.58 21.54 48.50
C LEU B 832 -31.56 21.07 49.55
N GLN B 833 -31.35 21.88 50.60
CA GLN B 833 -30.51 21.51 51.76
C GLN B 833 -30.98 20.22 52.40
N THR B 834 -32.31 20.05 52.43
CA THR B 834 -32.93 18.96 53.17
C THR B 834 -32.76 17.63 52.46
N ILE B 835 -32.63 17.65 51.14
CA ILE B 835 -32.45 16.42 50.35
C ILE B 835 -31.12 15.81 50.73
N ARG B 836 -31.13 14.55 51.16
CA ARG B 836 -29.92 13.94 51.68
C ARG B 836 -29.39 12.88 50.72
N LEU B 837 -28.29 13.21 50.05
CA LEU B 837 -27.60 12.29 49.15
C LEU B 837 -26.50 11.56 49.90
N PRO B 838 -25.99 10.45 49.34
CA PRO B 838 -24.88 9.78 50.02
C PRO B 838 -23.59 10.57 49.94
N ALA B 839 -22.71 10.37 50.92
CA ALA B 839 -21.44 11.06 50.95
C ALA B 839 -20.62 10.66 49.72
N ASP B 840 -19.84 11.61 49.21
CA ASP B 840 -18.95 11.38 48.07
C ASP B 840 -18.00 10.21 48.27
N ARG B 841 -17.52 10.02 49.50
CA ARG B 841 -16.59 8.94 49.85
C ARG B 841 -17.31 7.60 49.80
N LYS B 842 -18.59 7.63 50.21
CA LYS B 842 -19.40 6.44 50.30
C LYS B 842 -19.69 5.85 48.93
N ILE B 843 -19.81 6.72 47.92
CA ILE B 843 -20.03 6.27 46.54
C ILE B 843 -18.78 5.58 46.03
N GLN B 844 -17.62 6.04 46.48
CA GLN B 844 -16.34 5.43 46.12
C GLN B 844 -16.12 4.10 46.88
N ASP B 845 -16.63 4.02 48.11
CA ASP B 845 -16.65 2.75 48.85
C ASP B 845 -17.48 1.78 48.05
N TYR B 846 -18.69 2.21 47.71
CA TYR B 846 -19.61 1.43 46.89
C TYR B 846 -19.00 1.01 45.55
N ARG B 847 -18.30 1.93 44.89
CA ARG B 847 -17.71 1.64 43.59
C ARG B 847 -16.58 0.58 43.66
N SER B 848 -15.69 0.74 44.65
CA SER B 848 -14.58 -0.20 44.85
C SER B 848 -15.07 -1.56 45.29
N ALA B 849 -16.16 -1.58 46.07
CA ALA B 849 -16.79 -2.83 46.47
C ALA B 849 -17.44 -3.51 45.26
N TYR B 850 -18.11 -2.73 44.43
CA TYR B 850 -18.71 -3.24 43.19
C TYR B 850 -17.64 -3.88 42.32
N ASN B 851 -16.49 -3.21 42.21
CA ASN B 851 -15.36 -3.78 41.48
C ASN B 851 -14.76 -5.02 42.16
N ASP B 852 -14.59 -4.97 43.48
CA ASP B 852 -14.03 -6.12 44.22
C ASP B 852 -14.89 -7.35 44.12
N ILE B 853 -16.17 -7.18 43.77
CA ILE B 853 -17.05 -8.32 43.55
C ILE B 853 -16.88 -8.85 42.14
N ARG B 854 -17.07 -8.00 41.14
CA ARG B 854 -16.93 -8.43 39.74
C ARG B 854 -15.57 -9.07 39.46
N ASP B 855 -14.51 -8.54 40.05
CA ASP B 855 -13.18 -9.12 39.91
C ASP B 855 -13.13 -10.52 40.52
N TRP B 856 -13.76 -10.68 41.68
CA TRP B 856 -13.91 -11.98 42.33
C TRP B 856 -14.76 -12.92 41.47
N GLN B 857 -15.76 -12.37 40.80
CA GLN B 857 -16.60 -13.15 39.91
C GLN B 857 -15.84 -13.71 38.71
N ARG B 858 -14.87 -12.96 38.19
CA ARG B 858 -14.11 -13.37 37.00
C ARG B 858 -13.28 -14.66 37.20
N ARG B 859 -13.02 -15.05 38.45
CA ARG B 859 -12.29 -16.30 38.72
C ARG B 859 -13.20 -17.52 38.94
N TRP B 873 -25.83 -16.40 40.65
CA TRP B 873 -25.03 -15.36 40.00
C TRP B 873 -25.25 -15.23 38.50
N ASP B 874 -25.90 -16.23 37.91
CA ASP B 874 -26.34 -16.19 36.51
C ASP B 874 -27.27 -15.01 36.20
N ASP B 875 -27.92 -14.48 37.24
CA ASP B 875 -29.00 -13.51 37.10
C ASP B 875 -28.48 -12.09 36.81
N VAL B 876 -27.22 -11.80 37.15
CA VAL B 876 -26.76 -10.42 37.30
C VAL B 876 -26.06 -9.84 36.06
N VAL B 877 -26.23 -8.54 35.85
CA VAL B 877 -25.48 -7.79 34.84
C VAL B 877 -24.71 -6.64 35.47
N PHE B 878 -23.38 -6.72 35.45
CA PHE B 878 -22.55 -5.60 35.88
C PHE B 878 -22.58 -4.57 34.78
N GLU B 879 -22.71 -3.30 35.14
CA GLU B 879 -22.66 -2.20 34.17
C GLU B 879 -21.21 -1.80 34.03
N VAL B 880 -20.54 -2.35 33.03
CA VAL B 880 -19.12 -2.13 32.82
C VAL B 880 -18.87 -0.73 32.27
N ASP B 881 -19.67 -0.33 31.28
CA ASP B 881 -19.51 0.96 30.65
C ASP B 881 -19.86 2.10 31.59
N LEU B 882 -20.94 1.94 32.34
CA LEU B 882 -21.32 2.97 33.31
C LEU B 882 -20.28 3.07 34.41
N LEU B 883 -19.73 1.93 34.82
CA LEU B 883 -18.70 1.89 35.85
C LEU B 883 -17.49 2.70 35.38
N LYS B 884 -16.96 2.28 34.24
CA LYS B 884 -15.82 2.90 33.58
C LYS B 884 -16.10 4.40 33.27
N SER B 885 -15.35 5.29 33.93
CA SER B 885 -15.52 6.73 33.80
C SER B 885 -14.52 7.47 34.72
MG MG C . 22.03 -11.55 -19.29
PG ATP D . 25.74 -11.34 -19.09
O1G ATP D . 26.58 -11.23 -20.32
O2G ATP D . 24.35 -11.94 -19.13
O3G ATP D . 26.60 -11.83 -17.97
PB ATP D . 24.45 -8.88 -19.51
O1B ATP D . 23.10 -9.58 -19.57
O2B ATP D . 25.22 -8.43 -20.74
O3B ATP D . 25.44 -9.81 -18.69
PA ATP D . 23.14 -7.25 -17.58
O1A ATP D . 21.89 -6.65 -18.11
O2A ATP D . 23.06 -8.45 -16.69
O3A ATP D . 24.32 -7.53 -18.65
O5' ATP D . 23.80 -5.94 -16.93
C5' ATP D . 24.90 -6.09 -15.99
C4' ATP D . 24.80 -5.00 -14.98
O4' ATP D . 25.11 -3.72 -15.53
C3' ATP D . 23.40 -4.95 -14.44
O3' ATP D . 23.40 -4.98 -13.02
C2' ATP D . 22.87 -3.65 -14.94
O2' ATP D . 21.96 -3.07 -14.05
C1' ATP D . 24.08 -2.81 -15.15
N9 ATP D . 23.78 -1.88 -16.26
C8 ATP D . 23.58 -2.22 -17.56
N7 ATP D . 23.31 -1.12 -18.31
C5 ATP D . 23.32 -0.07 -17.50
C6 ATP D . 23.12 1.37 -17.65
N6 ATP D . 22.86 1.90 -18.86
N1 ATP D . 23.26 2.13 -16.54
C2 ATP D . 23.52 1.61 -15.33
N3 ATP D . 23.71 0.31 -15.13
C4 ATP D . 23.63 -0.56 -16.15
MG MG E . -29.61 8.91 5.61
PG ATP F . -31.44 9.38 8.94
O1G ATP F . -32.87 8.95 8.80
O2G ATP F . -30.74 9.87 7.70
O3G ATP F . -31.19 10.21 10.18
PB ATP F . -30.75 6.73 8.33
O1B ATP F . -30.21 7.02 6.93
O2B ATP F . -32.12 6.13 8.54
O3B ATP F . -30.63 8.03 9.24
PA ATP F . -28.20 5.51 8.63
O1A ATP F . -28.11 4.57 7.48
O2A ATP F . -27.48 6.83 8.62
O3A ATP F . -29.74 5.75 9.08
O5' ATP F . -27.77 4.56 9.86
C5' ATP F . -27.62 5.13 11.17
C4' ATP F . -26.53 4.38 11.87
O4' ATP F . -26.96 3.06 12.20
C3' ATP F . -25.32 4.26 10.98
O3' ATP F . -24.18 4.71 11.67
C2' ATP F . -25.25 2.80 10.70
O2' ATP F . -23.93 2.36 10.57
C1' ATP F . -25.96 2.12 11.83
N9 ATP F . -26.56 0.89 11.31
C8 ATP F . -27.57 0.83 10.40
N7 ATP F . -27.86 -0.47 10.13
C5 ATP F . -27.04 -1.23 10.85
C6 ATP F . -26.82 -2.66 11.01
N6 ATP F . -27.58 -3.54 10.34
N1 ATP F . -25.85 -3.05 11.89
C2 ATP F . -25.10 -2.17 12.55
N3 ATP F . -25.24 -0.85 12.44
C4 ATP F . -26.17 -0.33 11.63
#